data_2K5R
#
_entry.id   2K5R
#
_entity_poly.entity_id   1
_entity_poly.type   'polypeptide(L)'
_entity_poly.pdbx_seq_one_letter_code
;MDRKLLHLLCSPDTRQPLSLLESKGLEALNKAIVSGTVQRADGSIQNQSLHEALITRDRKQVFRIEDSIPVLLPEEAIAT
IQIANFPDKLEHHHHHH
;
_entity_poly.pdbx_strand_id   A
#
# COMPACT_ATOMS: atom_id res chain seq x y z
N MET A 1 -20.09 -17.41 14.46
CA MET A 1 -19.24 -16.31 14.96
C MET A 1 -18.59 -16.66 16.31
N ASP A 2 -17.27 -16.94 16.28
CA ASP A 2 -16.55 -17.37 17.50
C ASP A 2 -15.25 -16.56 17.68
N ARG A 3 -15.23 -15.31 17.22
CA ARG A 3 -14.02 -14.48 17.24
C ARG A 3 -13.29 -14.51 18.60
N LYS A 4 -14.05 -14.54 19.70
CA LYS A 4 -13.46 -14.48 21.04
C LYS A 4 -12.93 -15.86 21.48
N LEU A 5 -13.45 -16.92 20.87
CA LEU A 5 -12.97 -18.29 21.12
C LEU A 5 -11.78 -18.61 20.21
N LEU A 6 -11.73 -17.95 19.05
CA LEU A 6 -10.61 -18.11 18.12
C LEU A 6 -9.34 -17.46 18.69
N HIS A 7 -8.63 -18.21 19.53
CA HIS A 7 -7.44 -17.69 20.21
C HIS A 7 -6.22 -17.66 19.28
N LEU A 8 -6.37 -18.23 18.08
CA LEU A 8 -5.31 -18.20 17.07
C LEU A 8 -5.88 -18.04 15.65
N LEU A 9 -6.02 -16.78 15.22
CA LEU A 9 -6.55 -16.48 13.88
C LEU A 9 -5.48 -15.76 13.04
N CYS A 10 -5.19 -16.28 11.85
CA CYS A 10 -4.21 -15.67 10.95
C CYS A 10 -4.60 -15.87 9.48
N SER A 11 -4.37 -14.86 8.65
CA SER A 11 -4.72 -14.92 7.21
C SER A 11 -3.48 -14.70 6.34
N PRO A 12 -3.43 -15.36 5.16
CA PRO A 12 -2.32 -15.17 4.19
C PRO A 12 -2.31 -13.78 3.52
N ASP A 13 -2.10 -12.73 4.32
CA ASP A 13 -2.06 -11.35 3.80
C ASP A 13 -0.91 -11.15 2.78
N THR A 14 0.13 -11.98 2.87
CA THR A 14 1.25 -11.91 1.94
C THR A 14 1.02 -12.76 0.68
N ARG A 15 -0.11 -13.48 0.64
CA ARG A 15 -0.45 -14.32 -0.52
C ARG A 15 -1.90 -14.11 -0.99
N GLN A 16 -2.51 -12.99 -0.60
CA GLN A 16 -3.84 -12.59 -1.11
C GLN A 16 -3.73 -11.97 -2.51
N PRO A 17 -4.81 -12.01 -3.32
CA PRO A 17 -4.80 -11.50 -4.72
C PRO A 17 -4.36 -10.03 -4.84
N LEU A 18 -3.14 -9.81 -5.35
CA LEU A 18 -2.63 -8.45 -5.59
C LEU A 18 -3.41 -7.76 -6.73
N SER A 19 -3.65 -6.46 -6.57
CA SER A 19 -4.37 -5.66 -7.58
C SER A 19 -3.56 -4.41 -7.98
N LEU A 20 -4.07 -3.64 -8.94
CA LEU A 20 -3.41 -2.41 -9.37
C LEU A 20 -3.89 -1.21 -8.53
N LEU A 21 -2.95 -0.39 -8.06
CA LEU A 21 -3.27 0.75 -7.19
C LEU A 21 -4.11 1.82 -7.91
N GLU A 22 -5.20 2.23 -7.26
CA GLU A 22 -6.07 3.31 -7.77
C GLU A 22 -5.30 4.64 -7.94
N SER A 23 -5.78 5.51 -8.81
CA SER A 23 -5.09 6.79 -9.10
C SER A 23 -5.06 7.72 -7.87
N LYS A 24 -6.21 7.85 -7.21
CA LYS A 24 -6.31 8.69 -5.99
C LYS A 24 -5.38 8.18 -4.89
N GLY A 25 -5.18 6.86 -4.86
CA GLY A 25 -4.20 6.27 -3.96
C GLY A 25 -2.77 6.49 -4.44
N LEU A 26 -2.55 6.29 -5.74
CA LEU A 26 -1.23 6.45 -6.37
C LEU A 26 -0.63 7.82 -6.07
N GLU A 27 -1.42 8.87 -6.28
CA GLU A 27 -0.97 10.23 -5.98
C GLU A 27 -0.69 10.40 -4.48
N ALA A 28 -1.42 9.66 -3.64
CA ALA A 28 -1.24 9.72 -2.19
C ALA A 28 0.13 9.18 -1.78
N LEU A 29 0.57 8.10 -2.43
CA LEU A 29 1.91 7.55 -2.22
C LEU A 29 2.99 8.57 -2.62
N ASN A 30 2.90 9.06 -3.85
CA ASN A 30 3.86 10.05 -4.36
C ASN A 30 3.87 11.33 -3.51
N LYS A 31 2.69 11.80 -3.12
CA LYS A 31 2.56 12.94 -2.20
C LYS A 31 3.31 12.68 -0.89
N ALA A 32 3.14 11.48 -0.34
CA ALA A 32 3.80 11.09 0.90
C ALA A 32 5.32 10.92 0.71
N ILE A 33 5.73 10.54 -0.50
CA ILE A 33 7.15 10.44 -0.86
C ILE A 33 7.83 11.82 -0.82
N VAL A 34 7.25 12.78 -1.55
CA VAL A 34 7.75 14.15 -1.55
C VAL A 34 7.65 14.77 -0.14
N SER A 35 6.62 14.37 0.59
CA SER A 35 6.45 14.78 2.00
C SER A 35 7.55 14.16 2.89
N GLY A 36 8.04 12.98 2.50
CA GLY A 36 9.09 12.32 3.26
C GLY A 36 8.59 11.48 4.43
N THR A 37 7.44 10.81 4.25
CA THR A 37 6.87 9.96 5.31
C THR A 37 6.73 8.50 4.86
N VAL A 38 7.09 8.21 3.61
CA VAL A 38 7.06 6.84 3.09
C VAL A 38 8.30 6.05 3.54
N GLN A 39 8.16 5.24 4.57
CA GLN A 39 9.26 4.37 5.01
C GLN A 39 9.01 2.92 4.59
N ARG A 40 10.00 2.34 3.91
CA ARG A 40 9.91 0.95 3.43
C ARG A 40 10.05 -0.04 4.60
N ALA A 41 10.05 -1.34 4.28
CA ALA A 41 10.17 -2.40 5.29
C ALA A 41 11.37 -2.20 6.23
N ASP A 42 12.48 -1.72 5.69
CA ASP A 42 13.70 -1.43 6.48
C ASP A 42 13.46 -0.28 7.48
N GLY A 43 12.51 0.59 7.17
CA GLY A 43 12.27 1.79 7.98
C GLY A 43 12.85 3.04 7.35
N SER A 44 13.59 2.88 6.26
CA SER A 44 14.20 4.01 5.54
C SER A 44 13.19 4.64 4.56
N ILE A 45 13.33 5.94 4.34
CA ILE A 45 12.37 6.70 3.52
C ILE A 45 12.61 6.47 2.01
N GLN A 46 11.51 6.45 1.24
CA GLN A 46 11.57 6.33 -0.22
C GLN A 46 11.54 7.71 -0.89
N ASN A 47 12.42 7.92 -1.88
CA ASN A 47 12.49 9.22 -2.58
C ASN A 47 12.03 9.10 -4.04
N GLN A 48 12.17 7.93 -4.62
CA GLN A 48 11.77 7.72 -6.03
C GLN A 48 10.26 7.50 -6.17
N SER A 49 9.57 8.49 -6.72
CA SER A 49 8.13 8.40 -6.97
C SER A 49 7.84 7.43 -8.12
N LEU A 50 6.71 6.73 -8.06
CA LEU A 50 6.39 5.70 -9.06
C LEU A 50 5.09 6.01 -9.82
N HIS A 51 4.95 5.40 -10.99
CA HIS A 51 3.76 5.60 -11.84
C HIS A 51 2.84 4.36 -11.79
N GLU A 52 3.42 3.18 -11.57
CA GLU A 52 2.65 1.95 -11.37
C GLU A 52 2.94 1.34 -9.99
N ALA A 53 1.92 0.79 -9.36
CA ALA A 53 2.07 0.15 -8.04
C ALA A 53 0.97 -0.90 -7.80
N LEU A 54 1.30 -1.91 -6.99
CA LEU A 54 0.35 -2.97 -6.65
C LEU A 54 -0.24 -2.76 -5.25
N ILE A 55 -1.48 -3.16 -5.05
CA ILE A 55 -2.16 -2.95 -3.76
C ILE A 55 -2.79 -4.25 -3.23
N THR A 56 -2.66 -4.48 -1.93
CA THR A 56 -3.29 -5.62 -1.25
C THR A 56 -4.83 -5.50 -1.23
N ARG A 57 -5.53 -6.63 -1.15
CA ARG A 57 -7.00 -6.62 -1.08
C ARG A 57 -7.51 -5.84 0.17
N ASP A 58 -6.76 -5.95 1.26
CA ASP A 58 -7.09 -5.21 2.49
C ASP A 58 -6.70 -3.73 2.39
N ARG A 59 -5.98 -3.37 1.32
CA ARG A 59 -5.49 -2.00 1.12
C ARG A 59 -4.48 -1.60 2.21
N LYS A 60 -3.85 -2.59 2.83
CA LYS A 60 -2.90 -2.33 3.93
C LYS A 60 -1.48 -2.03 3.42
N GLN A 61 -1.02 -2.77 2.39
CA GLN A 61 0.34 -2.59 1.86
C GLN A 61 0.35 -2.38 0.34
N VAL A 62 1.40 -1.71 -0.14
CA VAL A 62 1.60 -1.41 -1.56
C VAL A 62 2.95 -1.96 -2.05
N PHE A 63 3.00 -2.44 -3.29
CA PHE A 63 4.25 -2.92 -3.88
C PHE A 63 4.67 -2.05 -5.08
N ARG A 64 5.97 -2.00 -5.37
CA ARG A 64 6.52 -1.14 -6.41
C ARG A 64 6.58 -1.85 -7.78
N ILE A 65 6.25 -1.12 -8.85
CA ILE A 65 6.48 -1.61 -10.21
C ILE A 65 7.51 -0.73 -10.92
N GLU A 66 8.58 -1.34 -11.43
CA GLU A 66 9.66 -0.57 -12.06
C GLU A 66 10.07 -1.18 -13.41
N ASP A 67 10.22 -0.30 -14.42
CA ASP A 67 10.57 -0.69 -15.80
C ASP A 67 9.38 -1.38 -16.52
N SER A 68 8.80 -2.36 -15.83
CA SER A 68 7.78 -3.26 -16.40
C SER A 68 7.59 -4.46 -15.47
N ILE A 69 8.59 -4.70 -14.62
CA ILE A 69 8.57 -5.80 -13.66
C ILE A 69 7.94 -5.37 -12.33
N PRO A 70 6.86 -6.06 -11.89
CA PRO A 70 6.27 -5.83 -10.56
C PRO A 70 7.24 -6.24 -9.44
N VAL A 71 7.87 -5.26 -8.81
CA VAL A 71 8.87 -5.51 -7.76
C VAL A 71 8.20 -5.97 -6.45
N LEU A 72 8.14 -7.29 -6.26
CA LEU A 72 7.47 -7.89 -5.10
C LEU A 72 8.41 -8.04 -3.89
N LEU A 73 9.52 -7.32 -3.92
CA LEU A 73 10.50 -7.36 -2.81
C LEU A 73 9.91 -6.74 -1.52
N PRO A 74 10.06 -7.43 -0.37
CA PRO A 74 9.55 -6.92 0.92
C PRO A 74 10.06 -5.51 1.25
N GLU A 75 11.34 -5.28 0.97
CA GLU A 75 11.97 -3.97 1.21
C GLU A 75 11.39 -2.87 0.29
N GLU A 76 10.69 -3.28 -0.75
CA GLU A 76 10.05 -2.34 -1.71
C GLU A 76 8.54 -2.22 -1.44
N ALA A 77 8.09 -2.79 -0.33
CA ALA A 77 6.67 -2.74 0.06
C ALA A 77 6.39 -1.58 1.03
N ILE A 78 5.43 -0.73 0.66
CA ILE A 78 5.05 0.44 1.48
C ILE A 78 3.81 0.14 2.34
N ALA A 79 3.80 0.64 3.57
CA ALA A 79 2.65 0.47 4.47
C ALA A 79 1.70 1.68 4.40
N THR A 80 0.46 1.46 3.96
CA THR A 80 -0.51 2.56 3.78
C THR A 80 -0.85 3.25 5.10
N ILE A 81 -0.71 2.52 6.21
CA ILE A 81 -0.95 3.07 7.55
C ILE A 81 0.00 4.24 7.86
N GLN A 82 1.11 4.32 7.13
CA GLN A 82 2.07 5.42 7.27
C GLN A 82 1.77 6.58 6.30
N ILE A 83 0.97 6.28 5.27
CA ILE A 83 0.64 7.26 4.24
C ILE A 83 -0.45 8.23 4.71
N ALA A 84 -0.03 9.37 5.24
CA ALA A 84 -0.96 10.38 5.79
C ALA A 84 -1.91 10.97 4.73
N ASN A 85 -1.73 10.59 3.47
CA ASN A 85 -2.58 11.09 2.37
C ASN A 85 -3.53 10.01 1.83
N PHE A 86 -3.34 8.77 2.25
CA PHE A 86 -4.12 7.63 1.74
C PHE A 86 -5.64 7.81 1.99
N PRO A 87 -6.47 7.78 0.93
CA PRO A 87 -7.93 7.94 1.04
C PRO A 87 -8.66 6.64 1.45
N ASP A 88 -9.52 6.73 2.46
CA ASP A 88 -10.26 5.57 2.97
C ASP A 88 -11.20 4.97 1.91
N LYS A 89 -11.43 3.65 1.98
CA LYS A 89 -12.22 2.94 0.97
C LYS A 89 -13.63 2.58 1.44
N LEU A 90 -13.90 2.76 2.73
CA LEU A 90 -15.23 2.49 3.32
C LEU A 90 -15.71 1.05 3.08
N GLU A 91 -14.79 0.13 2.80
CA GLU A 91 -15.15 -1.28 2.55
C GLU A 91 -14.71 -2.19 3.68
N HIS A 92 -15.53 -3.19 4.02
CA HIS A 92 -15.17 -4.20 5.01
C HIS A 92 -14.34 -5.32 4.37
N HIS A 93 -13.02 -5.13 4.36
CA HIS A 93 -12.11 -6.04 3.66
C HIS A 93 -12.07 -7.43 4.33
N HIS A 94 -12.65 -8.42 3.64
CA HIS A 94 -12.65 -9.81 4.14
C HIS A 94 -12.09 -10.77 3.07
N HIS A 95 -11.05 -11.51 3.42
CA HIS A 95 -10.47 -12.51 2.53
C HIS A 95 -10.15 -13.80 3.29
N HIS A 96 -10.88 -14.88 2.98
CA HIS A 96 -10.59 -16.21 3.56
C HIS A 96 -9.26 -16.76 3.02
N HIS A 97 -8.65 -16.02 2.11
CA HIS A 97 -7.30 -16.31 1.61
C HIS A 97 -6.50 -15.00 1.44
N MET A 1 -21.68 4.25 5.94
CA MET A 1 -21.83 4.66 7.36
C MET A 1 -20.62 4.17 8.19
N ASP A 2 -20.68 4.33 9.51
CA ASP A 2 -19.62 3.89 10.43
C ASP A 2 -19.06 2.49 10.09
N ARG A 3 -17.73 2.40 10.03
CA ARG A 3 -17.05 1.11 9.85
C ARG A 3 -17.35 0.15 11.01
N LYS A 4 -17.82 0.72 12.13
CA LYS A 4 -18.24 -0.07 13.29
C LYS A 4 -19.61 -0.73 13.06
N LEU A 5 -20.52 0.04 12.46
CA LEU A 5 -21.92 -0.40 12.28
C LEU A 5 -22.10 -1.26 11.01
N LEU A 6 -21.00 -1.60 10.34
CA LEU A 6 -21.05 -2.50 9.18
C LEU A 6 -21.49 -3.91 9.60
N HIS A 7 -22.76 -4.24 9.34
CA HIS A 7 -23.31 -5.55 9.69
C HIS A 7 -22.86 -6.62 8.68
N LEU A 8 -22.42 -6.17 7.50
CA LEU A 8 -21.91 -7.09 6.47
C LEU A 8 -20.45 -7.44 6.73
N LEU A 9 -20.22 -8.62 7.31
CA LEU A 9 -18.87 -9.10 7.61
C LEU A 9 -18.15 -9.53 6.31
N CYS A 10 -16.95 -8.98 6.10
CA CYS A 10 -16.19 -9.26 4.87
C CYS A 10 -15.51 -10.63 4.97
N SER A 11 -15.63 -11.42 3.91
CA SER A 11 -15.16 -12.81 3.91
C SER A 11 -13.65 -12.93 3.60
N PRO A 12 -12.88 -13.53 4.52
CA PRO A 12 -11.42 -13.74 4.32
C PRO A 12 -11.09 -14.50 3.03
N ASP A 13 -11.98 -15.42 2.64
CA ASP A 13 -11.77 -16.23 1.43
C ASP A 13 -11.76 -15.37 0.14
N THR A 14 -12.15 -14.10 0.24
CA THR A 14 -12.06 -13.18 -0.90
C THR A 14 -10.68 -12.51 -0.97
N ARG A 15 -9.73 -13.09 -0.23
CA ARG A 15 -8.34 -12.62 -0.26
C ARG A 15 -7.79 -12.56 -1.69
N GLN A 16 -7.20 -11.43 -2.06
CA GLN A 16 -6.61 -11.25 -3.39
C GLN A 16 -5.14 -10.78 -3.28
N PRO A 17 -4.29 -11.25 -4.22
CA PRO A 17 -2.87 -10.84 -4.28
C PRO A 17 -2.69 -9.36 -4.68
N LEU A 18 -1.46 -8.98 -5.00
CA LEU A 18 -1.13 -7.59 -5.33
C LEU A 18 -1.81 -7.13 -6.63
N SER A 19 -2.68 -6.13 -6.51
CA SER A 19 -3.45 -5.61 -7.64
C SER A 19 -2.94 -4.22 -8.07
N LEU A 20 -3.29 -3.79 -9.29
CA LEU A 20 -2.85 -2.49 -9.81
C LEU A 20 -3.53 -1.35 -9.02
N LEU A 21 -2.72 -0.48 -8.41
CA LEU A 21 -3.23 0.63 -7.59
C LEU A 21 -3.89 1.73 -8.46
N GLU A 22 -5.15 2.02 -8.17
CA GLU A 22 -5.92 3.07 -8.87
C GLU A 22 -5.22 4.44 -8.83
N SER A 23 -5.39 5.23 -9.88
CA SER A 23 -4.72 6.55 -9.99
C SER A 23 -4.99 7.45 -8.78
N LYS A 24 -6.24 7.51 -8.33
CA LYS A 24 -6.62 8.33 -7.18
C LYS A 24 -5.79 7.98 -5.94
N GLY A 25 -5.55 6.68 -5.74
CA GLY A 25 -4.69 6.24 -4.65
C GLY A 25 -3.20 6.49 -4.95
N LEU A 26 -2.78 6.14 -6.16
CA LEU A 26 -1.39 6.27 -6.59
C LEU A 26 -0.86 7.70 -6.39
N GLU A 27 -1.66 8.70 -6.74
CA GLU A 27 -1.26 10.10 -6.54
C GLU A 27 -1.11 10.44 -5.04
N ALA A 28 -1.91 9.79 -4.20
CA ALA A 28 -1.81 9.98 -2.75
C ALA A 28 -0.50 9.40 -2.21
N LEU A 29 -0.15 8.20 -2.68
CA LEU A 29 1.13 7.56 -2.34
C LEU A 29 2.33 8.44 -2.74
N ASN A 30 2.36 8.86 -4.01
CA ASN A 30 3.45 9.71 -4.51
C ASN A 30 3.52 11.05 -3.76
N LYS A 31 2.38 11.66 -3.46
CA LYS A 31 2.34 12.88 -2.65
C LYS A 31 2.96 12.65 -1.26
N ALA A 32 2.71 11.48 -0.67
CA ALA A 32 3.30 11.12 0.62
C ALA A 32 4.82 10.92 0.49
N ILE A 33 5.24 10.32 -0.62
CA ILE A 33 6.67 10.15 -0.93
C ILE A 33 7.38 11.50 -1.02
N VAL A 34 6.81 12.43 -1.79
CA VAL A 34 7.36 13.79 -1.93
C VAL A 34 7.38 14.52 -0.59
N SER A 35 6.43 14.18 0.28
CA SER A 35 6.36 14.76 1.64
C SER A 35 7.46 14.20 2.55
N GLY A 36 8.08 13.08 2.14
CA GLY A 36 9.12 12.47 2.96
C GLY A 36 8.63 11.94 4.30
N THR A 37 7.38 11.47 4.32
CA THR A 37 6.77 10.94 5.55
C THR A 37 6.56 9.42 5.45
N VAL A 38 7.22 8.79 4.49
CA VAL A 38 7.03 7.36 4.22
C VAL A 38 8.30 6.55 4.51
N GLN A 39 8.15 5.43 5.21
CA GLN A 39 9.26 4.49 5.41
C GLN A 39 8.98 3.14 4.72
N ARG A 40 9.87 2.74 3.83
CA ARG A 40 9.77 1.41 3.19
C ARG A 40 9.99 0.30 4.22
N ALA A 41 9.45 -0.89 3.94
CA ALA A 41 9.55 -2.03 4.86
C ALA A 41 11.03 -2.36 5.20
N ASP A 42 11.93 -2.05 4.28
CA ASP A 42 13.37 -2.25 4.50
C ASP A 42 13.90 -1.39 5.67
N GLY A 43 13.17 -0.33 6.02
CA GLY A 43 13.56 0.55 7.13
C GLY A 43 14.29 1.81 6.68
N SER A 44 13.69 2.54 5.74
CA SER A 44 14.29 3.77 5.20
C SER A 44 13.23 4.69 4.60
N ILE A 45 13.50 5.99 4.58
CA ILE A 45 12.55 6.97 4.02
C ILE A 45 12.39 6.76 2.49
N GLN A 46 11.17 6.44 2.07
CA GLN A 46 10.88 6.24 0.65
C GLN A 46 10.80 7.59 -0.09
N ASN A 47 11.93 7.99 -0.67
CA ASN A 47 11.98 9.22 -1.47
C ASN A 47 11.91 8.91 -2.97
N GLN A 48 11.89 7.62 -3.29
CA GLN A 48 11.85 7.17 -4.67
C GLN A 48 10.39 7.03 -5.15
N SER A 49 9.94 7.99 -5.94
CA SER A 49 8.56 8.02 -6.43
C SER A 49 8.29 6.90 -7.44
N LEU A 50 7.17 6.20 -7.26
CA LEU A 50 6.81 5.09 -8.15
C LEU A 50 5.70 5.49 -9.14
N HIS A 51 5.92 5.19 -10.42
CA HIS A 51 4.95 5.53 -11.47
C HIS A 51 3.78 4.54 -11.49
N GLU A 52 4.06 3.30 -11.11
CA GLU A 52 3.03 2.28 -10.92
C GLU A 52 3.22 1.57 -9.57
N ALA A 53 2.12 1.23 -8.90
CA ALA A 53 2.19 0.58 -7.60
C ALA A 53 1.15 -0.56 -7.47
N LEU A 54 1.32 -1.37 -6.42
CA LEU A 54 0.45 -2.54 -6.19
C LEU A 54 -0.26 -2.45 -4.84
N ILE A 55 -1.59 -2.51 -4.85
CA ILE A 55 -2.39 -2.43 -3.63
C ILE A 55 -2.87 -3.82 -3.16
N THR A 56 -2.91 -4.04 -1.85
CA THR A 56 -3.41 -5.30 -1.30
C THR A 56 -4.95 -5.31 -1.18
N ARG A 57 -5.51 -6.51 -1.10
CA ARG A 57 -6.96 -6.70 -0.95
C ARG A 57 -7.55 -5.91 0.23
N ASP A 58 -6.78 -5.79 1.31
CA ASP A 58 -7.26 -5.14 2.55
C ASP A 58 -6.96 -3.63 2.58
N ARG A 59 -6.37 -3.09 1.52
CA ARG A 59 -5.90 -1.69 1.52
C ARG A 59 -4.98 -1.45 2.73
N LYS A 60 -4.03 -2.36 2.94
CA LYS A 60 -3.14 -2.31 4.13
C LYS A 60 -1.68 -2.06 3.74
N GLN A 61 -1.27 -2.56 2.58
CA GLN A 61 0.11 -2.38 2.10
C GLN A 61 0.15 -2.06 0.59
N VAL A 62 1.20 -1.37 0.16
CA VAL A 62 1.38 -0.99 -1.24
C VAL A 62 2.79 -1.33 -1.73
N PHE A 63 2.90 -2.17 -2.75
CA PHE A 63 4.20 -2.55 -3.33
C PHE A 63 4.53 -1.69 -4.56
N ARG A 64 5.71 -1.89 -5.13
CA ARG A 64 6.21 -1.04 -6.21
C ARG A 64 6.35 -1.78 -7.55
N ILE A 65 6.17 -1.06 -8.65
CA ILE A 65 6.43 -1.60 -9.99
C ILE A 65 7.59 -0.85 -10.67
N GLU A 66 8.61 -1.57 -11.09
CA GLU A 66 9.77 -0.98 -11.76
C GLU A 66 9.72 -1.24 -13.27
N ASP A 67 10.02 -0.21 -14.07
CA ASP A 67 9.92 -0.28 -15.53
C ASP A 67 8.47 -0.62 -15.96
N SER A 68 8.17 -1.91 -16.03
CA SER A 68 6.80 -2.40 -16.30
C SER A 68 6.54 -3.72 -15.57
N ILE A 69 7.44 -4.08 -14.67
CA ILE A 69 7.39 -5.37 -13.97
C ILE A 69 7.02 -5.21 -12.49
N PRO A 70 6.02 -5.98 -12.00
CA PRO A 70 5.62 -5.95 -10.58
C PRO A 70 6.75 -6.42 -9.65
N VAL A 71 7.28 -5.51 -8.84
CA VAL A 71 8.35 -5.84 -7.89
C VAL A 71 7.76 -6.40 -6.59
N LEU A 72 7.83 -7.73 -6.43
CA LEU A 72 7.23 -8.41 -5.27
C LEU A 72 8.20 -8.48 -4.08
N LEU A 73 9.26 -7.66 -4.15
CA LEU A 73 10.28 -7.62 -3.09
C LEU A 73 9.82 -6.76 -1.91
N PRO A 74 9.68 -7.36 -0.71
CA PRO A 74 9.21 -6.66 0.51
C PRO A 74 10.04 -5.41 0.85
N GLU A 75 11.29 -5.35 0.36
CA GLU A 75 12.16 -4.19 0.58
C GLU A 75 11.59 -2.91 -0.07
N GLU A 76 10.87 -3.08 -1.19
CA GLU A 76 10.23 -1.96 -1.89
C GLU A 76 8.77 -1.76 -1.42
N ALA A 77 8.35 -2.55 -0.44
CA ALA A 77 6.97 -2.51 0.07
C ALA A 77 6.73 -1.30 1.00
N ILE A 78 5.54 -0.73 0.89
CA ILE A 78 5.15 0.45 1.69
C ILE A 78 3.94 0.14 2.59
N ALA A 79 4.04 0.51 3.86
CA ALA A 79 2.91 0.35 4.80
C ALA A 79 2.00 1.57 4.81
N THR A 80 0.69 1.36 4.63
CA THR A 80 -0.28 2.46 4.53
C THR A 80 -0.33 3.32 5.81
N ILE A 81 0.09 2.74 6.94
CA ILE A 81 0.15 3.47 8.21
C ILE A 81 1.18 4.63 8.16
N GLN A 82 2.17 4.50 7.26
CA GLN A 82 3.14 5.58 7.02
C GLN A 82 2.63 6.58 5.96
N ILE A 83 1.47 6.29 5.38
CA ILE A 83 0.88 7.16 4.34
C ILE A 83 -0.24 8.05 4.91
N ALA A 84 0.08 9.30 5.21
CA ALA A 84 -0.89 10.27 5.75
C ALA A 84 -1.94 10.67 4.70
N ASN A 85 -1.63 10.45 3.42
CA ASN A 85 -2.53 10.85 2.32
C ASN A 85 -3.44 9.70 1.85
N PHE A 86 -3.26 8.52 2.45
CA PHE A 86 -4.02 7.33 2.04
C PHE A 86 -5.54 7.52 2.20
N PRO A 87 -6.33 7.19 1.15
CA PRO A 87 -7.81 7.20 1.24
C PRO A 87 -8.34 6.30 2.37
N ASP A 88 -9.45 6.69 3.00
CA ASP A 88 -9.98 5.99 4.16
C ASP A 88 -10.20 4.49 3.89
N LYS A 89 -9.33 3.66 4.48
CA LYS A 89 -9.43 2.21 4.34
C LYS A 89 -10.54 1.63 5.23
N LEU A 90 -11.60 1.13 4.61
CA LEU A 90 -12.75 0.58 5.34
C LEU A 90 -12.42 -0.81 5.91
N GLU A 91 -11.63 -0.83 6.97
CA GLU A 91 -11.18 -2.08 7.60
C GLU A 91 -12.02 -2.43 8.85
N HIS A 92 -12.18 -3.73 9.13
CA HIS A 92 -13.06 -4.17 10.21
C HIS A 92 -12.53 -5.45 10.91
N HIS A 93 -12.24 -5.34 12.21
CA HIS A 93 -11.77 -6.49 13.04
C HIS A 93 -10.39 -7.05 12.62
N HIS A 94 -9.66 -6.33 11.77
CA HIS A 94 -8.33 -6.81 11.32
C HIS A 94 -7.27 -6.60 12.41
N HIS A 95 -7.57 -5.74 13.38
CA HIS A 95 -6.73 -5.58 14.58
C HIS A 95 -7.56 -5.79 15.85
N HIS A 96 -7.35 -6.92 16.51
CA HIS A 96 -8.13 -7.26 17.71
C HIS A 96 -7.26 -7.87 18.82
N HIS A 97 -7.31 -7.26 20.00
CA HIS A 97 -6.67 -7.80 21.19
C HIS A 97 -7.57 -8.83 21.91
N MET A 1 -18.68 -0.97 7.51
CA MET A 1 -19.71 -0.73 8.56
C MET A 1 -20.27 -2.05 9.10
N ASP A 2 -19.37 -3.02 9.30
CA ASP A 2 -19.75 -4.39 9.64
C ASP A 2 -20.06 -4.57 11.15
N ARG A 3 -20.75 -3.58 11.73
CA ARG A 3 -20.99 -3.54 13.18
C ARG A 3 -22.03 -4.59 13.64
N LYS A 4 -22.79 -5.16 12.73
CA LYS A 4 -23.67 -6.29 13.07
C LYS A 4 -22.95 -7.63 12.88
N LEU A 5 -21.91 -7.63 12.06
CA LEU A 5 -21.08 -8.83 11.84
C LEU A 5 -20.07 -9.00 12.98
N LEU A 6 -19.06 -8.13 13.00
CA LEU A 6 -18.05 -8.09 14.10
C LEU A 6 -17.18 -9.36 14.22
N HIS A 7 -17.60 -10.46 13.58
CA HIS A 7 -16.93 -11.75 13.74
C HIS A 7 -15.58 -11.83 12.99
N LEU A 8 -15.32 -10.84 12.14
CA LEU A 8 -14.08 -10.81 11.36
C LEU A 8 -12.88 -10.42 12.25
N LEU A 9 -12.38 -11.40 13.02
CA LEU A 9 -11.22 -11.18 13.91
C LEU A 9 -9.95 -10.82 13.11
N CYS A 10 -9.90 -11.28 11.87
CA CYS A 10 -8.77 -11.01 10.97
C CYS A 10 -9.23 -11.10 9.52
N SER A 11 -8.35 -10.73 8.59
CA SER A 11 -8.68 -10.76 7.15
C SER A 11 -8.06 -11.96 6.44
N PRO A 12 -8.87 -13.02 6.17
CA PRO A 12 -8.41 -14.17 5.38
C PRO A 12 -8.27 -13.82 3.89
N ASP A 13 -8.47 -12.55 3.57
CA ASP A 13 -8.31 -12.02 2.22
C ASP A 13 -6.82 -11.73 1.92
N THR A 14 -6.02 -11.67 2.97
CA THR A 14 -4.58 -11.38 2.85
C THR A 14 -3.79 -12.50 2.15
N ARG A 15 -4.41 -13.68 2.01
CA ARG A 15 -3.78 -14.81 1.31
C ARG A 15 -3.99 -14.72 -0.22
N GLN A 16 -4.74 -13.72 -0.67
CA GLN A 16 -4.98 -13.51 -2.10
C GLN A 16 -3.81 -12.72 -2.74
N PRO A 17 -3.63 -12.82 -4.08
CA PRO A 17 -2.53 -12.13 -4.79
C PRO A 17 -2.66 -10.59 -4.80
N LEU A 18 -1.65 -9.93 -5.35
CA LEU A 18 -1.60 -8.45 -5.39
C LEU A 18 -2.38 -7.89 -6.59
N SER A 19 -2.93 -6.68 -6.43
CA SER A 19 -3.71 -6.03 -7.49
C SER A 19 -3.08 -4.71 -7.94
N LEU A 20 -3.51 -4.20 -9.09
CA LEU A 20 -2.98 -2.95 -9.63
C LEU A 20 -3.50 -1.73 -8.83
N LEU A 21 -2.59 -0.92 -8.32
CA LEU A 21 -2.96 0.26 -7.53
C LEU A 21 -3.45 1.40 -8.45
N GLU A 22 -4.77 1.64 -8.40
CA GLU A 22 -5.39 2.73 -9.17
C GLU A 22 -4.69 4.08 -8.94
N SER A 23 -4.46 4.83 -10.01
CA SER A 23 -3.73 6.12 -9.94
C SER A 23 -4.36 7.08 -8.92
N LYS A 24 -5.69 6.99 -8.75
CA LYS A 24 -6.39 7.76 -7.72
C LYS A 24 -5.78 7.53 -6.33
N GLY A 25 -5.60 6.25 -5.96
CA GLY A 25 -4.93 5.92 -4.70
C GLY A 25 -3.42 6.13 -4.77
N LEU A 26 -2.86 5.83 -5.94
CA LEU A 26 -1.41 5.92 -6.16
C LEU A 26 -0.84 7.33 -5.86
N GLU A 27 -1.59 8.37 -6.22
CA GLU A 27 -1.14 9.74 -5.96
C GLU A 27 -0.92 9.99 -4.46
N ALA A 28 -1.70 9.31 -3.61
CA ALA A 28 -1.54 9.45 -2.16
C ALA A 28 -0.13 9.05 -1.73
N LEU A 29 0.39 7.99 -2.34
CA LEU A 29 1.77 7.53 -2.08
C LEU A 29 2.78 8.56 -2.58
N ASN A 30 2.65 8.96 -3.85
CA ASN A 30 3.58 9.93 -4.46
C ASN A 30 3.60 11.27 -3.70
N LYS A 31 2.43 11.80 -3.37
CA LYS A 31 2.35 13.04 -2.58
C LYS A 31 3.04 12.88 -1.23
N ALA A 32 2.82 11.73 -0.59
CA ALA A 32 3.47 11.41 0.68
C ALA A 32 5.00 11.29 0.52
N ILE A 33 5.43 10.79 -0.65
CA ILE A 33 6.86 10.71 -0.98
C ILE A 33 7.48 12.12 -1.06
N VAL A 34 6.83 13.01 -1.81
CA VAL A 34 7.27 14.41 -1.92
C VAL A 34 7.25 15.09 -0.54
N SER A 35 6.28 14.71 0.29
CA SER A 35 6.20 15.20 1.68
C SER A 35 7.29 14.55 2.56
N GLY A 36 7.73 13.35 2.18
CA GLY A 36 8.79 12.66 2.92
C GLY A 36 8.29 11.86 4.12
N THR A 37 7.02 11.44 4.08
CA THR A 37 6.42 10.67 5.19
C THR A 37 6.20 9.19 4.83
N VAL A 38 6.87 8.73 3.76
CA VAL A 38 6.75 7.33 3.31
C VAL A 38 7.89 6.46 3.84
N GLN A 39 7.54 5.47 4.67
CA GLN A 39 8.52 4.51 5.19
C GLN A 39 8.42 3.16 4.46
N ARG A 40 9.53 2.71 3.89
CA ARG A 40 9.64 1.43 3.20
C ARG A 40 9.58 0.26 4.22
N ALA A 41 9.45 -0.97 3.74
CA ALA A 41 9.34 -2.16 4.61
C ALA A 41 10.45 -2.22 5.68
N ASP A 42 11.63 -1.74 5.34
CA ASP A 42 12.78 -1.76 6.26
C ASP A 42 12.79 -0.53 7.19
N GLY A 43 12.12 0.54 6.76
CA GLY A 43 12.09 1.77 7.53
C GLY A 43 12.73 2.95 6.79
N SER A 44 13.24 2.71 5.59
CA SER A 44 13.87 3.75 4.77
C SER A 44 12.85 4.75 4.20
N ILE A 45 13.17 6.04 4.26
CA ILE A 45 12.30 7.08 3.68
C ILE A 45 12.37 7.03 2.14
N GLN A 46 11.27 6.63 1.52
CA GLN A 46 11.22 6.49 0.06
C GLN A 46 11.19 7.86 -0.64
N ASN A 47 12.29 8.18 -1.33
CA ASN A 47 12.37 9.40 -2.15
C ASN A 47 11.97 9.09 -3.60
N GLN A 48 11.99 7.81 -3.94
CA GLN A 48 11.66 7.33 -5.30
C GLN A 48 10.14 7.39 -5.56
N SER A 49 9.72 8.35 -6.40
CA SER A 49 8.29 8.50 -6.74
C SER A 49 7.85 7.43 -7.75
N LEU A 50 6.99 6.52 -7.31
CA LEU A 50 6.54 5.40 -8.15
C LEU A 50 5.36 5.80 -9.07
N HIS A 51 5.58 5.68 -10.38
CA HIS A 51 4.58 6.06 -11.38
C HIS A 51 3.48 4.99 -11.51
N GLU A 52 3.75 3.80 -10.99
CA GLU A 52 2.78 2.70 -10.97
C GLU A 52 3.13 1.70 -9.85
N ALA A 53 2.12 1.07 -9.25
CA ALA A 53 2.34 0.24 -8.06
C ALA A 53 1.32 -0.91 -7.94
N LEU A 54 1.60 -1.83 -7.02
CA LEU A 54 0.71 -2.96 -6.71
C LEU A 54 0.19 -2.84 -5.26
N ILE A 55 -1.12 -2.82 -5.09
CA ILE A 55 -1.73 -2.64 -3.77
C ILE A 55 -2.24 -3.96 -3.18
N THR A 56 -2.02 -4.15 -1.87
CA THR A 56 -2.63 -5.26 -1.15
C THR A 56 -4.15 -5.04 -1.04
N ARG A 57 -4.90 -6.12 -1.24
CA ARG A 57 -6.38 -6.03 -1.35
C ARG A 57 -7.05 -5.34 -0.14
N ASP A 58 -6.50 -5.50 1.06
CA ASP A 58 -7.10 -4.89 2.26
C ASP A 58 -6.36 -3.59 2.67
N ARG A 59 -5.57 -3.05 1.74
CA ARG A 59 -4.83 -1.78 1.97
C ARG A 59 -3.93 -1.85 3.22
N LYS A 60 -2.97 -2.78 3.23
CA LYS A 60 -2.02 -2.89 4.34
C LYS A 60 -0.61 -2.48 3.90
N GLN A 61 -0.13 -3.09 2.81
CA GLN A 61 1.18 -2.74 2.24
C GLN A 61 1.07 -2.36 0.76
N VAL A 62 2.05 -1.60 0.26
CA VAL A 62 2.08 -1.14 -1.14
C VAL A 62 3.39 -1.55 -1.82
N PHE A 63 3.30 -2.35 -2.87
CA PHE A 63 4.45 -2.72 -3.70
C PHE A 63 4.50 -1.80 -4.92
N ARG A 64 5.58 -1.83 -5.70
CA ARG A 64 5.72 -0.90 -6.83
C ARG A 64 6.01 -1.62 -8.16
N ILE A 65 5.82 -0.90 -9.26
CA ILE A 65 6.13 -1.41 -10.60
C ILE A 65 7.11 -0.48 -11.31
N GLU A 66 8.33 -0.98 -11.57
CA GLU A 66 9.38 -0.17 -12.19
C GLU A 66 9.78 -0.74 -13.56
N ASP A 67 9.85 0.14 -14.56
CA ASP A 67 10.23 -0.25 -15.93
C ASP A 67 9.27 -1.34 -16.49
N SER A 68 7.99 -1.23 -16.13
CA SER A 68 6.95 -2.19 -16.54
C SER A 68 7.14 -3.57 -15.88
N ILE A 69 7.95 -3.61 -14.82
CA ILE A 69 8.19 -4.85 -14.06
C ILE A 69 7.51 -4.81 -12.68
N PRO A 70 6.54 -5.72 -12.43
CA PRO A 70 5.85 -5.81 -11.14
C PRO A 70 6.77 -6.32 -10.01
N VAL A 71 7.14 -5.41 -9.09
CA VAL A 71 8.03 -5.77 -7.98
C VAL A 71 7.25 -6.38 -6.82
N LEU A 72 7.36 -7.70 -6.66
CA LEU A 72 6.65 -8.44 -5.62
C LEU A 72 7.50 -8.59 -4.36
N LEU A 73 8.68 -7.96 -4.35
CA LEU A 73 9.61 -8.04 -3.22
C LEU A 73 8.98 -7.48 -1.91
N PRO A 74 8.87 -8.31 -0.85
CA PRO A 74 8.33 -7.87 0.45
C PRO A 74 9.09 -6.67 1.02
N GLU A 75 10.40 -6.65 0.77
CA GLU A 75 11.28 -5.54 1.19
C GLU A 75 10.89 -4.21 0.52
N GLU A 76 10.17 -4.28 -0.59
CA GLU A 76 9.75 -3.08 -1.33
C GLU A 76 8.33 -2.62 -0.92
N ALA A 77 7.77 -3.28 0.09
CA ALA A 77 6.39 -3.00 0.53
C ALA A 77 6.31 -1.82 1.51
N ILE A 78 5.71 -0.72 1.07
CA ILE A 78 5.46 0.44 1.93
C ILE A 78 4.24 0.22 2.84
N ALA A 79 4.30 0.71 4.08
CA ALA A 79 3.19 0.57 5.03
C ALA A 79 2.14 1.68 4.85
N THR A 80 0.92 1.29 4.46
CA THR A 80 -0.18 2.25 4.26
C THR A 80 -0.50 3.05 5.53
N ILE A 81 -0.48 2.36 6.66
CA ILE A 81 -0.81 2.97 7.96
C ILE A 81 0.14 4.14 8.32
N GLN A 82 1.26 4.24 7.62
CA GLN A 82 2.24 5.31 7.85
C GLN A 82 1.99 6.51 6.92
N ILE A 83 1.31 6.27 5.79
CA ILE A 83 1.08 7.32 4.78
C ILE A 83 0.12 8.41 5.29
N ALA A 84 0.69 9.58 5.60
CA ALA A 84 -0.08 10.71 6.14
C ALA A 84 -1.16 11.25 5.18
N ASN A 85 -0.94 11.06 3.88
CA ASN A 85 -1.86 11.59 2.86
C ASN A 85 -2.88 10.53 2.37
N PHE A 86 -2.84 9.35 2.98
CA PHE A 86 -3.74 8.25 2.59
C PHE A 86 -5.21 8.58 2.91
N PRO A 87 -6.08 8.69 1.88
CA PRO A 87 -7.50 9.02 2.07
C PRO A 87 -8.35 7.82 2.55
N ASP A 88 -9.05 7.99 3.66
CA ASP A 88 -9.87 6.92 4.24
C ASP A 88 -11.14 6.67 3.39
N LYS A 89 -11.53 5.39 3.26
CA LYS A 89 -12.76 5.04 2.54
C LYS A 89 -13.99 5.34 3.42
N LEU A 90 -15.15 5.50 2.79
CA LEU A 90 -16.37 5.86 3.51
C LEU A 90 -16.96 4.68 4.32
N GLU A 91 -16.42 4.47 5.52
CA GLU A 91 -17.00 3.54 6.50
C GLU A 91 -16.26 3.64 7.84
N HIS A 92 -16.94 3.24 8.91
CA HIS A 92 -16.30 3.18 10.24
C HIS A 92 -15.83 1.76 10.55
N HIS A 93 -14.57 1.47 10.20
CA HIS A 93 -13.97 0.14 10.38
C HIS A 93 -12.73 0.23 11.28
N HIS A 94 -12.62 1.35 12.00
CA HIS A 94 -11.42 1.68 12.80
C HIS A 94 -11.00 0.56 13.77
N HIS A 95 -9.91 -0.11 13.43
CA HIS A 95 -9.28 -1.10 14.32
C HIS A 95 -7.75 -1.07 14.13
N HIS A 96 -7.02 -1.24 15.23
CA HIS A 96 -5.56 -1.12 15.20
C HIS A 96 -4.91 -1.93 16.33
N HIS A 97 -3.87 -2.69 16.01
CA HIS A 97 -3.11 -3.45 17.01
C HIS A 97 -1.90 -2.65 17.52
N MET A 1 -12.34 -5.82 17.00
CA MET A 1 -13.64 -5.66 16.27
C MET A 1 -13.41 -5.63 14.74
N ASP A 2 -12.86 -4.52 14.26
CA ASP A 2 -12.65 -4.32 12.82
C ASP A 2 -11.23 -4.72 12.40
N ARG A 3 -11.11 -5.80 11.63
CA ARG A 3 -9.80 -6.26 11.13
C ARG A 3 -9.20 -5.26 10.14
N LYS A 4 -10.03 -4.40 9.56
CA LYS A 4 -9.55 -3.27 8.75
C LYS A 4 -8.69 -2.32 9.61
N LEU A 5 -9.02 -2.22 10.89
CA LEU A 5 -8.24 -1.43 11.85
C LEU A 5 -7.10 -2.27 12.47
N LEU A 6 -7.07 -3.56 12.14
CA LEU A 6 -6.01 -4.46 12.60
C LEU A 6 -5.00 -4.76 11.48
N HIS A 7 -4.92 -3.86 10.51
CA HIS A 7 -4.00 -4.00 9.37
C HIS A 7 -2.53 -4.15 9.79
N LEU A 8 -2.20 -3.68 11.00
CA LEU A 8 -0.82 -3.76 11.51
C LEU A 8 -0.42 -5.21 11.85
N LEU A 9 -1.41 -6.07 12.07
CA LEU A 9 -1.15 -7.47 12.43
C LEU A 9 -0.99 -8.38 11.20
N CYS A 10 -1.86 -8.20 10.21
CA CYS A 10 -2.01 -9.18 9.13
C CYS A 10 -0.88 -9.10 8.10
N SER A 11 -0.33 -10.26 7.76
CA SER A 11 0.79 -10.38 6.82
C SER A 11 0.30 -10.66 5.38
N PRO A 12 1.21 -10.68 4.39
CA PRO A 12 0.91 -11.16 3.03
C PRO A 12 1.36 -12.62 2.81
N ASP A 13 1.38 -13.41 3.88
CA ASP A 13 1.96 -14.77 3.87
C ASP A 13 1.36 -15.66 2.76
N THR A 14 0.03 -15.76 2.71
CA THR A 14 -0.66 -16.58 1.70
C THR A 14 -1.01 -15.74 0.45
N ARG A 15 -0.44 -14.54 0.40
CA ARG A 15 -0.73 -13.58 -0.66
C ARG A 15 -2.21 -13.19 -0.70
N GLN A 16 -2.58 -12.20 0.10
CA GLN A 16 -3.90 -11.59 0.00
C GLN A 16 -4.07 -10.95 -1.39
N PRO A 17 -5.25 -11.10 -2.01
CA PRO A 17 -5.49 -10.69 -3.41
C PRO A 17 -4.71 -9.43 -3.84
N LEU A 18 -3.73 -9.62 -4.72
CA LEU A 18 -2.83 -8.54 -5.16
C LEU A 18 -3.24 -8.00 -6.54
N SER A 19 -3.32 -6.68 -6.65
CA SER A 19 -3.72 -6.03 -7.92
C SER A 19 -2.90 -4.77 -8.21
N LEU A 20 -3.13 -4.17 -9.37
CA LEU A 20 -2.45 -2.92 -9.74
C LEU A 20 -3.06 -1.74 -8.96
N LEU A 21 -2.20 -0.86 -8.43
CA LEU A 21 -2.65 0.28 -7.63
C LEU A 21 -3.45 1.29 -8.48
N GLU A 22 -4.69 1.54 -8.04
CA GLU A 22 -5.57 2.53 -8.70
C GLU A 22 -5.04 3.96 -8.54
N SER A 23 -5.46 4.86 -9.44
CA SER A 23 -4.99 6.26 -9.45
C SER A 23 -5.19 6.94 -8.09
N LYS A 24 -6.34 6.68 -7.47
CA LYS A 24 -6.68 7.23 -6.15
C LYS A 24 -5.56 6.97 -5.12
N GLY A 25 -5.08 5.73 -5.08
CA GLY A 25 -3.97 5.38 -4.19
C GLY A 25 -2.63 5.89 -4.72
N LEU A 26 -2.40 5.70 -6.02
CA LEU A 26 -1.11 6.05 -6.66
C LEU A 26 -0.74 7.52 -6.40
N GLU A 27 -1.69 8.43 -6.58
CA GLU A 27 -1.46 9.85 -6.30
C GLU A 27 -1.12 10.08 -4.82
N ALA A 28 -1.75 9.29 -3.93
CA ALA A 28 -1.52 9.41 -2.49
C ALA A 28 -0.08 9.01 -2.12
N LEU A 29 0.40 7.92 -2.72
CA LEU A 29 1.79 7.48 -2.54
C LEU A 29 2.77 8.57 -2.99
N ASN A 30 2.60 9.06 -4.23
CA ASN A 30 3.45 10.12 -4.76
C ASN A 30 3.40 11.41 -3.91
N LYS A 31 2.21 11.73 -3.38
CA LYS A 31 2.07 12.83 -2.41
C LYS A 31 2.95 12.59 -1.18
N ALA A 32 2.84 11.39 -0.61
CA ALA A 32 3.59 11.02 0.58
C ALA A 32 5.10 10.92 0.32
N ILE A 33 5.47 10.53 -0.90
CA ILE A 33 6.88 10.44 -1.30
C ILE A 33 7.54 11.83 -1.36
N VAL A 34 6.87 12.77 -2.05
CA VAL A 34 7.36 14.16 -2.10
C VAL A 34 7.39 14.77 -0.69
N SER A 35 6.46 14.34 0.15
CA SER A 35 6.43 14.75 1.56
C SER A 35 7.54 14.07 2.37
N GLY A 36 7.97 12.89 1.92
CA GLY A 36 9.02 12.14 2.61
C GLY A 36 8.54 11.44 3.88
N THR A 37 7.27 11.03 3.89
CA THR A 37 6.70 10.33 5.07
C THR A 37 6.59 8.81 4.82
N VAL A 38 7.00 8.37 3.64
CA VAL A 38 6.91 6.95 3.27
C VAL A 38 8.12 6.16 3.79
N GLN A 39 7.86 5.25 4.74
CA GLN A 39 8.91 4.37 5.27
C GLN A 39 8.77 2.94 4.70
N ARG A 40 9.69 2.56 3.82
CA ARG A 40 9.73 1.20 3.30
C ARG A 40 10.08 0.20 4.43
N ALA A 41 9.93 -1.10 4.17
CA ALA A 41 10.17 -2.15 5.20
C ALA A 41 11.51 -1.98 5.93
N ASP A 42 12.53 -1.50 5.23
CA ASP A 42 13.87 -1.30 5.81
C ASP A 42 13.90 -0.17 6.86
N GLY A 43 12.78 0.52 7.03
CA GLY A 43 12.71 1.66 7.95
C GLY A 43 13.30 2.94 7.35
N SER A 44 13.41 2.98 6.03
CA SER A 44 14.00 4.13 5.32
C SER A 44 12.95 4.91 4.53
N ILE A 45 13.29 6.14 4.13
CA ILE A 45 12.34 7.04 3.46
C ILE A 45 12.49 6.98 1.92
N GLN A 46 11.36 6.94 1.21
CA GLN A 46 11.38 6.96 -0.25
C GLN A 46 11.26 8.40 -0.80
N ASN A 47 12.25 8.79 -1.62
CA ASN A 47 12.22 10.07 -2.32
C ASN A 47 12.00 9.86 -3.83
N GLN A 48 11.96 8.60 -4.24
CA GLN A 48 11.75 8.23 -5.65
C GLN A 48 10.26 8.07 -5.97
N SER A 49 9.69 9.05 -6.67
CA SER A 49 8.26 9.03 -7.03
C SER A 49 7.97 7.99 -8.12
N LEU A 50 7.56 6.79 -7.70
CA LEU A 50 7.25 5.70 -8.65
C LEU A 50 6.02 6.02 -9.52
N HIS A 51 6.09 5.65 -10.79
CA HIS A 51 5.00 5.92 -11.74
C HIS A 51 3.88 4.87 -11.63
N GLU A 52 4.19 3.70 -11.08
CA GLU A 52 3.22 2.62 -10.96
C GLU A 52 3.51 1.74 -9.73
N ALA A 53 2.49 1.09 -9.19
CA ALA A 53 2.64 0.28 -7.98
C ALA A 53 1.53 -0.79 -7.86
N LEU A 54 1.64 -1.63 -6.84
CA LEU A 54 0.67 -2.71 -6.59
C LEU A 54 -0.07 -2.50 -5.27
N ILE A 55 -1.35 -2.83 -5.23
CA ILE A 55 -2.17 -2.68 -4.02
C ILE A 55 -2.82 -4.01 -3.60
N THR A 56 -2.72 -4.34 -2.32
CA THR A 56 -3.48 -5.45 -1.75
C THR A 56 -4.97 -5.11 -1.71
N ARG A 57 -5.83 -6.07 -2.03
CA ARG A 57 -7.28 -5.84 -2.08
C ARG A 57 -7.84 -5.39 -0.72
N ASP A 58 -7.26 -5.92 0.36
CA ASP A 58 -7.63 -5.50 1.72
C ASP A 58 -7.08 -4.09 2.03
N ARG A 59 -6.23 -3.61 1.12
CA ARG A 59 -5.63 -2.27 1.17
C ARG A 59 -4.87 -1.99 2.48
N LYS A 60 -3.76 -2.72 2.66
CA LYS A 60 -2.86 -2.51 3.79
C LYS A 60 -1.37 -2.50 3.36
N GLN A 61 -1.08 -3.14 2.22
CA GLN A 61 0.29 -3.18 1.69
C GLN A 61 0.34 -2.68 0.23
N VAL A 62 1.39 -1.94 -0.10
CA VAL A 62 1.63 -1.44 -1.46
C VAL A 62 3.02 -1.85 -1.95
N PHE A 63 3.10 -2.57 -3.07
CA PHE A 63 4.39 -3.02 -3.62
C PHE A 63 4.85 -2.11 -4.76
N ARG A 64 6.17 -2.04 -4.95
CA ARG A 64 6.77 -1.14 -5.95
C ARG A 64 6.74 -1.75 -7.37
N ILE A 65 6.74 -0.89 -8.38
CA ILE A 65 6.88 -1.30 -9.78
C ILE A 65 7.89 -0.41 -10.51
N GLU A 66 8.81 -1.04 -11.26
CA GLU A 66 9.78 -0.30 -12.07
C GLU A 66 10.04 -1.02 -13.40
N ASP A 67 10.14 -0.26 -14.49
CA ASP A 67 10.29 -0.82 -15.85
C ASP A 67 9.06 -1.69 -16.19
N SER A 68 7.91 -1.33 -15.60
CA SER A 68 6.63 -2.04 -15.78
C SER A 68 6.66 -3.45 -15.16
N ILE A 69 7.70 -3.73 -14.36
CA ILE A 69 7.83 -5.03 -13.70
C ILE A 69 7.30 -4.98 -12.26
N PRO A 70 6.30 -5.83 -11.92
CA PRO A 70 5.75 -5.92 -10.56
C PRO A 70 6.78 -6.43 -9.54
N VAL A 71 7.21 -5.58 -8.61
CA VAL A 71 8.20 -5.96 -7.61
C VAL A 71 7.53 -6.52 -6.34
N LEU A 72 7.32 -7.85 -6.32
CA LEU A 72 6.72 -8.53 -5.17
C LEU A 72 7.75 -8.82 -4.06
N LEU A 73 8.74 -7.94 -3.93
CA LEU A 73 9.80 -8.10 -2.92
C LEU A 73 9.40 -7.44 -1.59
N PRO A 74 9.73 -8.09 -0.45
CA PRO A 74 9.27 -7.64 0.88
C PRO A 74 9.83 -6.28 1.32
N GLU A 75 11.06 -5.97 0.93
CA GLU A 75 11.71 -4.72 1.38
C GLU A 75 11.29 -3.50 0.53
N GLU A 76 10.87 -3.73 -0.72
CA GLU A 76 10.29 -2.65 -1.55
C GLU A 76 8.80 -2.43 -1.24
N ALA A 77 8.31 -3.01 -0.15
CA ALA A 77 6.89 -2.90 0.23
C ALA A 77 6.63 -1.71 1.17
N ILE A 78 5.46 -1.08 0.99
CA ILE A 78 5.05 0.06 1.81
C ILE A 78 3.76 -0.25 2.60
N ALA A 79 3.70 0.17 3.86
CA ALA A 79 2.48 0.05 4.66
C ALA A 79 1.59 1.29 4.50
N THR A 80 0.32 1.08 4.11
CA THR A 80 -0.63 2.19 3.88
C THR A 80 -0.82 3.05 5.14
N ILE A 81 -0.60 2.45 6.31
CA ILE A 81 -0.73 3.15 7.59
C ILE A 81 0.34 4.24 7.78
N GLN A 82 1.41 4.16 6.97
CA GLN A 82 2.51 5.13 7.05
C GLN A 82 2.24 6.35 6.13
N ILE A 83 1.20 6.26 5.31
CA ILE A 83 0.87 7.35 4.38
C ILE A 83 -0.02 8.41 5.05
N ALA A 84 0.61 9.47 5.56
CA ALA A 84 -0.09 10.55 6.27
C ALA A 84 -0.97 11.42 5.34
N ASN A 85 -1.19 10.96 4.11
CA ASN A 85 -2.04 11.69 3.15
C ASN A 85 -3.35 10.95 2.86
N PHE A 86 -3.57 9.84 3.57
CA PHE A 86 -4.82 9.08 3.44
C PHE A 86 -5.97 9.74 4.22
N PRO A 87 -7.20 9.74 3.66
CA PRO A 87 -8.38 10.33 4.32
C PRO A 87 -8.70 9.71 5.70
N ASP A 88 -8.51 10.51 6.74
CA ASP A 88 -8.77 10.08 8.13
C ASP A 88 -10.25 10.28 8.51
N LYS A 89 -10.88 9.23 9.06
CA LYS A 89 -12.29 9.32 9.48
C LYS A 89 -12.43 9.96 10.87
N LEU A 90 -13.65 10.42 11.17
CA LEU A 90 -13.98 10.92 12.50
C LEU A 90 -14.57 9.80 13.36
N GLU A 91 -13.93 9.48 14.48
CA GLU A 91 -14.37 8.35 15.32
C GLU A 91 -14.46 8.72 16.81
N HIS A 92 -15.50 8.21 17.49
CA HIS A 92 -15.71 8.48 18.93
C HIS A 92 -16.51 7.36 19.63
N HIS A 93 -17.13 6.44 18.88
CA HIS A 93 -18.07 5.48 19.47
C HIS A 93 -17.80 4.04 19.00
N HIS A 94 -18.08 3.07 19.89
CA HIS A 94 -17.90 1.64 19.54
C HIS A 94 -18.89 1.21 18.46
N HIS A 95 -18.48 1.38 17.20
CA HIS A 95 -19.34 1.09 16.04
C HIS A 95 -19.46 -0.43 15.76
N HIS A 96 -19.45 -1.24 16.81
CA HIS A 96 -19.54 -2.69 16.66
C HIS A 96 -20.18 -3.35 17.90
N HIS A 97 -21.22 -2.71 18.44
CA HIS A 97 -21.94 -3.18 19.65
C HIS A 97 -20.98 -3.70 20.75
N MET A 1 6.94 4.58 -15.63
CA MET A 1 6.43 5.58 -16.60
C MET A 1 6.25 4.93 -17.98
N ASP A 2 5.11 4.28 -18.18
CA ASP A 2 4.87 3.50 -19.40
C ASP A 2 3.52 3.80 -20.07
N ARG A 3 3.40 3.34 -21.32
CA ARG A 3 2.17 3.46 -22.10
C ARG A 3 1.44 2.10 -22.18
N LYS A 4 2.19 1.00 -22.07
CA LYS A 4 1.60 -0.35 -22.02
C LYS A 4 0.74 -0.53 -20.76
N LEU A 5 1.20 0.06 -19.64
CA LEU A 5 0.43 0.05 -18.39
C LEU A 5 -0.86 0.90 -18.49
N LEU A 6 -1.05 1.57 -19.61
CA LEU A 6 -2.29 2.32 -19.86
C LEU A 6 -3.33 1.45 -20.60
N HIS A 7 -2.86 0.36 -21.22
CA HIS A 7 -3.74 -0.55 -21.96
C HIS A 7 -4.10 -1.78 -21.12
N LEU A 8 -3.07 -2.44 -20.58
CA LEU A 8 -3.27 -3.64 -19.76
C LEU A 8 -3.90 -3.31 -18.40
N LEU A 9 -5.22 -3.48 -18.31
CA LEU A 9 -5.96 -3.24 -17.07
C LEU A 9 -5.95 -4.49 -16.17
N CYS A 10 -6.61 -4.39 -15.00
CA CYS A 10 -6.68 -5.50 -14.07
C CYS A 10 -7.94 -6.35 -14.30
N SER A 11 -7.79 -7.68 -14.24
CA SER A 11 -8.91 -8.59 -14.45
C SER A 11 -9.09 -9.52 -13.24
N PRO A 12 -9.97 -9.16 -12.28
CA PRO A 12 -10.22 -9.97 -11.07
C PRO A 12 -10.62 -11.43 -11.37
N ASP A 13 -11.00 -11.68 -12.62
CA ASP A 13 -11.32 -13.04 -13.09
C ASP A 13 -10.12 -14.00 -12.90
N THR A 14 -8.93 -13.43 -12.78
CA THR A 14 -7.71 -14.22 -12.52
C THR A 14 -7.59 -14.61 -11.04
N ARG A 15 -8.25 -13.84 -10.17
CA ARG A 15 -8.21 -14.06 -8.72
C ARG A 15 -6.78 -13.94 -8.16
N GLN A 16 -6.35 -12.70 -7.96
CA GLN A 16 -5.02 -12.41 -7.41
C GLN A 16 -5.12 -11.51 -6.16
N PRO A 17 -4.34 -11.82 -5.11
CA PRO A 17 -4.32 -11.00 -3.88
C PRO A 17 -3.57 -9.66 -4.08
N LEU A 18 -2.93 -9.52 -5.24
CA LEU A 18 -2.18 -8.29 -5.58
C LEU A 18 -2.58 -7.78 -6.97
N SER A 19 -2.81 -6.48 -7.08
CA SER A 19 -3.26 -5.86 -8.35
C SER A 19 -2.54 -4.54 -8.60
N LEU A 20 -2.80 -3.92 -9.75
CA LEU A 20 -2.23 -2.61 -10.08
C LEU A 20 -2.80 -1.53 -9.14
N LEU A 21 -1.94 -0.67 -8.62
CA LEU A 21 -2.34 0.37 -7.65
C LEU A 21 -3.43 1.29 -8.22
N GLU A 22 -4.55 1.38 -7.49
CA GLU A 22 -5.68 2.23 -7.88
C GLU A 22 -5.27 3.70 -8.01
N SER A 23 -5.58 4.31 -9.16
CA SER A 23 -5.17 5.70 -9.45
C SER A 23 -5.59 6.67 -8.35
N LYS A 24 -6.75 6.42 -7.75
CA LYS A 24 -7.23 7.22 -6.62
C LYS A 24 -6.18 7.30 -5.49
N GLY A 25 -5.62 6.13 -5.13
CA GLY A 25 -4.58 6.07 -4.12
C GLY A 25 -3.21 6.53 -4.65
N LEU A 26 -2.94 6.24 -5.92
CA LEU A 26 -1.63 6.52 -6.54
C LEU A 26 -1.21 7.99 -6.34
N GLU A 27 -2.11 8.92 -6.64
CA GLU A 27 -1.83 10.35 -6.49
C GLU A 27 -1.57 10.73 -5.02
N ALA A 28 -2.18 9.99 -4.09
CA ALA A 28 -1.97 10.22 -2.65
C ALA A 28 -0.61 9.69 -2.19
N LEU A 29 -0.20 8.54 -2.73
CA LEU A 29 1.11 7.94 -2.43
C LEU A 29 2.26 8.89 -2.79
N ASN A 30 2.26 9.38 -4.03
CA ASN A 30 3.32 10.29 -4.50
C ASN A 30 3.44 11.54 -3.60
N LYS A 31 2.30 12.10 -3.21
CA LYS A 31 2.28 13.25 -2.29
C LYS A 31 2.99 12.93 -0.96
N ALA A 32 2.66 11.77 -0.39
CA ALA A 32 3.26 11.35 0.87
C ALA A 32 4.77 11.08 0.74
N ILE A 33 5.17 10.52 -0.40
CA ILE A 33 6.59 10.29 -0.70
C ILE A 33 7.35 11.63 -0.71
N VAL A 34 6.79 12.63 -1.38
CA VAL A 34 7.38 13.98 -1.41
C VAL A 34 7.44 14.58 0.01
N SER A 35 6.42 14.26 0.82
CA SER A 35 6.39 14.70 2.24
C SER A 35 7.54 14.09 3.05
N GLY A 36 8.03 12.92 2.61
CA GLY A 36 9.17 12.28 3.27
C GLY A 36 8.79 11.54 4.55
N THR A 37 7.49 11.31 4.75
CA THR A 37 7.00 10.62 5.96
C THR A 37 6.82 9.12 5.71
N VAL A 38 7.16 8.66 4.51
CA VAL A 38 6.98 7.26 4.12
C VAL A 38 8.24 6.43 4.40
N GLN A 39 8.06 5.24 4.96
CA GLN A 39 9.17 4.32 5.22
C GLN A 39 9.08 3.06 4.34
N ARG A 40 10.24 2.53 3.96
CA ARG A 40 10.33 1.27 3.23
C ARG A 40 10.45 0.09 4.22
N ALA A 41 10.10 -1.12 3.76
CA ALA A 41 10.11 -2.33 4.62
C ALA A 41 11.51 -2.66 5.21
N ASP A 42 12.55 -1.95 4.79
CA ASP A 42 13.89 -2.15 5.34
C ASP A 42 14.10 -1.26 6.58
N GLY A 43 13.32 -0.19 6.68
CA GLY A 43 13.41 0.74 7.81
C GLY A 43 13.89 2.12 7.41
N SER A 44 14.13 2.34 6.12
CA SER A 44 14.62 3.63 5.60
C SER A 44 13.45 4.49 5.08
N ILE A 45 13.76 5.72 4.66
CA ILE A 45 12.73 6.65 4.15
C ILE A 45 12.59 6.56 2.62
N GLN A 46 11.34 6.57 2.15
CA GLN A 46 11.05 6.53 0.72
C GLN A 46 11.23 7.90 0.06
N ASN A 47 12.10 7.98 -0.95
CA ASN A 47 12.37 9.24 -1.66
C ASN A 47 11.96 9.15 -3.14
N GLN A 48 11.71 7.94 -3.62
CA GLN A 48 11.43 7.68 -5.04
C GLN A 48 9.92 7.72 -5.34
N SER A 49 9.52 8.62 -6.24
CA SER A 49 8.13 8.69 -6.71
C SER A 49 7.81 7.54 -7.69
N LEU A 50 6.55 7.36 -8.03
CA LEU A 50 6.13 6.26 -8.91
C LEU A 50 4.79 6.51 -9.61
N HIS A 51 4.64 5.92 -10.80
CA HIS A 51 3.37 5.95 -11.54
C HIS A 51 2.79 4.54 -11.69
N GLU A 52 3.65 3.53 -11.60
CA GLU A 52 3.22 2.13 -11.65
C GLU A 52 3.57 1.42 -10.33
N ALA A 53 2.56 0.82 -9.71
CA ALA A 53 2.73 0.14 -8.42
C ALA A 53 1.70 -0.98 -8.24
N LEU A 54 1.81 -1.72 -7.14
CA LEU A 54 0.90 -2.84 -6.87
C LEU A 54 0.20 -2.68 -5.51
N ILE A 55 -1.12 -2.81 -5.49
CA ILE A 55 -1.91 -2.67 -4.26
C ILE A 55 -2.31 -4.04 -3.68
N THR A 56 -2.33 -4.14 -2.35
CA THR A 56 -2.71 -5.38 -1.66
C THR A 56 -4.25 -5.50 -1.51
N ARG A 57 -4.71 -6.75 -1.34
CA ARG A 57 -6.13 -7.03 -1.10
C ARG A 57 -6.70 -6.21 0.09
N ASP A 58 -5.86 -6.00 1.10
CA ASP A 58 -6.27 -5.27 2.31
C ASP A 58 -5.91 -3.77 2.23
N ARG A 59 -5.14 -3.40 1.20
CA ARG A 59 -4.75 -2.01 0.95
C ARG A 59 -3.98 -1.38 2.14
N LYS A 60 -3.35 -2.23 2.96
CA LYS A 60 -2.49 -1.74 4.05
C LYS A 60 -1.05 -1.55 3.56
N GLN A 61 -0.65 -2.36 2.58
CA GLN A 61 0.70 -2.27 1.99
C GLN A 61 0.63 -2.04 0.47
N VAL A 62 1.64 -1.36 -0.07
CA VAL A 62 1.74 -1.11 -1.51
C VAL A 62 3.14 -1.49 -2.04
N PHE A 63 3.19 -2.30 -3.09
CA PHE A 63 4.46 -2.69 -3.72
C PHE A 63 4.77 -1.80 -4.93
N ARG A 64 5.95 -1.98 -5.53
CA ARG A 64 6.41 -1.10 -6.61
C ARG A 64 6.80 -1.92 -7.86
N ILE A 65 6.77 -1.28 -9.03
CA ILE A 65 7.15 -1.94 -10.28
C ILE A 65 8.44 -1.32 -10.86
N GLU A 66 9.43 -2.15 -11.18
CA GLU A 66 10.68 -1.68 -11.80
C GLU A 66 10.70 -2.00 -13.30
N ASP A 67 10.88 -0.98 -14.14
CA ASP A 67 10.95 -1.15 -15.60
C ASP A 67 9.65 -1.76 -16.16
N SER A 68 9.52 -3.08 -16.05
CA SER A 68 8.30 -3.80 -16.50
C SER A 68 7.99 -4.98 -15.58
N ILE A 69 8.80 -5.15 -14.54
CA ILE A 69 8.70 -6.31 -13.65
C ILE A 69 7.85 -5.98 -12.39
N PRO A 70 6.72 -6.69 -12.19
CA PRO A 70 5.91 -6.54 -10.98
C PRO A 70 6.62 -7.11 -9.73
N VAL A 71 7.22 -6.23 -8.93
CA VAL A 71 8.00 -6.67 -7.77
C VAL A 71 7.08 -7.05 -6.59
N LEU A 72 6.91 -8.35 -6.38
CA LEU A 72 6.10 -8.87 -5.27
C LEU A 72 6.95 -9.03 -4.00
N LEU A 73 8.24 -8.71 -4.10
CA LEU A 73 9.19 -8.82 -2.99
C LEU A 73 8.86 -7.81 -1.87
N PRO A 74 9.06 -8.20 -0.59
CA PRO A 74 8.75 -7.33 0.56
C PRO A 74 9.58 -6.03 0.57
N GLU A 75 10.64 -6.00 -0.23
CA GLU A 75 11.51 -4.82 -0.33
C GLU A 75 10.73 -3.54 -0.62
N GLU A 76 9.80 -3.61 -1.57
CA GLU A 76 9.04 -2.43 -2.01
C GLU A 76 7.77 -2.21 -1.18
N ALA A 77 7.60 -2.99 -0.11
CA ALA A 77 6.38 -2.94 0.71
C ALA A 77 6.26 -1.61 1.49
N ILE A 78 5.44 -0.71 0.97
CA ILE A 78 5.15 0.57 1.65
C ILE A 78 3.89 0.45 2.54
N ALA A 79 3.98 0.98 3.76
CA ALA A 79 2.84 0.93 4.70
C ALA A 79 1.96 2.19 4.62
N THR A 80 0.68 2.00 4.30
CA THR A 80 -0.27 3.12 4.15
C THR A 80 -0.46 3.92 5.46
N ILE A 81 -0.09 3.32 6.59
CA ILE A 81 -0.18 4.01 7.88
C ILE A 81 0.71 5.28 7.92
N GLN A 82 1.78 5.28 7.11
CA GLN A 82 2.68 6.43 7.00
C GLN A 82 2.15 7.47 5.99
N ILE A 83 1.07 7.13 5.30
CA ILE A 83 0.49 8.01 4.27
C ILE A 83 -0.55 8.96 4.88
N ALA A 84 -0.09 10.11 5.37
CA ALA A 84 -0.98 11.12 5.98
C ALA A 84 -2.03 11.64 4.99
N ASN A 85 -1.85 11.34 3.71
CA ASN A 85 -2.75 11.80 2.65
C ASN A 85 -3.82 10.75 2.30
N PHE A 86 -3.80 9.61 3.00
CA PHE A 86 -4.78 8.54 2.78
C PHE A 86 -6.17 8.96 3.31
N PRO A 87 -7.20 8.99 2.44
CA PRO A 87 -8.54 9.48 2.80
C PRO A 87 -9.41 8.48 3.58
N ASP A 88 -10.00 8.96 4.68
CA ASP A 88 -10.98 8.19 5.45
C ASP A 88 -11.89 9.17 6.23
N LYS A 89 -12.45 8.74 7.37
CA LYS A 89 -13.27 9.62 8.21
C LYS A 89 -12.42 10.72 8.88
N LEU A 90 -13.05 11.53 9.73
CA LEU A 90 -12.38 12.68 10.36
C LEU A 90 -11.44 12.26 11.52
N GLU A 91 -10.64 11.23 11.30
CA GLU A 91 -9.69 10.76 12.34
C GLU A 91 -8.41 11.61 12.34
N HIS A 92 -8.21 12.37 13.42
CA HIS A 92 -7.00 13.18 13.59
C HIS A 92 -6.12 12.65 14.73
N HIS A 93 -5.34 11.60 14.46
CA HIS A 93 -4.46 11.00 15.46
C HIS A 93 -3.04 11.62 15.42
N HIS A 94 -2.84 12.56 14.51
CA HIS A 94 -1.53 13.21 14.36
C HIS A 94 -1.68 14.65 13.85
N HIS A 95 -1.14 15.61 14.58
CA HIS A 95 -1.21 17.01 14.18
C HIS A 95 -0.18 17.33 13.09
N HIS A 96 -0.58 18.12 12.11
CA HIS A 96 0.29 18.52 11.01
C HIS A 96 -0.30 19.72 10.26
N HIS A 97 0.55 20.71 9.96
CA HIS A 97 0.11 22.00 9.40
C HIS A 97 -0.76 22.78 10.41
N MET A 1 -10.24 7.69 -14.00
CA MET A 1 -9.74 8.60 -15.07
C MET A 1 -9.37 7.82 -16.34
N ASP A 2 -9.88 6.61 -16.45
CA ASP A 2 -9.49 5.68 -17.51
C ASP A 2 -10.72 5.10 -18.24
N ARG A 3 -11.06 5.72 -19.36
CA ARG A 3 -12.30 5.37 -20.09
C ARG A 3 -12.30 3.92 -20.62
N LYS A 4 -11.17 3.44 -21.13
CA LYS A 4 -11.09 2.06 -21.62
C LYS A 4 -11.17 1.04 -20.47
N LEU A 5 -10.61 1.37 -19.31
CA LEU A 5 -10.65 0.49 -18.13
C LEU A 5 -12.07 0.39 -17.55
N LEU A 6 -12.76 1.54 -17.40
CA LEU A 6 -14.12 1.54 -16.88
C LEU A 6 -15.12 0.96 -17.90
N HIS A 7 -14.70 0.92 -19.17
CA HIS A 7 -15.46 0.25 -20.24
C HIS A 7 -15.34 -1.27 -20.11
N LEU A 8 -14.15 -1.73 -19.73
CA LEU A 8 -13.89 -3.16 -19.52
C LEU A 8 -14.39 -3.63 -18.15
N LEU A 9 -14.03 -4.86 -17.79
CA LEU A 9 -14.47 -5.45 -16.51
C LEU A 9 -13.27 -6.04 -15.75
N CYS A 10 -13.54 -6.73 -14.64
CA CYS A 10 -12.48 -7.34 -13.82
C CYS A 10 -12.90 -8.71 -13.29
N SER A 11 -11.99 -9.68 -13.40
CA SER A 11 -12.21 -11.03 -12.87
C SER A 11 -12.19 -11.03 -11.33
N PRO A 12 -12.75 -12.08 -10.68
CA PRO A 12 -12.75 -12.20 -9.22
C PRO A 12 -11.38 -11.91 -8.58
N ASP A 13 -11.39 -11.11 -7.50
CA ASP A 13 -10.16 -10.66 -6.83
C ASP A 13 -9.22 -11.80 -6.42
N THR A 14 -9.78 -13.02 -6.26
CA THR A 14 -8.97 -14.19 -5.89
C THR A 14 -7.91 -14.53 -6.97
N ARG A 15 -8.08 -13.95 -8.16
CA ARG A 15 -7.15 -14.15 -9.26
C ARG A 15 -5.76 -13.55 -8.94
N GLN A 16 -5.75 -12.36 -8.35
CA GLN A 16 -4.50 -11.66 -8.01
C GLN A 16 -4.62 -10.84 -6.72
N PRO A 17 -3.98 -11.30 -5.62
CA PRO A 17 -3.97 -10.56 -4.34
C PRO A 17 -3.42 -9.13 -4.49
N LEU A 18 -2.33 -9.00 -5.27
CA LEU A 18 -1.76 -7.70 -5.58
C LEU A 18 -2.22 -7.22 -6.96
N SER A 19 -2.84 -6.04 -7.00
CA SER A 19 -3.36 -5.47 -8.25
C SER A 19 -2.85 -4.05 -8.47
N LEU A 20 -3.19 -3.46 -9.61
CA LEU A 20 -2.81 -2.08 -9.93
C LEU A 20 -3.38 -1.10 -8.87
N LEU A 21 -2.51 -0.28 -8.29
CA LEU A 21 -2.90 0.68 -7.25
C LEU A 21 -3.90 1.72 -7.79
N GLU A 22 -5.00 1.93 -7.04
CA GLU A 22 -6.04 2.91 -7.40
C GLU A 22 -5.42 4.25 -7.82
N SER A 23 -5.97 4.84 -8.89
CA SER A 23 -5.44 6.09 -9.45
C SER A 23 -5.33 7.21 -8.41
N LYS A 24 -6.39 7.38 -7.60
CA LYS A 24 -6.40 8.41 -6.56
C LYS A 24 -5.48 8.04 -5.39
N GLY A 25 -5.28 6.74 -5.17
CA GLY A 25 -4.33 6.29 -4.16
C GLY A 25 -2.89 6.50 -4.59
N LEU A 26 -2.61 6.18 -5.84
CA LEU A 26 -1.27 6.31 -6.43
C LEU A 26 -0.73 7.74 -6.24
N GLU A 27 -1.52 8.73 -6.63
CA GLU A 27 -1.14 10.13 -6.44
C GLU A 27 -0.98 10.48 -4.95
N ALA A 28 -1.72 9.79 -4.08
CA ALA A 28 -1.60 10.00 -2.63
C ALA A 28 -0.24 9.49 -2.12
N LEU A 29 0.14 8.30 -2.57
CA LEU A 29 1.47 7.74 -2.26
C LEU A 29 2.59 8.64 -2.80
N ASN A 30 2.46 9.08 -4.06
CA ASN A 30 3.42 10.01 -4.67
C ASN A 30 3.55 11.30 -3.84
N LYS A 31 2.41 11.89 -3.46
CA LYS A 31 2.42 13.10 -2.61
C LYS A 31 3.07 12.83 -1.24
N ALA A 32 2.86 11.62 -0.70
CA ALA A 32 3.52 11.21 0.54
C ALA A 32 5.04 11.08 0.34
N ILE A 33 5.43 10.61 -0.84
CA ILE A 33 6.85 10.54 -1.23
C ILE A 33 7.46 11.95 -1.31
N VAL A 34 6.75 12.85 -1.99
CA VAL A 34 7.16 14.26 -2.10
C VAL A 34 7.21 14.92 -0.71
N SER A 35 6.35 14.46 0.18
CA SER A 35 6.32 14.95 1.58
C SER A 35 7.44 14.34 2.41
N GLY A 36 8.01 13.22 1.94
CA GLY A 36 9.08 12.54 2.65
C GLY A 36 8.60 11.82 3.91
N THR A 37 7.50 11.08 3.79
CA THR A 37 6.95 10.31 4.92
C THR A 37 6.66 8.85 4.55
N VAL A 38 7.25 8.39 3.45
CA VAL A 38 7.08 7.00 2.99
C VAL A 38 8.22 6.10 3.49
N GLN A 39 7.96 5.33 4.54
CA GLN A 39 8.94 4.39 5.07
C GLN A 39 8.87 3.03 4.38
N ARG A 40 9.99 2.60 3.81
CA ARG A 40 10.12 1.26 3.23
C ARG A 40 10.07 0.20 4.34
N ALA A 41 10.07 -1.08 3.96
CA ALA A 41 10.08 -2.18 4.94
C ALA A 41 11.25 -2.04 5.93
N ASP A 42 12.38 -1.54 5.44
CA ASP A 42 13.57 -1.29 6.27
C ASP A 42 13.36 -0.09 7.22
N GLY A 43 12.53 0.86 6.79
CA GLY A 43 12.37 2.12 7.53
C GLY A 43 12.91 3.31 6.74
N SER A 44 13.80 3.04 5.78
CA SER A 44 14.36 4.08 4.90
C SER A 44 13.26 4.81 4.12
N ILE A 45 13.40 6.12 3.97
CA ILE A 45 12.42 6.93 3.24
C ILE A 45 12.56 6.77 1.72
N GLN A 46 11.47 6.40 1.06
CA GLN A 46 11.45 6.27 -0.40
C GLN A 46 11.24 7.64 -1.06
N ASN A 47 12.31 8.18 -1.66
CA ASN A 47 12.27 9.51 -2.28
C ASN A 47 11.85 9.44 -3.76
N GLN A 48 11.92 8.25 -4.35
CA GLN A 48 11.54 8.06 -5.77
C GLN A 48 10.02 7.97 -5.95
N SER A 49 9.44 8.94 -6.65
CA SER A 49 8.00 8.95 -6.93
C SER A 49 7.66 8.14 -8.19
N LEU A 50 7.20 6.90 -7.98
CA LEU A 50 6.91 5.97 -9.09
C LEU A 50 5.54 6.27 -9.75
N HIS A 51 5.40 5.84 -11.01
CA HIS A 51 4.17 6.07 -11.78
C HIS A 51 3.24 4.84 -11.74
N GLU A 52 3.71 3.74 -11.18
CA GLU A 52 2.92 2.50 -11.11
C GLU A 52 3.30 1.66 -9.87
N ALA A 53 2.29 1.13 -9.18
CA ALA A 53 2.51 0.36 -7.95
C ALA A 53 1.40 -0.70 -7.72
N LEU A 54 1.67 -1.64 -6.81
CA LEU A 54 0.71 -2.69 -6.47
C LEU A 54 -0.04 -2.38 -5.18
N ILE A 55 -1.26 -2.91 -5.06
CA ILE A 55 -2.07 -2.78 -3.85
C ILE A 55 -2.76 -4.12 -3.53
N THR A 56 -2.71 -4.53 -2.27
CA THR A 56 -3.41 -5.75 -1.84
C THR A 56 -4.92 -5.58 -1.95
N ARG A 57 -5.65 -6.67 -2.09
CA ARG A 57 -7.12 -6.63 -2.17
C ARG A 57 -7.73 -6.08 -0.87
N ASP A 58 -6.94 -6.09 0.20
CA ASP A 58 -7.35 -5.52 1.48
C ASP A 58 -7.03 -4.02 1.57
N ARG A 59 -6.29 -3.52 0.59
CA ARG A 59 -5.89 -2.11 0.52
C ARG A 59 -5.02 -1.69 1.73
N LYS A 60 -4.21 -2.61 2.25
CA LYS A 60 -3.40 -2.34 3.45
C LYS A 60 -1.89 -2.36 3.17
N GLN A 61 -1.47 -2.92 2.04
CA GLN A 61 -0.04 -2.97 1.69
C GLN A 61 0.19 -2.54 0.23
N VAL A 62 1.18 -1.67 0.03
CA VAL A 62 1.55 -1.22 -1.32
C VAL A 62 2.96 -1.73 -1.72
N PHE A 63 3.12 -2.17 -2.96
CA PHE A 63 4.41 -2.66 -3.46
C PHE A 63 4.91 -1.87 -4.68
N ARG A 64 6.21 -1.89 -4.90
CA ARG A 64 6.85 -1.10 -5.96
C ARG A 64 6.88 -1.84 -7.31
N ILE A 65 6.60 -1.11 -8.39
CA ILE A 65 6.72 -1.64 -9.76
C ILE A 65 7.72 -0.81 -10.59
N GLU A 66 8.60 -1.49 -11.31
CA GLU A 66 9.54 -0.80 -12.20
C GLU A 66 9.93 -1.71 -13.38
N ASP A 67 10.35 -1.10 -14.49
CA ASP A 67 10.76 -1.86 -15.68
C ASP A 67 9.59 -2.70 -16.22
N SER A 68 8.36 -2.28 -15.89
CA SER A 68 7.12 -2.99 -16.23
C SER A 68 7.02 -4.35 -15.50
N ILE A 69 7.84 -4.51 -14.47
CA ILE A 69 7.86 -5.73 -13.65
C ILE A 69 7.34 -5.46 -12.22
N PRO A 70 6.32 -6.22 -11.77
CA PRO A 70 5.82 -6.14 -10.40
C PRO A 70 6.82 -6.73 -9.39
N VAL A 71 7.46 -5.86 -8.61
CA VAL A 71 8.50 -6.30 -7.66
C VAL A 71 7.88 -6.83 -6.36
N LEU A 72 7.86 -8.15 -6.20
CA LEU A 72 7.20 -8.80 -5.06
C LEU A 72 8.17 -9.03 -3.88
N LEU A 73 9.25 -8.26 -3.83
CA LEU A 73 10.26 -8.42 -2.80
C LEU A 73 9.82 -7.81 -1.46
N PRO A 74 10.09 -8.49 -0.32
CA PRO A 74 9.66 -8.03 1.02
C PRO A 74 10.13 -6.61 1.38
N GLU A 75 11.35 -6.24 0.98
CA GLU A 75 11.89 -4.92 1.30
C GLU A 75 11.24 -3.79 0.47
N GLU A 76 10.39 -4.16 -0.49
CA GLU A 76 9.66 -3.17 -1.30
C GLU A 76 8.33 -2.78 -0.64
N ALA A 77 7.98 -3.48 0.44
CA ALA A 77 6.69 -3.27 1.12
C ALA A 77 6.55 -1.85 1.71
N ILE A 78 5.47 -1.17 1.33
CA ILE A 78 5.14 0.16 1.86
C ILE A 78 3.94 0.09 2.81
N ALA A 79 4.10 0.62 4.03
CA ALA A 79 3.06 0.56 5.06
C ALA A 79 2.04 1.71 4.94
N THR A 80 0.85 1.39 4.44
CA THR A 80 -0.23 2.38 4.28
C THR A 80 -0.59 3.05 5.61
N ILE A 81 -0.40 2.31 6.70
CA ILE A 81 -0.78 2.79 8.04
C ILE A 81 -0.02 4.07 8.45
N GLN A 82 1.16 4.29 7.87
CA GLN A 82 1.97 5.48 8.22
C GLN A 82 1.98 6.53 7.11
N ILE A 83 1.01 6.46 6.20
CA ILE A 83 0.88 7.47 5.14
C ILE A 83 -0.11 8.59 5.55
N ALA A 84 0.45 9.74 5.91
CA ALA A 84 -0.35 10.87 6.41
C ALA A 84 -1.47 11.31 5.45
N ASN A 85 -1.25 11.11 4.14
CA ASN A 85 -2.23 11.51 3.12
C ASN A 85 -3.12 10.33 2.66
N PHE A 86 -3.06 9.20 3.36
CA PHE A 86 -3.85 8.03 3.01
C PHE A 86 -5.35 8.24 3.33
N PRO A 87 -6.25 7.96 2.36
CA PRO A 87 -7.70 7.98 2.60
C PRO A 87 -8.14 6.83 3.52
N ASP A 88 -8.16 7.09 4.83
CA ASP A 88 -8.49 6.06 5.82
C ASP A 88 -10.01 5.77 5.84
N LYS A 89 -10.44 4.89 6.74
CA LYS A 89 -11.82 4.36 6.73
C LYS A 89 -12.61 4.84 7.96
N LEU A 90 -13.87 4.43 8.03
CA LEU A 90 -14.71 4.72 9.19
C LEU A 90 -14.53 3.64 10.28
N GLU A 91 -13.52 3.83 11.10
CA GLU A 91 -13.24 2.91 12.21
C GLU A 91 -13.39 3.62 13.57
N HIS A 92 -14.38 3.19 14.35
CA HIS A 92 -14.67 3.81 15.65
C HIS A 92 -13.48 3.70 16.60
N HIS A 93 -12.95 2.49 16.77
CA HIS A 93 -11.77 2.27 17.60
C HIS A 93 -10.51 2.51 16.75
N HIS A 94 -10.15 3.78 16.60
CA HIS A 94 -9.11 4.20 15.65
C HIS A 94 -7.70 3.74 16.08
N HIS A 95 -7.22 4.24 17.22
CA HIS A 95 -5.89 3.86 17.77
C HIS A 95 -4.72 4.47 16.96
N HIS A 96 -4.91 4.63 15.65
CA HIS A 96 -3.90 5.22 14.77
C HIS A 96 -3.43 6.61 15.24
N HIS A 97 -2.13 6.87 15.09
CA HIS A 97 -1.55 8.19 15.39
C HIS A 97 -0.51 8.59 14.32
N MET A 1 -7.92 9.01 11.31
CA MET A 1 -7.30 7.66 11.28
C MET A 1 -7.35 6.99 12.67
N ASP A 2 -8.37 6.17 12.89
CA ASP A 2 -8.55 5.48 14.18
C ASP A 2 -7.89 4.09 14.17
N ARG A 3 -6.85 3.91 14.99
CA ARG A 3 -6.17 2.61 15.10
C ARG A 3 -6.79 1.76 16.24
N LYS A 4 -7.26 2.43 17.29
CA LYS A 4 -7.86 1.74 18.45
C LYS A 4 -9.17 1.02 18.06
N LEU A 5 -9.87 1.55 17.08
CA LEU A 5 -11.10 0.91 16.57
C LEU A 5 -10.78 -0.36 15.76
N LEU A 6 -9.49 -0.57 15.48
CA LEU A 6 -9.02 -1.78 14.79
C LEU A 6 -8.12 -2.61 15.73
N HIS A 7 -8.21 -2.33 17.02
CA HIS A 7 -7.37 -3.00 18.04
C HIS A 7 -8.02 -4.31 18.56
N LEU A 8 -9.16 -4.67 17.98
CA LEU A 8 -9.90 -5.86 18.41
C LEU A 8 -9.32 -7.14 17.78
N LEU A 9 -9.42 -8.25 18.51
CA LEU A 9 -8.95 -9.56 18.04
C LEU A 9 -9.65 -9.95 16.71
N CYS A 10 -8.85 -10.28 15.70
CA CYS A 10 -9.38 -10.71 14.40
C CYS A 10 -8.70 -12.02 13.93
N SER A 11 -9.32 -12.68 12.96
CA SER A 11 -8.78 -13.92 12.38
C SER A 11 -7.87 -13.60 11.17
N PRO A 12 -7.00 -14.54 10.75
CA PRO A 12 -6.02 -14.31 9.67
C PRO A 12 -6.62 -14.34 8.25
N ASP A 13 -7.68 -13.58 8.02
CA ASP A 13 -8.29 -13.47 6.68
C ASP A 13 -7.43 -12.61 5.74
N THR A 14 -6.45 -11.90 6.31
CA THR A 14 -5.75 -10.83 5.60
C THR A 14 -4.75 -11.31 4.53
N ARG A 15 -4.69 -12.61 4.26
CA ARG A 15 -3.87 -13.11 3.16
C ARG A 15 -4.60 -12.87 1.82
N GLN A 16 -4.63 -11.61 1.41
CA GLN A 16 -5.37 -11.18 0.22
C GLN A 16 -4.42 -10.99 -0.98
N PRO A 17 -4.85 -11.41 -2.18
CA PRO A 17 -4.06 -11.27 -3.41
C PRO A 17 -3.75 -9.81 -3.78
N LEU A 18 -2.80 -9.62 -4.70
CA LEU A 18 -2.40 -8.29 -5.14
C LEU A 18 -3.13 -7.87 -6.43
N SER A 19 -3.40 -6.57 -6.55
CA SER A 19 -4.03 -6.00 -7.76
C SER A 19 -3.34 -4.70 -8.17
N LEU A 20 -3.68 -4.17 -9.34
CA LEU A 20 -3.10 -2.91 -9.81
C LEU A 20 -3.71 -1.71 -9.07
N LEU A 21 -2.85 -0.85 -8.52
CA LEU A 21 -3.31 0.32 -7.73
C LEU A 21 -3.85 1.43 -8.63
N GLU A 22 -5.10 1.82 -8.39
CA GLU A 22 -5.76 2.87 -9.17
C GLU A 22 -5.04 4.22 -9.04
N SER A 23 -4.94 4.93 -10.16
CA SER A 23 -4.24 6.24 -10.22
C SER A 23 -4.72 7.22 -9.14
N LYS A 24 -6.03 7.24 -8.89
CA LYS A 24 -6.59 8.15 -7.87
C LYS A 24 -6.05 7.84 -6.46
N GLY A 25 -5.86 6.56 -6.17
CA GLY A 25 -5.21 6.17 -4.92
C GLY A 25 -3.70 6.39 -4.96
N LEU A 26 -3.09 6.08 -6.10
CA LEU A 26 -1.64 6.15 -6.29
C LEU A 26 -1.09 7.56 -6.01
N GLU A 27 -1.86 8.59 -6.33
CA GLU A 27 -1.43 9.97 -6.09
C GLU A 27 -1.13 10.21 -4.60
N ALA A 28 -1.91 9.59 -3.72
CA ALA A 28 -1.72 9.71 -2.27
C ALA A 28 -0.32 9.23 -1.86
N LEU A 29 0.14 8.15 -2.49
CA LEU A 29 1.49 7.61 -2.25
C LEU A 29 2.55 8.61 -2.73
N ASN A 30 2.43 9.06 -3.97
CA ASN A 30 3.37 10.02 -4.57
C ASN A 30 3.45 11.33 -3.74
N LYS A 31 2.30 11.83 -3.31
CA LYS A 31 2.25 13.03 -2.45
C LYS A 31 3.06 12.83 -1.17
N ALA A 32 2.83 11.69 -0.50
CA ALA A 32 3.57 11.36 0.73
C ALA A 32 5.08 11.20 0.45
N ILE A 33 5.42 10.69 -0.74
CA ILE A 33 6.82 10.57 -1.16
C ILE A 33 7.48 11.97 -1.28
N VAL A 34 6.77 12.91 -1.90
CA VAL A 34 7.25 14.29 -1.97
C VAL A 34 7.41 14.87 -0.56
N SER A 35 6.47 14.54 0.31
CA SER A 35 6.51 14.95 1.72
C SER A 35 7.70 14.28 2.46
N GLY A 36 8.16 13.15 1.94
CA GLY A 36 9.30 12.46 2.55
C GLY A 36 8.95 11.69 3.81
N THR A 37 7.69 11.25 3.92
CA THR A 37 7.21 10.54 5.12
C THR A 37 6.86 9.08 4.83
N VAL A 38 7.36 8.55 3.71
CA VAL A 38 7.09 7.17 3.31
C VAL A 38 8.21 6.21 3.75
N GLN A 39 8.01 5.55 4.89
CA GLN A 39 8.91 4.49 5.34
C GLN A 39 8.46 3.13 4.79
N ARG A 40 9.40 2.42 4.17
CA ARG A 40 9.15 1.07 3.65
C ARG A 40 9.03 0.04 4.80
N ALA A 41 8.79 -1.23 4.46
CA ALA A 41 8.74 -2.31 5.45
C ALA A 41 9.99 -2.34 6.34
N ASP A 42 11.14 -2.09 5.73
CA ASP A 42 12.43 -2.10 6.44
C ASP A 42 12.86 -0.68 6.89
N GLY A 43 11.89 0.24 7.01
CA GLY A 43 12.17 1.57 7.56
C GLY A 43 12.88 2.53 6.59
N SER A 44 13.28 2.04 5.43
CA SER A 44 13.96 2.88 4.42
C SER A 44 13.01 3.90 3.79
N ILE A 45 13.47 5.14 3.61
CA ILE A 45 12.64 6.19 3.01
C ILE A 45 12.47 5.99 1.49
N GLN A 46 11.22 5.99 1.03
CA GLN A 46 10.95 5.92 -0.41
C GLN A 46 11.12 7.32 -1.04
N ASN A 47 12.30 7.57 -1.59
CA ASN A 47 12.66 8.90 -2.09
C ASN A 47 12.18 9.15 -3.53
N GLN A 48 12.11 8.09 -4.32
CA GLN A 48 11.73 8.20 -5.74
C GLN A 48 10.24 7.86 -5.95
N SER A 49 9.49 8.85 -6.44
CA SER A 49 8.06 8.68 -6.71
C SER A 49 7.81 7.69 -7.86
N LEU A 50 7.19 6.56 -7.52
CA LEU A 50 6.94 5.50 -8.50
C LEU A 50 5.70 5.80 -9.38
N HIS A 51 5.82 5.51 -10.68
CA HIS A 51 4.74 5.76 -11.64
C HIS A 51 3.67 4.66 -11.63
N GLU A 52 4.06 3.47 -11.20
CA GLU A 52 3.13 2.33 -11.16
C GLU A 52 3.32 1.51 -9.88
N ALA A 53 2.25 0.94 -9.34
CA ALA A 53 2.29 0.23 -8.06
C ALA A 53 1.22 -0.85 -7.92
N LEU A 54 1.47 -1.82 -7.04
CA LEU A 54 0.50 -2.85 -6.70
C LEU A 54 -0.14 -2.57 -5.34
N ILE A 55 -1.40 -2.95 -5.18
CA ILE A 55 -2.12 -2.76 -3.93
C ILE A 55 -2.73 -4.08 -3.44
N THR A 56 -2.65 -4.33 -2.13
CA THR A 56 -3.33 -5.49 -1.54
C THR A 56 -4.85 -5.30 -1.53
N ARG A 57 -5.61 -6.38 -1.62
CA ARG A 57 -7.08 -6.30 -1.68
C ARG A 57 -7.70 -5.62 -0.44
N ASP A 58 -6.91 -5.48 0.63
CA ASP A 58 -7.37 -4.78 1.85
C ASP A 58 -6.65 -3.42 2.04
N ARG A 59 -5.85 -3.03 1.04
CA ARG A 59 -5.17 -1.73 1.01
C ARG A 59 -4.20 -1.51 2.21
N LYS A 60 -3.46 -2.55 2.59
CA LYS A 60 -2.45 -2.42 3.66
C LYS A 60 -1.05 -2.15 3.08
N GLN A 61 -0.73 -2.80 1.97
CA GLN A 61 0.62 -2.73 1.38
C GLN A 61 0.59 -2.26 -0.07
N VAL A 62 1.55 -1.40 -0.43
CA VAL A 62 1.70 -0.90 -1.80
C VAL A 62 3.09 -1.26 -2.36
N PHE A 63 3.13 -2.11 -3.38
CA PHE A 63 4.41 -2.57 -3.97
C PHE A 63 4.79 -1.73 -5.20
N ARG A 64 6.08 -1.68 -5.50
CA ARG A 64 6.60 -0.86 -6.60
C ARG A 64 6.73 -1.66 -7.90
N ILE A 65 6.30 -1.05 -9.02
CA ILE A 65 6.49 -1.65 -10.34
C ILE A 65 7.46 -0.82 -11.19
N GLU A 66 8.49 -1.47 -11.72
CA GLU A 66 9.50 -0.79 -12.54
C GLU A 66 10.01 -1.72 -13.66
N ASP A 67 10.36 -1.15 -14.80
CA ASP A 67 10.80 -1.93 -15.97
C ASP A 67 9.68 -2.90 -16.42
N SER A 68 8.43 -2.54 -16.10
CA SER A 68 7.24 -3.40 -16.33
C SER A 68 7.26 -4.63 -15.43
N ILE A 69 8.18 -4.69 -14.48
CA ILE A 69 8.30 -5.80 -13.54
C ILE A 69 7.63 -5.46 -12.20
N PRO A 70 6.60 -6.23 -11.80
CA PRO A 70 5.95 -6.07 -10.49
C PRO A 70 6.84 -6.56 -9.34
N VAL A 71 7.49 -5.63 -8.64
CA VAL A 71 8.40 -5.99 -7.55
C VAL A 71 7.60 -6.41 -6.30
N LEU A 72 7.98 -7.54 -5.70
CA LEU A 72 7.25 -8.09 -4.55
C LEU A 72 8.18 -8.25 -3.32
N LEU A 73 9.04 -7.26 -3.10
CA LEU A 73 10.05 -7.34 -2.04
C LEU A 73 9.72 -6.40 -0.87
N PRO A 74 9.66 -6.93 0.37
CA PRO A 74 9.34 -6.10 1.54
C PRO A 74 10.26 -4.87 1.67
N GLU A 75 11.51 -5.01 1.21
CA GLU A 75 12.48 -3.91 1.30
C GLU A 75 12.11 -2.68 0.46
N GLU A 76 11.14 -2.84 -0.47
CA GLU A 76 10.66 -1.71 -1.28
C GLU A 76 9.17 -1.42 -1.02
N ALA A 77 8.45 -2.44 -0.52
CA ALA A 77 7.00 -2.31 -0.26
C ALA A 77 6.68 -1.18 0.73
N ILE A 78 5.69 -0.36 0.37
CA ILE A 78 5.22 0.75 1.21
C ILE A 78 4.07 0.31 2.13
N ALA A 79 4.11 0.76 3.39
CA ALA A 79 3.03 0.47 4.34
C ALA A 79 2.03 1.65 4.41
N THR A 80 0.76 1.39 4.10
CA THR A 80 -0.26 2.44 4.08
C THR A 80 -0.45 3.09 5.46
N ILE A 81 -0.26 2.31 6.52
CA ILE A 81 -0.36 2.81 7.90
C ILE A 81 0.69 3.92 8.17
N GLN A 82 1.74 3.94 7.36
CA GLN A 82 2.77 4.98 7.46
C GLN A 82 2.37 6.25 6.69
N ILE A 83 1.53 6.07 5.67
CA ILE A 83 1.09 7.19 4.83
C ILE A 83 0.16 8.14 5.61
N ALA A 84 0.72 9.22 6.14
CA ALA A 84 -0.05 10.21 6.92
C ALA A 84 -1.10 10.95 6.09
N ASN A 85 -1.26 10.57 4.82
CA ASN A 85 -2.28 11.16 3.95
C ASN A 85 -3.37 10.13 3.56
N PHE A 86 -3.17 8.88 3.98
CA PHE A 86 -4.13 7.81 3.69
C PHE A 86 -5.45 8.02 4.45
N PRO A 87 -6.59 8.05 3.74
CA PRO A 87 -7.92 8.30 4.37
C PRO A 87 -8.41 7.13 5.23
N ASP A 88 -9.37 7.41 6.12
CA ASP A 88 -9.92 6.41 7.04
C ASP A 88 -10.55 5.21 6.30
N LYS A 89 -10.00 4.01 6.53
CA LYS A 89 -10.60 2.76 6.03
C LYS A 89 -10.71 1.73 7.16
N LEU A 90 -11.86 1.72 7.86
CA LEU A 90 -12.06 0.82 9.00
C LEU A 90 -12.94 -0.38 8.62
N GLU A 91 -12.32 -1.55 8.48
CA GLU A 91 -13.06 -2.79 8.21
C GLU A 91 -13.25 -3.57 9.52
N HIS A 92 -14.42 -4.18 9.71
CA HIS A 92 -14.79 -4.76 11.00
C HIS A 92 -15.47 -6.14 10.84
N HIS A 93 -15.06 -6.90 9.83
CA HIS A 93 -15.63 -8.25 9.60
C HIS A 93 -15.60 -9.11 10.88
N HIS A 94 -16.77 -9.59 11.30
CA HIS A 94 -16.88 -10.45 12.48
C HIS A 94 -16.09 -11.76 12.30
N HIS A 95 -14.99 -11.90 13.03
CA HIS A 95 -14.16 -13.10 12.97
C HIS A 95 -14.96 -14.37 13.35
N HIS A 96 -14.57 -15.50 12.79
CA HIS A 96 -15.24 -16.78 13.07
C HIS A 96 -15.15 -17.17 14.56
N HIS A 97 -16.04 -18.07 14.98
CA HIS A 97 -16.09 -18.54 16.39
C HIS A 97 -15.89 -20.06 16.48
N MET A 1 -17.42 0.47 1.37
CA MET A 1 -16.93 -0.91 1.16
C MET A 1 -18.08 -1.93 1.16
N ASP A 2 -17.75 -3.22 1.17
CA ASP A 2 -18.78 -4.27 1.06
C ASP A 2 -19.41 -4.59 2.43
N ARG A 3 -20.60 -5.17 2.39
CA ARG A 3 -21.34 -5.50 3.62
C ARG A 3 -21.32 -7.01 3.92
N LYS A 4 -21.32 -7.84 2.86
CA LYS A 4 -21.34 -9.30 3.03
C LYS A 4 -19.98 -9.80 3.55
N LEU A 5 -18.91 -9.09 3.17
CA LEU A 5 -17.55 -9.42 3.64
C LEU A 5 -17.45 -9.42 5.17
N LEU A 6 -18.37 -8.74 5.84
CA LEU A 6 -18.43 -8.74 7.31
C LEU A 6 -19.01 -10.06 7.83
N HIS A 7 -19.88 -10.69 7.04
CA HIS A 7 -20.53 -11.94 7.42
C HIS A 7 -19.77 -13.17 6.89
N LEU A 8 -18.90 -12.96 5.90
CA LEU A 8 -18.09 -14.05 5.31
C LEU A 8 -16.91 -14.43 6.21
N LEU A 9 -16.38 -15.63 6.00
CA LEU A 9 -15.20 -16.13 6.73
C LEU A 9 -13.99 -15.19 6.52
N CYS A 10 -13.30 -14.86 7.61
CA CYS A 10 -12.19 -13.91 7.55
C CYS A 10 -10.90 -14.54 6.98
N SER A 11 -10.26 -13.83 6.05
CA SER A 11 -9.02 -14.31 5.42
C SER A 11 -7.79 -13.73 6.13
N PRO A 12 -6.66 -14.47 6.14
CA PRO A 12 -5.41 -13.99 6.78
C PRO A 12 -5.02 -12.57 6.36
N ASP A 13 -5.06 -11.63 7.33
CA ASP A 13 -4.73 -10.22 7.08
C ASP A 13 -3.35 -10.06 6.42
N THR A 14 -2.43 -10.97 6.74
CA THR A 14 -1.07 -10.92 6.20
C THR A 14 -0.99 -11.47 4.77
N ARG A 15 -1.82 -12.47 4.46
CA ARG A 15 -1.78 -13.13 3.15
C ARG A 15 -3.04 -12.84 2.32
N GLN A 16 -2.94 -11.88 1.40
CA GLN A 16 -4.07 -11.50 0.55
C GLN A 16 -3.64 -11.40 -0.93
N PRO A 17 -4.57 -11.58 -1.88
CA PRO A 17 -4.29 -11.43 -3.32
C PRO A 17 -3.66 -10.06 -3.67
N LEU A 18 -2.58 -10.09 -4.45
CA LEU A 18 -1.85 -8.88 -4.84
C LEU A 18 -2.47 -8.27 -6.12
N SER A 19 -2.96 -7.04 -6.03
CA SER A 19 -3.69 -6.39 -7.12
C SER A 19 -2.98 -5.13 -7.65
N LEU A 20 -3.55 -4.52 -8.69
CA LEU A 20 -3.03 -3.26 -9.24
C LEU A 20 -3.61 -2.06 -8.46
N LEU A 21 -2.79 -1.07 -8.15
CA LEU A 21 -3.21 0.07 -7.31
C LEU A 21 -4.04 1.11 -8.08
N GLU A 22 -5.18 1.50 -7.49
CA GLU A 22 -6.03 2.56 -8.03
C GLU A 22 -5.25 3.89 -8.16
N SER A 23 -5.47 4.61 -9.26
CA SER A 23 -4.72 5.86 -9.52
C SER A 23 -4.95 6.91 -8.41
N LYS A 24 -6.16 6.92 -7.83
CA LYS A 24 -6.45 7.78 -6.66
C LYS A 24 -5.46 7.53 -5.53
N GLY A 25 -5.14 6.26 -5.29
CA GLY A 25 -4.11 5.92 -4.31
C GLY A 25 -2.70 6.19 -4.83
N LEU A 26 -2.48 5.87 -6.10
CA LEU A 26 -1.17 6.00 -6.74
C LEU A 26 -0.58 7.40 -6.57
N GLU A 27 -1.37 8.43 -6.87
CA GLU A 27 -0.93 9.82 -6.70
C GLU A 27 -0.70 10.15 -5.22
N ALA A 28 -1.47 9.51 -4.33
CA ALA A 28 -1.32 9.73 -2.88
C ALA A 28 0.03 9.20 -2.38
N LEU A 29 0.46 8.06 -2.93
CA LEU A 29 1.79 7.50 -2.65
C LEU A 29 2.89 8.48 -3.08
N ASN A 30 2.81 8.96 -4.33
CA ASN A 30 3.79 9.92 -4.85
C ASN A 30 3.85 11.21 -4.01
N LYS A 31 2.69 11.75 -3.65
CA LYS A 31 2.61 12.93 -2.78
C LYS A 31 3.33 12.68 -1.44
N ALA A 32 3.12 11.49 -0.88
CA ALA A 32 3.75 11.09 0.38
C ALA A 32 5.27 10.91 0.22
N ILE A 33 5.68 10.43 -0.95
CA ILE A 33 7.11 10.29 -1.27
C ILE A 33 7.81 11.65 -1.30
N VAL A 34 7.19 12.63 -1.96
CA VAL A 34 7.69 14.01 -1.96
C VAL A 34 7.68 14.60 -0.54
N SER A 35 6.69 14.20 0.26
CA SER A 35 6.58 14.64 1.65
C SER A 35 7.50 13.85 2.59
N GLY A 36 8.21 12.86 2.03
CA GLY A 36 9.18 12.07 2.80
C GLY A 36 8.57 11.36 4.02
N THR A 37 7.39 10.78 3.85
CA THR A 37 6.72 10.05 4.95
C THR A 37 6.54 8.56 4.61
N VAL A 38 7.08 8.14 3.48
CA VAL A 38 6.95 6.75 3.01
C VAL A 38 8.08 5.86 3.55
N GLN A 39 7.75 5.00 4.51
CA GLN A 39 8.70 4.01 5.03
C GLN A 39 8.33 2.59 4.57
N ARG A 40 9.32 1.87 4.04
CA ARG A 40 9.13 0.47 3.64
C ARG A 40 9.23 -0.47 4.85
N ALA A 41 9.24 -1.79 4.59
CA ALA A 41 9.34 -2.80 5.65
C ALA A 41 10.51 -2.56 6.61
N ASP A 42 11.69 -2.24 6.06
CA ASP A 42 12.88 -1.96 6.88
C ASP A 42 12.83 -0.55 7.50
N GLY A 43 11.74 0.17 7.25
CA GLY A 43 11.62 1.55 7.73
C GLY A 43 12.33 2.56 6.82
N SER A 44 12.94 2.04 5.74
CA SER A 44 13.67 2.88 4.79
C SER A 44 12.77 3.92 4.12
N ILE A 45 13.26 5.15 4.02
CA ILE A 45 12.51 6.24 3.39
C ILE A 45 12.59 6.17 1.86
N GLN A 46 11.43 6.06 1.21
CA GLN A 46 11.38 6.09 -0.27
C GLN A 46 11.32 7.54 -0.77
N ASN A 47 12.44 8.00 -1.34
CA ASN A 47 12.54 9.38 -1.84
C ASN A 47 12.30 9.44 -3.35
N GLN A 48 12.27 8.28 -3.99
CA GLN A 48 12.07 8.17 -5.44
C GLN A 48 10.60 7.85 -5.78
N SER A 49 9.94 8.78 -6.46
CA SER A 49 8.53 8.62 -6.85
C SER A 49 8.31 7.43 -7.80
N LEU A 50 7.08 6.94 -7.87
CA LEU A 50 6.74 5.78 -8.69
C LEU A 50 5.55 6.05 -9.63
N HIS A 51 5.64 5.55 -10.86
CA HIS A 51 4.62 5.82 -11.88
C HIS A 51 3.45 4.83 -11.82
N GLU A 52 3.69 3.64 -11.26
CA GLU A 52 2.63 2.64 -11.09
C GLU A 52 2.93 1.74 -9.87
N ALA A 53 1.90 1.18 -9.26
CA ALA A 53 2.06 0.40 -8.02
C ALA A 53 1.03 -0.73 -7.90
N LEU A 54 1.18 -1.52 -6.83
CA LEU A 54 0.34 -2.70 -6.59
C LEU A 54 -0.27 -2.65 -5.18
N ILE A 55 -1.54 -3.05 -5.03
CA ILE A 55 -2.25 -2.91 -3.76
C ILE A 55 -2.81 -4.26 -3.24
N THR A 56 -2.74 -4.46 -1.93
CA THR A 56 -3.39 -5.60 -1.28
C THR A 56 -4.92 -5.40 -1.21
N ARG A 57 -5.67 -6.50 -1.14
CA ARG A 57 -7.15 -6.42 -1.18
C ARG A 57 -7.74 -5.57 -0.03
N ASP A 58 -7.13 -5.62 1.15
CA ASP A 58 -7.61 -4.83 2.29
C ASP A 58 -6.92 -3.45 2.35
N ARG A 59 -6.05 -3.19 1.36
CA ARG A 59 -5.35 -1.90 1.26
C ARG A 59 -4.34 -1.69 2.40
N LYS A 60 -3.77 -2.79 2.91
CA LYS A 60 -2.79 -2.73 3.99
C LYS A 60 -1.37 -2.43 3.45
N GLN A 61 -0.91 -3.27 2.53
CA GLN A 61 0.44 -3.14 1.96
C GLN A 61 0.39 -2.74 0.48
N VAL A 62 1.44 -2.06 0.03
CA VAL A 62 1.59 -1.62 -1.36
C VAL A 62 2.95 -2.04 -1.92
N PHE A 63 3.00 -2.36 -3.21
CA PHE A 63 4.26 -2.66 -3.89
C PHE A 63 4.48 -1.71 -5.08
N ARG A 64 5.70 -1.65 -5.60
CA ARG A 64 6.05 -0.70 -6.65
C ARG A 64 6.17 -1.35 -8.04
N ILE A 65 5.90 -0.58 -9.08
CA ILE A 65 6.19 -0.99 -10.45
C ILE A 65 7.06 0.07 -11.15
N GLU A 66 8.26 -0.31 -11.55
CA GLU A 66 9.19 0.61 -12.21
C GLU A 66 9.71 0.01 -13.52
N ASP A 67 9.63 0.78 -14.61
CA ASP A 67 10.11 0.35 -15.92
C ASP A 67 9.38 -0.93 -16.39
N SER A 68 8.07 -1.01 -16.08
CA SER A 68 7.22 -2.18 -16.41
C SER A 68 7.58 -3.42 -15.58
N ILE A 69 8.50 -3.27 -14.62
CA ILE A 69 8.91 -4.37 -13.75
C ILE A 69 8.13 -4.34 -12.43
N PRO A 70 7.29 -5.37 -12.15
CA PRO A 70 6.53 -5.45 -10.89
C PRO A 70 7.42 -5.80 -9.69
N VAL A 71 7.73 -4.79 -8.88
CA VAL A 71 8.63 -4.95 -7.74
C VAL A 71 7.87 -5.51 -6.51
N LEU A 72 7.84 -6.85 -6.41
CA LEU A 72 7.23 -7.54 -5.27
C LEU A 72 8.22 -7.71 -4.09
N LEU A 73 9.25 -6.86 -4.07
CA LEU A 73 10.29 -6.94 -3.03
C LEU A 73 9.77 -6.46 -1.66
N PRO A 74 10.01 -7.24 -0.58
CA PRO A 74 9.63 -6.84 0.79
C PRO A 74 10.29 -5.52 1.23
N GLU A 75 11.52 -5.28 0.78
CA GLU A 75 12.24 -4.03 1.10
C GLU A 75 11.60 -2.82 0.40
N GLU A 76 10.71 -3.06 -0.55
CA GLU A 76 9.97 -1.99 -1.24
C GLU A 76 8.48 -2.02 -0.84
N ALA A 77 8.14 -2.89 0.12
CA ALA A 77 6.76 -3.00 0.61
C ALA A 77 6.33 -1.74 1.39
N ILE A 78 5.43 -0.95 0.79
CA ILE A 78 4.93 0.27 1.41
C ILE A 78 3.77 -0.02 2.38
N ALA A 79 3.79 0.64 3.55
CA ALA A 79 2.70 0.51 4.52
C ALA A 79 1.76 1.75 4.47
N THR A 80 0.51 1.53 4.07
CA THR A 80 -0.47 2.63 3.89
C THR A 80 -0.70 3.42 5.18
N ILE A 81 -0.55 2.75 6.33
CA ILE A 81 -0.77 3.37 7.64
C ILE A 81 0.16 4.57 7.89
N GLN A 82 1.31 4.58 7.21
CA GLN A 82 2.29 5.66 7.37
C GLN A 82 2.10 6.78 6.32
N ILE A 83 1.15 6.60 5.41
CA ILE A 83 0.90 7.56 4.34
C ILE A 83 -0.06 8.67 4.79
N ALA A 84 0.50 9.85 5.09
CA ALA A 84 -0.29 11.00 5.57
C ALA A 84 -1.38 11.43 4.59
N ASN A 85 -1.21 11.08 3.32
CA ASN A 85 -2.18 11.46 2.27
C ASN A 85 -3.31 10.43 2.13
N PHE A 86 -3.24 9.34 2.89
CA PHE A 86 -4.29 8.32 2.88
C PHE A 86 -5.38 8.65 3.92
N PRO A 87 -6.67 8.49 3.55
CA PRO A 87 -7.81 8.76 4.47
C PRO A 87 -7.76 7.93 5.77
N ASP A 88 -7.93 8.60 6.90
CA ASP A 88 -7.85 7.95 8.21
C ASP A 88 -9.22 7.38 8.68
N LYS A 89 -9.36 6.06 8.66
CA LYS A 89 -10.55 5.41 9.19
C LYS A 89 -10.48 5.31 10.73
N LEU A 90 -11.48 5.87 11.41
CA LEU A 90 -11.48 5.96 12.87
C LEU A 90 -11.80 4.61 13.55
N GLU A 91 -11.84 3.56 12.75
CA GLU A 91 -12.08 2.20 13.25
C GLU A 91 -10.82 1.60 13.87
N HIS A 92 -9.66 2.12 13.50
CA HIS A 92 -8.38 1.68 14.08
C HIS A 92 -7.76 2.80 14.94
N HIS A 93 -7.51 2.51 16.21
CA HIS A 93 -7.04 3.52 17.16
C HIS A 93 -6.17 2.91 18.28
N HIS A 94 -4.97 3.46 18.46
CA HIS A 94 -4.08 3.05 19.57
C HIS A 94 -4.11 4.08 20.70
N HIS A 95 -3.62 3.69 21.87
CA HIS A 95 -3.66 4.55 23.06
C HIS A 95 -2.41 5.46 23.16
N HIS A 96 -2.58 6.75 22.90
CA HIS A 96 -1.45 7.70 22.93
C HIS A 96 -1.30 8.40 24.30
N HIS A 97 -2.42 8.76 24.92
CA HIS A 97 -2.38 9.42 26.25
C HIS A 97 -2.54 8.41 27.40
N MET A 1 -16.07 2.75 14.39
CA MET A 1 -15.48 3.26 15.66
C MET A 1 -15.92 2.43 16.88
N ASP A 2 -16.60 1.31 16.64
CA ASP A 2 -17.12 0.47 17.72
C ASP A 2 -16.23 -0.74 18.00
N ARG A 3 -15.51 -0.72 19.12
CA ARG A 3 -14.73 -1.90 19.55
C ARG A 3 -15.66 -3.07 19.87
N LYS A 4 -16.94 -2.77 20.10
CA LYS A 4 -17.99 -3.79 20.20
C LYS A 4 -18.01 -4.66 18.93
N LEU A 5 -17.87 -4.01 17.77
CA LEU A 5 -17.86 -4.71 16.48
C LEU A 5 -16.43 -5.17 16.13
N LEU A 6 -15.43 -4.36 16.49
CA LEU A 6 -14.02 -4.70 16.24
C LEU A 6 -13.57 -5.91 17.07
N HIS A 7 -13.92 -7.10 16.61
CA HIS A 7 -13.51 -8.34 17.27
C HIS A 7 -12.17 -8.85 16.73
N LEU A 8 -11.55 -8.06 15.84
CA LEU A 8 -10.28 -8.42 15.19
C LEU A 8 -10.45 -9.55 14.16
N LEU A 9 -11.71 -9.85 13.79
CA LEU A 9 -12.01 -10.76 12.69
C LEU A 9 -11.67 -10.06 11.37
N CYS A 10 -10.47 -10.32 10.85
CA CYS A 10 -9.95 -9.61 9.67
C CYS A 10 -9.34 -10.57 8.65
N SER A 11 -8.96 -10.02 7.50
CA SER A 11 -8.35 -10.80 6.41
C SER A 11 -6.82 -10.81 6.51
N PRO A 12 -6.18 -11.98 6.30
CA PRO A 12 -4.72 -12.07 6.23
C PRO A 12 -4.17 -11.37 4.98
N ASP A 13 -3.90 -10.07 5.10
CA ASP A 13 -3.44 -9.26 3.97
C ASP A 13 -2.18 -9.84 3.31
N THR A 14 -1.27 -10.38 4.13
CA THR A 14 -0.04 -11.01 3.65
C THR A 14 -0.30 -12.38 2.99
N ARG A 15 -1.57 -12.69 2.73
CA ARG A 15 -1.96 -13.91 2.00
C ARG A 15 -2.91 -13.56 0.84
N GLN A 16 -3.11 -12.27 0.61
CA GLN A 16 -4.04 -11.79 -0.42
C GLN A 16 -3.35 -11.63 -1.80
N PRO A 17 -4.10 -11.83 -2.90
CA PRO A 17 -3.60 -11.54 -4.25
C PRO A 17 -3.48 -10.03 -4.50
N LEU A 18 -2.41 -9.61 -5.18
CA LEU A 18 -2.14 -8.17 -5.40
C LEU A 18 -2.92 -7.61 -6.61
N SER A 19 -3.27 -6.33 -6.52
CA SER A 19 -4.02 -5.64 -7.60
C SER A 19 -3.33 -4.33 -8.01
N LEU A 20 -3.71 -3.79 -9.17
CA LEU A 20 -3.15 -2.53 -9.66
C LEU A 20 -3.67 -1.34 -8.83
N LEU A 21 -2.74 -0.55 -8.28
CA LEU A 21 -3.08 0.59 -7.42
C LEU A 21 -3.89 1.67 -8.17
N GLU A 22 -5.09 1.95 -7.66
CA GLU A 22 -5.95 3.00 -8.20
C GLU A 22 -5.23 4.35 -8.27
N SER A 23 -5.30 5.03 -9.42
CA SER A 23 -4.56 6.29 -9.63
C SER A 23 -4.93 7.36 -8.58
N LYS A 24 -6.18 7.33 -8.11
CA LYS A 24 -6.60 8.22 -7.02
C LYS A 24 -5.78 7.95 -5.74
N GLY A 25 -5.47 6.68 -5.50
CA GLY A 25 -4.56 6.31 -4.41
C GLY A 25 -3.10 6.57 -4.76
N LEU A 26 -2.73 6.36 -6.02
CA LEU A 26 -1.36 6.54 -6.49
C LEU A 26 -0.80 7.93 -6.14
N GLU A 27 -1.58 8.97 -6.45
CA GLU A 27 -1.17 10.34 -6.12
C GLU A 27 -0.95 10.52 -4.61
N ALA A 28 -1.69 9.76 -3.81
CA ALA A 28 -1.53 9.80 -2.35
C ALA A 28 -0.12 9.36 -1.94
N LEU A 29 0.34 8.27 -2.53
CA LEU A 29 1.71 7.79 -2.30
C LEU A 29 2.72 8.82 -2.81
N ASN A 30 2.48 9.37 -4.02
CA ASN A 30 3.36 10.39 -4.60
C ASN A 30 3.51 11.61 -3.68
N LYS A 31 2.38 12.13 -3.22
CA LYS A 31 2.37 13.30 -2.32
C LYS A 31 3.08 12.99 -0.98
N ALA A 32 2.86 11.78 -0.46
CA ALA A 32 3.53 11.35 0.78
C ALA A 32 5.06 11.23 0.59
N ILE A 33 5.47 10.73 -0.58
CA ILE A 33 6.90 10.63 -0.93
C ILE A 33 7.54 12.01 -1.03
N VAL A 34 6.91 12.90 -1.78
CA VAL A 34 7.38 14.29 -1.91
C VAL A 34 7.38 15.01 -0.55
N SER A 35 6.43 14.62 0.31
CA SER A 35 6.36 15.16 1.68
C SER A 35 7.51 14.60 2.56
N GLY A 36 8.12 13.50 2.10
CA GLY A 36 9.23 12.90 2.83
C GLY A 36 8.82 12.19 4.11
N THR A 37 7.75 11.39 4.04
CA THR A 37 7.27 10.65 5.22
C THR A 37 7.00 9.17 4.90
N VAL A 38 7.59 8.67 3.82
CA VAL A 38 7.38 7.28 3.39
C VAL A 38 8.53 6.36 3.83
N GLN A 39 8.31 5.63 4.91
CA GLN A 39 9.28 4.61 5.36
C GLN A 39 9.05 3.28 4.63
N ARG A 40 10.13 2.59 4.30
CA ARG A 40 10.03 1.28 3.65
C ARG A 40 9.76 0.17 4.67
N ALA A 41 9.37 -1.02 4.20
CA ALA A 41 9.22 -2.18 5.07
C ALA A 41 10.51 -2.45 5.85
N ASP A 42 11.64 -2.27 5.17
CA ASP A 42 12.95 -2.27 5.82
C ASP A 42 13.06 -1.14 6.85
N GLY A 43 12.88 0.09 6.39
CA GLY A 43 12.98 1.26 7.27
C GLY A 43 13.51 2.48 6.53
N SER A 44 14.26 2.25 5.45
CA SER A 44 14.79 3.34 4.61
C SER A 44 13.68 4.23 4.05
N ILE A 45 13.97 5.53 3.93
CA ILE A 45 13.00 6.48 3.36
C ILE A 45 12.97 6.38 1.82
N GLN A 46 11.78 6.13 1.27
CA GLN A 46 11.61 6.04 -0.18
C GLN A 46 11.47 7.43 -0.83
N ASN A 47 12.50 7.84 -1.57
CA ASN A 47 12.47 9.12 -2.29
C ASN A 47 11.99 8.95 -3.74
N GLN A 48 11.88 7.69 -4.18
CA GLN A 48 11.42 7.39 -5.53
C GLN A 48 9.90 7.58 -5.67
N SER A 49 9.50 8.69 -6.30
CA SER A 49 8.09 8.95 -6.56
C SER A 49 7.54 8.01 -7.65
N LEU A 50 7.15 6.81 -7.24
CA LEU A 50 6.65 5.79 -8.17
C LEU A 50 5.40 6.28 -8.94
N HIS A 51 5.33 5.92 -10.22
CA HIS A 51 4.20 6.29 -11.07
C HIS A 51 3.26 5.08 -11.32
N GLU A 52 3.56 3.97 -10.64
CA GLU A 52 2.74 2.76 -10.72
C GLU A 52 3.11 1.79 -9.59
N ALA A 53 2.12 1.12 -9.02
CA ALA A 53 2.34 0.25 -7.87
C ALA A 53 1.23 -0.81 -7.71
N LEU A 54 1.46 -1.76 -6.81
CA LEU A 54 0.47 -2.82 -6.51
C LEU A 54 -0.10 -2.65 -5.10
N ILE A 55 -1.42 -2.64 -5.01
CA ILE A 55 -2.09 -2.51 -3.71
C ILE A 55 -2.61 -3.87 -3.23
N THR A 56 -2.41 -4.17 -1.94
CA THR A 56 -2.95 -5.40 -1.36
C THR A 56 -4.47 -5.30 -1.16
N ARG A 57 -5.15 -6.44 -1.17
CA ARG A 57 -6.62 -6.44 -1.15
C ARG A 57 -7.23 -6.04 0.21
N ASP A 58 -6.42 -5.92 1.26
CA ASP A 58 -6.89 -5.33 2.53
C ASP A 58 -6.36 -3.90 2.67
N ARG A 59 -5.71 -3.40 1.60
CA ARG A 59 -5.23 -2.01 1.49
C ARG A 59 -4.19 -1.64 2.56
N LYS A 60 -3.42 -2.60 3.04
CA LYS A 60 -2.44 -2.34 4.10
C LYS A 60 -1.01 -2.17 3.57
N GLN A 61 -0.65 -2.88 2.51
CA GLN A 61 0.71 -2.83 1.95
C GLN A 61 0.72 -2.50 0.45
N VAL A 62 1.73 -1.75 0.01
CA VAL A 62 1.89 -1.39 -1.41
C VAL A 62 3.25 -1.86 -1.95
N PHE A 63 3.24 -2.49 -3.13
CA PHE A 63 4.49 -2.94 -3.78
C PHE A 63 4.84 -2.03 -4.96
N ARG A 64 6.11 -2.05 -5.37
CA ARG A 64 6.61 -1.09 -6.36
C ARG A 64 6.76 -1.74 -7.76
N ILE A 65 6.29 -1.03 -8.78
CA ILE A 65 6.48 -1.45 -10.17
C ILE A 65 7.47 -0.51 -10.89
N GLU A 66 8.47 -1.08 -11.54
CA GLU A 66 9.47 -0.30 -12.27
C GLU A 66 9.63 -0.82 -13.71
N ASP A 67 9.84 0.09 -14.65
CA ASP A 67 9.95 -0.25 -16.08
C ASP A 67 8.64 -0.87 -16.60
N SER A 68 8.43 -2.14 -16.31
CA SER A 68 7.20 -2.86 -16.69
C SER A 68 7.02 -4.11 -15.81
N ILE A 69 7.80 -4.18 -14.73
CA ILE A 69 7.90 -5.39 -13.91
C ILE A 69 7.38 -5.16 -12.49
N PRO A 70 6.43 -6.00 -12.02
CA PRO A 70 5.94 -5.94 -10.64
C PRO A 70 6.92 -6.52 -9.62
N VAL A 71 7.61 -5.65 -8.88
CA VAL A 71 8.59 -6.08 -7.87
C VAL A 71 7.89 -6.51 -6.58
N LEU A 72 7.89 -7.80 -6.28
CA LEU A 72 7.16 -8.35 -5.13
C LEU A 72 8.07 -8.57 -3.91
N LEU A 73 9.25 -7.96 -3.94
CA LEU A 73 10.19 -8.05 -2.81
C LEU A 73 9.62 -7.37 -1.55
N PRO A 74 9.57 -8.08 -0.41
CA PRO A 74 8.99 -7.54 0.84
C PRO A 74 9.67 -6.23 1.29
N GLU A 75 10.95 -6.08 0.92
CA GLU A 75 11.71 -4.86 1.22
C GLU A 75 11.05 -3.63 0.58
N GLU A 76 10.51 -3.81 -0.63
CA GLU A 76 9.88 -2.72 -1.39
C GLU A 76 8.51 -2.32 -0.83
N ALA A 77 7.96 -3.14 0.07
CA ALA A 77 6.60 -2.94 0.59
C ALA A 77 6.45 -1.64 1.39
N ILE A 78 5.34 -0.93 1.15
CA ILE A 78 5.01 0.30 1.89
C ILE A 78 3.79 0.08 2.79
N ALA A 79 3.93 0.44 4.07
CA ALA A 79 2.81 0.35 5.02
C ALA A 79 1.88 1.57 4.89
N THR A 80 0.69 1.37 4.34
CA THR A 80 -0.26 2.46 4.09
C THR A 80 -0.68 3.18 5.38
N ILE A 81 -0.50 2.51 6.51
CA ILE A 81 -0.89 3.05 7.82
C ILE A 81 -0.16 4.37 8.14
N GLN A 82 1.03 4.55 7.57
CA GLN A 82 1.81 5.78 7.77
C GLN A 82 1.37 6.89 6.78
N ILE A 83 0.84 6.48 5.64
CA ILE A 83 0.47 7.42 4.57
C ILE A 83 -0.83 8.16 4.93
N ALA A 84 -0.69 9.40 5.40
CA ALA A 84 -1.85 10.23 5.76
C ALA A 84 -2.68 10.60 4.51
N ASN A 85 -1.98 10.81 3.40
CA ASN A 85 -2.63 11.19 2.13
C ASN A 85 -3.45 10.03 1.53
N PHE A 86 -3.22 8.82 2.02
CA PHE A 86 -3.89 7.62 1.52
C PHE A 86 -5.42 7.71 1.70
N PRO A 87 -6.20 7.27 0.68
CA PRO A 87 -7.67 7.25 0.77
C PRO A 87 -8.21 6.41 1.94
N ASP A 88 -9.51 6.55 2.22
CA ASP A 88 -10.16 5.84 3.33
C ASP A 88 -10.29 4.33 3.05
N LYS A 89 -10.30 3.54 4.13
CA LYS A 89 -10.37 2.08 4.02
C LYS A 89 -11.53 1.51 4.85
N LEU A 90 -12.37 0.70 4.21
CA LEU A 90 -13.59 0.17 4.86
C LEU A 90 -13.39 -1.27 5.37
N GLU A 91 -14.45 -1.81 5.98
CA GLU A 91 -14.41 -3.16 6.58
C GLU A 91 -14.25 -4.26 5.51
N HIS A 92 -13.16 -5.02 5.58
CA HIS A 92 -12.89 -6.08 4.60
C HIS A 92 -12.96 -7.49 5.23
N HIS A 93 -13.69 -7.62 6.34
CA HIS A 93 -13.87 -8.92 6.99
C HIS A 93 -14.67 -9.88 6.08
N HIS A 94 -14.09 -11.04 5.75
CA HIS A 94 -14.72 -11.98 4.83
C HIS A 94 -15.30 -13.22 5.54
N HIS A 95 -16.40 -13.74 5.01
CA HIS A 95 -17.02 -14.97 5.51
C HIS A 95 -16.08 -16.17 5.37
N HIS A 96 -15.94 -16.94 6.44
CA HIS A 96 -15.13 -18.17 6.43
C HIS A 96 -16.03 -19.41 6.36
N HIS A 97 -15.43 -20.59 6.13
CA HIS A 97 -16.21 -21.83 6.08
C HIS A 97 -17.04 -22.04 7.37
N MET A 1 -0.90 -5.22 -24.87
CA MET A 1 -1.61 -4.31 -23.93
C MET A 1 -0.99 -4.34 -22.52
N ASP A 2 0.00 -3.46 -22.30
CA ASP A 2 0.69 -3.39 -21.01
C ASP A 2 -0.03 -2.43 -20.03
N ARG A 3 0.37 -2.50 -18.77
CA ARG A 3 -0.17 -1.64 -17.70
C ARG A 3 -0.17 -0.15 -18.13
N LYS A 4 0.95 0.27 -18.71
CA LYS A 4 1.10 1.65 -19.18
C LYS A 4 0.32 1.89 -20.48
N LEU A 5 0.09 0.82 -21.24
CA LEU A 5 -0.61 0.91 -22.54
C LEU A 5 -2.12 0.68 -22.39
N LEU A 6 -2.60 0.60 -21.15
CA LEU A 6 -4.04 0.49 -20.88
C LEU A 6 -4.63 1.83 -20.40
N HIS A 7 -5.84 2.16 -20.87
CA HIS A 7 -6.53 3.38 -20.45
C HIS A 7 -7.00 3.28 -18.98
N LEU A 8 -7.29 2.07 -18.54
CA LEU A 8 -7.70 1.82 -17.16
C LEU A 8 -7.14 0.48 -16.64
N LEU A 9 -7.12 0.32 -15.31
CA LEU A 9 -6.60 -0.91 -14.69
C LEU A 9 -7.44 -2.15 -15.08
N CYS A 10 -6.97 -3.33 -14.69
CA CYS A 10 -7.64 -4.59 -15.04
C CYS A 10 -8.42 -5.15 -13.84
N SER A 11 -9.53 -5.83 -14.13
CA SER A 11 -10.33 -6.48 -13.07
C SER A 11 -9.59 -7.67 -12.44
N PRO A 12 -9.93 -8.04 -11.19
CA PRO A 12 -9.24 -9.14 -10.47
C PRO A 12 -9.63 -10.55 -10.97
N ASP A 13 -9.79 -10.72 -12.28
CA ASP A 13 -10.11 -12.04 -12.86
C ASP A 13 -9.01 -13.07 -12.57
N THR A 14 -7.77 -12.58 -12.39
CA THR A 14 -6.65 -13.46 -12.00
C THR A 14 -6.83 -14.00 -10.57
N ARG A 15 -7.63 -13.28 -9.77
CA ARG A 15 -7.98 -13.70 -8.40
C ARG A 15 -6.76 -13.74 -7.46
N GLN A 16 -5.70 -13.02 -7.85
CA GLN A 16 -4.49 -12.89 -7.00
C GLN A 16 -4.69 -11.82 -5.90
N PRO A 17 -3.95 -11.93 -4.78
CA PRO A 17 -4.06 -10.95 -3.67
C PRO A 17 -3.39 -9.60 -4.00
N LEU A 18 -2.76 -9.52 -5.16
CA LEU A 18 -2.12 -8.28 -5.62
C LEU A 18 -2.72 -7.80 -6.95
N SER A 19 -3.10 -6.53 -7.01
CA SER A 19 -3.67 -5.93 -8.23
C SER A 19 -3.11 -4.53 -8.47
N LEU A 20 -3.50 -3.90 -9.57
CA LEU A 20 -3.00 -2.56 -9.92
C LEU A 20 -3.58 -1.50 -8.95
N LEU A 21 -2.71 -0.72 -8.32
CA LEU A 21 -3.11 0.28 -7.34
C LEU A 21 -3.99 1.39 -7.94
N GLU A 22 -5.14 1.63 -7.30
CA GLU A 22 -6.04 2.72 -7.68
C GLU A 22 -5.29 4.06 -7.79
N SER A 23 -5.43 4.72 -8.94
CA SER A 23 -4.72 5.99 -9.20
C SER A 23 -5.07 7.06 -8.15
N LYS A 24 -6.33 7.06 -7.70
CA LYS A 24 -6.78 7.98 -6.66
C LYS A 24 -5.92 7.85 -5.38
N GLY A 25 -5.61 6.61 -5.00
CA GLY A 25 -4.70 6.37 -3.89
C GLY A 25 -3.23 6.59 -4.27
N LEU A 26 -2.88 6.20 -5.50
CA LEU A 26 -1.51 6.27 -5.99
C LEU A 26 -0.91 7.68 -5.87
N GLU A 27 -1.71 8.70 -6.17
CA GLU A 27 -1.27 10.10 -6.04
C GLU A 27 -0.91 10.44 -4.59
N ALA A 28 -1.64 9.84 -3.64
CA ALA A 28 -1.35 10.03 -2.21
C ALA A 28 0.04 9.47 -1.85
N LEU A 29 0.41 8.34 -2.47
CA LEU A 29 1.76 7.78 -2.32
C LEU A 29 2.82 8.73 -2.90
N ASN A 30 2.61 9.19 -4.14
CA ASN A 30 3.56 10.10 -4.79
C ASN A 30 3.78 11.39 -3.97
N LYS A 31 2.70 11.97 -3.48
CA LYS A 31 2.79 13.14 -2.59
C LYS A 31 3.66 12.85 -1.37
N ALA A 32 3.39 11.73 -0.70
CA ALA A 32 4.14 11.34 0.49
C ALA A 32 5.61 11.00 0.17
N ILE A 33 5.85 10.42 -1.00
CA ILE A 33 7.21 10.08 -1.44
C ILE A 33 8.06 11.34 -1.66
N VAL A 34 7.53 12.28 -2.42
CA VAL A 34 8.21 13.55 -2.68
C VAL A 34 8.38 14.35 -1.37
N SER A 35 7.34 14.34 -0.54
CA SER A 35 7.39 14.98 0.78
C SER A 35 8.33 14.24 1.74
N GLY A 36 8.72 13.02 1.37
CA GLY A 36 9.67 12.25 2.17
C GLY A 36 9.11 11.78 3.50
N THR A 37 7.85 11.34 3.52
CA THR A 37 7.23 10.83 4.74
C THR A 37 6.80 9.35 4.60
N VAL A 38 7.17 8.72 3.48
CA VAL A 38 6.90 7.30 3.26
C VAL A 38 7.96 6.41 3.92
N GLN A 39 7.57 5.69 4.96
CA GLN A 39 8.48 4.78 5.65
C GLN A 39 8.46 3.37 5.02
N ARG A 40 9.56 3.02 4.37
CA ARG A 40 9.75 1.68 3.80
C ARG A 40 9.64 0.59 4.88
N ALA A 41 9.24 -0.62 4.48
CA ALA A 41 9.01 -1.74 5.42
C ALA A 41 10.16 -1.94 6.44
N ASP A 42 11.36 -1.51 6.08
CA ASP A 42 12.52 -1.58 6.97
C ASP A 42 12.54 -0.40 7.97
N GLY A 43 12.14 0.79 7.51
CA GLY A 43 12.19 1.99 8.33
C GLY A 43 12.74 3.20 7.57
N SER A 44 13.64 2.93 6.62
CA SER A 44 14.21 3.99 5.76
C SER A 44 13.12 4.67 4.90
N ILE A 45 13.35 5.92 4.53
CA ILE A 45 12.33 6.70 3.78
C ILE A 45 12.40 6.45 2.26
N GLN A 46 11.24 6.32 1.63
CA GLN A 46 11.13 6.14 0.18
C GLN A 46 11.10 7.50 -0.55
N ASN A 47 12.06 7.75 -1.43
CA ASN A 47 12.15 9.04 -2.14
C ASN A 47 12.16 8.89 -3.67
N GLN A 48 11.77 7.71 -4.16
CA GLN A 48 11.63 7.48 -5.61
C GLN A 48 10.15 7.34 -6.00
N SER A 49 9.59 8.40 -6.57
CA SER A 49 8.16 8.44 -6.95
C SER A 49 7.88 7.45 -8.10
N LEU A 50 7.19 6.36 -7.76
CA LEU A 50 6.89 5.30 -8.74
C LEU A 50 5.66 5.66 -9.60
N HIS A 51 5.65 5.15 -10.84
CA HIS A 51 4.54 5.41 -11.76
C HIS A 51 3.43 4.36 -11.63
N GLU A 52 3.82 3.08 -11.56
CA GLU A 52 2.86 1.98 -11.34
C GLU A 52 3.15 1.28 -10.01
N ALA A 53 2.10 0.77 -9.38
CA ALA A 53 2.21 0.09 -8.08
C ALA A 53 1.17 -1.01 -7.92
N LEU A 54 1.41 -1.92 -6.99
CA LEU A 54 0.49 -3.04 -6.73
C LEU A 54 -0.17 -2.92 -5.34
N ILE A 55 -1.49 -3.01 -5.30
CA ILE A 55 -2.23 -2.92 -4.04
C ILE A 55 -2.65 -4.31 -3.53
N THR A 56 -2.49 -4.54 -2.24
CA THR A 56 -2.95 -5.78 -1.59
C THR A 56 -4.48 -5.83 -1.52
N ARG A 57 -5.03 -7.03 -1.64
CA ARG A 57 -6.48 -7.25 -1.59
C ARG A 57 -7.10 -6.72 -0.28
N ASP A 58 -6.35 -6.82 0.82
CA ASP A 58 -6.80 -6.36 2.14
C ASP A 58 -6.35 -4.91 2.42
N ARG A 59 -5.80 -4.25 1.39
CA ARG A 59 -5.53 -2.80 1.40
C ARG A 59 -4.44 -2.37 2.41
N LYS A 60 -3.62 -3.30 2.88
CA LYS A 60 -2.61 -2.98 3.89
C LYS A 60 -1.28 -2.52 3.25
N GLN A 61 -0.76 -3.32 2.31
CA GLN A 61 0.55 -3.07 1.71
C GLN A 61 0.46 -2.67 0.22
N VAL A 62 1.50 -1.98 -0.26
CA VAL A 62 1.62 -1.60 -1.67
C VAL A 62 3.03 -1.92 -2.20
N PHE A 63 3.11 -2.63 -3.32
CA PHE A 63 4.39 -2.96 -3.96
C PHE A 63 4.72 -2.03 -5.13
N ARG A 64 5.95 -2.10 -5.62
CA ARG A 64 6.44 -1.19 -6.67
C ARG A 64 6.54 -1.89 -8.03
N ILE A 65 6.16 -1.17 -9.09
CA ILE A 65 6.41 -1.64 -10.46
C ILE A 65 7.43 -0.73 -11.15
N GLU A 66 8.66 -1.21 -11.27
CA GLU A 66 9.76 -0.39 -11.80
C GLU A 66 10.09 -0.75 -13.26
N ASP A 67 9.99 0.23 -14.15
CA ASP A 67 10.31 0.03 -15.57
C ASP A 67 9.45 -1.10 -16.18
N SER A 68 8.16 -1.11 -15.83
CA SER A 68 7.22 -2.13 -16.29
C SER A 68 7.53 -3.51 -15.70
N ILE A 69 8.45 -3.57 -14.74
CA ILE A 69 8.78 -4.82 -14.03
C ILE A 69 8.09 -4.86 -12.66
N PRO A 70 7.23 -5.87 -12.40
CA PRO A 70 6.54 -6.00 -11.11
C PRO A 70 7.48 -6.42 -9.96
N VAL A 71 7.94 -5.43 -9.20
CA VAL A 71 8.87 -5.68 -8.09
C VAL A 71 8.12 -6.22 -6.86
N LEU A 72 8.12 -7.54 -6.71
CA LEU A 72 7.41 -8.20 -5.60
C LEU A 72 8.28 -8.30 -4.34
N LEU A 73 9.35 -7.49 -4.30
CA LEU A 73 10.27 -7.50 -3.16
C LEU A 73 9.66 -6.78 -1.94
N PRO A 74 9.55 -7.49 -0.79
CA PRO A 74 8.97 -6.92 0.44
C PRO A 74 9.70 -5.65 0.92
N GLU A 75 10.98 -5.53 0.54
CA GLU A 75 11.77 -4.34 0.89
C GLU A 75 11.17 -3.06 0.30
N GLU A 76 10.44 -3.19 -0.81
CA GLU A 76 9.79 -2.04 -1.45
C GLU A 76 8.27 -2.05 -1.18
N ALA A 77 7.86 -2.70 -0.09
CA ALA A 77 6.44 -2.75 0.29
C ALA A 77 6.09 -1.59 1.25
N ILE A 78 5.24 -0.67 0.78
CA ILE A 78 4.79 0.47 1.60
C ILE A 78 3.48 0.15 2.33
N ALA A 79 3.38 0.56 3.60
CA ALA A 79 2.16 0.36 4.38
C ALA A 79 1.22 1.57 4.30
N THR A 80 0.03 1.38 3.73
CA THR A 80 -0.95 2.47 3.53
C THR A 80 -1.27 3.19 4.85
N ILE A 81 -1.38 2.44 5.94
CA ILE A 81 -1.72 2.99 7.25
C ILE A 81 -0.68 4.04 7.73
N GLN A 82 0.53 4.00 7.19
CA GLN A 82 1.61 4.90 7.62
C GLN A 82 1.73 6.13 6.69
N ILE A 83 0.76 6.33 5.80
CA ILE A 83 0.78 7.46 4.86
C ILE A 83 -0.10 8.62 5.36
N ALA A 84 0.54 9.75 5.69
CA ALA A 84 -0.18 10.93 6.22
C ALA A 84 -1.15 11.56 5.21
N ASN A 85 -1.07 11.13 3.95
CA ASN A 85 -1.97 11.64 2.90
C ASN A 85 -3.32 10.91 2.90
N PHE A 86 -3.35 9.68 3.40
CA PHE A 86 -4.60 8.92 3.50
C PHE A 86 -5.45 9.38 4.70
N PRO A 87 -6.63 9.99 4.42
CA PRO A 87 -7.52 10.53 5.47
C PRO A 87 -8.25 9.44 6.28
N ASP A 88 -8.80 9.84 7.43
CA ASP A 88 -9.52 8.92 8.33
C ASP A 88 -10.95 8.62 7.86
N LYS A 89 -11.20 8.75 6.55
CA LYS A 89 -12.51 8.45 5.98
C LYS A 89 -12.83 6.95 6.13
N LEU A 90 -14.05 6.65 6.58
CA LEU A 90 -14.44 5.28 6.96
C LEU A 90 -14.76 4.40 5.74
N GLU A 91 -14.40 3.13 5.85
CA GLU A 91 -14.75 2.12 4.84
C GLU A 91 -16.22 1.68 4.98
N HIS A 92 -16.91 1.56 3.84
CA HIS A 92 -18.31 1.16 3.83
C HIS A 92 -18.45 -0.32 4.22
N HIS A 93 -17.48 -1.13 3.82
CA HIS A 93 -17.44 -2.55 4.18
C HIS A 93 -17.01 -2.71 5.66
N HIS A 94 -17.99 -2.93 6.53
CA HIS A 94 -17.77 -2.91 7.99
C HIS A 94 -16.92 -4.10 8.50
N HIS A 95 -15.64 -3.84 8.74
CA HIS A 95 -14.76 -4.79 9.44
C HIS A 95 -14.24 -4.16 10.74
N HIS A 96 -14.64 -4.72 11.88
CA HIS A 96 -14.33 -4.12 13.19
C HIS A 96 -12.83 -4.15 13.53
N HIS A 97 -12.43 -3.21 14.39
CA HIS A 97 -11.05 -3.12 14.87
C HIS A 97 -10.93 -2.08 16.01
N MET A 1 -14.11 -2.35 18.65
CA MET A 1 -13.87 -3.53 19.53
C MET A 1 -14.28 -4.83 18.82
N ASP A 2 -13.30 -5.55 18.27
CA ASP A 2 -13.57 -6.77 17.50
C ASP A 2 -13.22 -8.03 18.30
N ARG A 3 -14.24 -8.82 18.67
CA ARG A 3 -14.02 -10.09 19.37
C ARG A 3 -14.27 -11.30 18.46
N LYS A 4 -15.45 -11.34 17.82
CA LYS A 4 -15.82 -12.44 16.92
C LYS A 4 -14.77 -12.63 15.82
N LEU A 5 -14.18 -11.53 15.35
CA LEU A 5 -13.21 -11.56 14.25
C LEU A 5 -11.96 -12.41 14.59
N LEU A 6 -11.77 -12.72 15.87
CA LEU A 6 -10.67 -13.59 16.30
C LEU A 6 -11.03 -15.07 16.11
N HIS A 7 -12.34 -15.36 16.15
CA HIS A 7 -12.85 -16.72 16.03
C HIS A 7 -12.80 -17.21 14.56
N LEU A 8 -12.83 -16.26 13.62
CA LEU A 8 -12.80 -16.60 12.19
C LEU A 8 -11.36 -16.74 11.66
N LEU A 9 -11.11 -17.82 10.92
CA LEU A 9 -9.81 -18.02 10.26
C LEU A 9 -9.64 -16.99 9.12
N CYS A 10 -8.79 -16.00 9.35
CA CYS A 10 -8.64 -14.88 8.41
C CYS A 10 -7.76 -15.22 7.19
N SER A 11 -7.77 -14.34 6.21
CA SER A 11 -7.05 -14.54 4.94
C SER A 11 -5.57 -14.13 5.02
N PRO A 12 -4.64 -15.03 4.64
CA PRO A 12 -3.23 -14.69 4.49
C PRO A 12 -2.95 -14.03 3.13
N ASP A 13 -3.09 -12.72 3.07
CA ASP A 13 -3.10 -11.98 1.79
C ASP A 13 -1.74 -11.99 1.07
N THR A 14 -0.67 -12.35 1.78
CA THR A 14 0.65 -12.49 1.14
C THR A 14 0.69 -13.73 0.23
N ARG A 15 -0.31 -14.60 0.38
CA ARG A 15 -0.44 -15.80 -0.45
C ARG A 15 -1.39 -15.55 -1.65
N GLN A 16 -2.05 -14.40 -1.65
CA GLN A 16 -2.99 -14.04 -2.72
C GLN A 16 -2.34 -13.13 -3.78
N PRO A 17 -2.93 -13.05 -5.00
CA PRO A 17 -2.44 -12.17 -6.07
C PRO A 17 -2.68 -10.67 -5.77
N LEU A 18 -1.72 -9.81 -6.12
CA LEU A 18 -1.85 -8.37 -5.90
C LEU A 18 -2.55 -7.69 -7.08
N SER A 19 -3.25 -6.59 -6.81
CA SER A 19 -3.97 -5.84 -7.83
C SER A 19 -3.30 -4.48 -8.09
N LEU A 20 -3.82 -3.72 -9.06
CA LEU A 20 -3.27 -2.41 -9.40
C LEU A 20 -3.81 -1.32 -8.45
N LEU A 21 -2.92 -0.45 -7.99
CA LEU A 21 -3.29 0.61 -7.03
C LEU A 21 -4.24 1.67 -7.65
N GLU A 22 -5.30 2.02 -6.90
CA GLU A 22 -6.23 3.10 -7.28
C GLU A 22 -5.48 4.39 -7.61
N SER A 23 -5.96 5.14 -8.62
CA SER A 23 -5.32 6.40 -9.03
C SER A 23 -5.23 7.39 -7.87
N LYS A 24 -6.33 7.53 -7.12
CA LYS A 24 -6.35 8.41 -5.94
C LYS A 24 -5.34 7.96 -4.88
N GLY A 25 -5.15 6.64 -4.75
CA GLY A 25 -4.12 6.13 -3.87
C GLY A 25 -2.72 6.42 -4.40
N LEU A 26 -2.52 6.16 -5.68
CA LEU A 26 -1.22 6.36 -6.34
C LEU A 26 -0.69 7.79 -6.13
N GLU A 27 -1.54 8.79 -6.37
CA GLU A 27 -1.15 10.18 -6.12
C GLU A 27 -0.88 10.41 -4.62
N ALA A 28 -1.61 9.71 -3.75
CA ALA A 28 -1.43 9.86 -2.30
C ALA A 28 -0.05 9.32 -1.87
N LEU A 29 0.38 8.22 -2.49
CA LEU A 29 1.72 7.68 -2.27
C LEU A 29 2.80 8.69 -2.68
N ASN A 30 2.72 9.20 -3.92
CA ASN A 30 3.70 10.17 -4.42
C ASN A 30 3.71 11.46 -3.57
N LYS A 31 2.52 11.92 -3.15
CA LYS A 31 2.43 13.05 -2.21
C LYS A 31 3.23 12.76 -0.93
N ALA A 32 3.01 11.58 -0.37
CA ALA A 32 3.71 11.13 0.84
C ALA A 32 5.22 10.95 0.58
N ILE A 33 5.58 10.57 -0.66
CA ILE A 33 6.99 10.45 -1.06
C ILE A 33 7.67 11.83 -1.05
N VAL A 34 7.04 12.81 -1.69
CA VAL A 34 7.54 14.19 -1.67
C VAL A 34 7.62 14.73 -0.24
N SER A 35 6.65 14.32 0.59
CA SER A 35 6.64 14.66 2.02
C SER A 35 7.73 13.91 2.79
N GLY A 36 8.18 12.78 2.23
CA GLY A 36 9.24 12.00 2.84
C GLY A 36 8.77 11.15 4.02
N THR A 37 7.47 10.87 4.09
CA THR A 37 6.90 10.06 5.19
C THR A 37 6.75 8.58 4.80
N VAL A 38 7.07 8.26 3.55
CA VAL A 38 7.02 6.88 3.07
C VAL A 38 8.27 6.10 3.49
N GLN A 39 8.17 5.35 4.58
CA GLN A 39 9.29 4.55 5.10
C GLN A 39 9.22 3.11 4.56
N ARG A 40 10.32 2.65 3.99
CA ARG A 40 10.44 1.24 3.57
C ARG A 40 10.49 0.32 4.81
N ALA A 41 10.13 -0.96 4.62
CA ALA A 41 10.25 -1.95 5.71
C ALA A 41 11.69 -2.03 6.24
N ASP A 42 12.63 -1.61 5.41
CA ASP A 42 14.05 -1.53 5.78
C ASP A 42 14.30 -0.41 6.82
N GLY A 43 13.46 0.62 6.78
CA GLY A 43 13.64 1.78 7.67
C GLY A 43 14.03 3.05 6.92
N SER A 44 14.61 2.87 5.73
CA SER A 44 15.02 3.99 4.88
C SER A 44 13.83 4.62 4.16
N ILE A 45 13.97 5.89 3.76
CA ILE A 45 12.88 6.64 3.10
C ILE A 45 12.81 6.35 1.59
N GLN A 46 11.59 6.17 1.08
CA GLN A 46 11.35 5.98 -0.35
C GLN A 46 11.51 7.31 -1.10
N ASN A 47 12.64 7.49 -1.77
CA ASN A 47 12.94 8.73 -2.49
C ASN A 47 12.47 8.67 -3.96
N GLN A 48 12.43 7.46 -4.53
CA GLN A 48 11.99 7.29 -5.93
C GLN A 48 10.45 7.36 -6.05
N SER A 49 9.95 8.41 -6.70
CA SER A 49 8.51 8.52 -6.99
C SER A 49 8.10 7.51 -8.08
N LEU A 50 6.88 7.00 -8.02
CA LEU A 50 6.45 5.93 -8.92
C LEU A 50 5.16 6.24 -9.69
N HIS A 51 5.15 5.90 -10.97
CA HIS A 51 3.97 6.03 -11.82
C HIS A 51 3.09 4.77 -11.73
N GLU A 52 3.69 3.67 -11.25
CA GLU A 52 2.99 2.38 -11.18
C GLU A 52 3.22 1.70 -9.81
N ALA A 53 2.16 1.09 -9.27
CA ALA A 53 2.24 0.43 -7.96
C ALA A 53 1.18 -0.67 -7.78
N LEU A 54 1.53 -1.67 -6.97
CA LEU A 54 0.60 -2.77 -6.63
C LEU A 54 -0.09 -2.51 -5.29
N ILE A 55 -1.25 -3.14 -5.09
CA ILE A 55 -2.00 -3.01 -3.84
C ILE A 55 -2.60 -4.36 -3.43
N THR A 56 -2.51 -4.68 -2.14
CA THR A 56 -3.16 -5.88 -1.61
C THR A 56 -4.69 -5.82 -1.78
N ARG A 57 -5.34 -6.98 -1.81
CA ARG A 57 -6.78 -7.07 -2.14
C ARG A 57 -7.66 -6.23 -1.17
N ASP A 58 -7.26 -6.17 0.10
CA ASP A 58 -7.97 -5.39 1.11
C ASP A 58 -7.27 -4.05 1.40
N ARG A 59 -6.45 -3.61 0.45
CA ARG A 59 -5.75 -2.30 0.52
C ARG A 59 -4.91 -2.15 1.82
N LYS A 60 -4.33 -3.25 2.26
CA LYS A 60 -3.45 -3.27 3.44
C LYS A 60 -2.04 -2.76 3.10
N GLN A 61 -1.35 -3.47 2.22
CA GLN A 61 0.04 -3.15 1.84
C GLN A 61 0.15 -2.68 0.38
N VAL A 62 1.16 -1.86 0.10
CA VAL A 62 1.45 -1.36 -1.25
C VAL A 62 2.84 -1.83 -1.73
N PHE A 63 2.99 -2.04 -3.04
CA PHE A 63 4.28 -2.45 -3.62
C PHE A 63 4.62 -1.61 -4.86
N ARG A 64 5.89 -1.61 -5.26
CA ARG A 64 6.35 -0.80 -6.40
C ARG A 64 6.48 -1.62 -7.70
N ILE A 65 6.14 -1.01 -8.83
CA ILE A 65 6.36 -1.63 -10.14
C ILE A 65 7.32 -0.78 -10.99
N GLU A 66 8.60 -1.14 -10.95
CA GLU A 66 9.62 -0.42 -11.72
C GLU A 66 9.85 -1.09 -13.09
N ASP A 67 10.21 -0.29 -14.10
CA ASP A 67 10.43 -0.79 -15.47
C ASP A 67 9.15 -1.41 -16.05
N SER A 68 8.87 -2.65 -15.64
CA SER A 68 7.66 -3.38 -16.05
C SER A 68 7.51 -4.65 -15.20
N ILE A 69 8.12 -4.64 -14.02
CA ILE A 69 8.16 -5.82 -13.15
C ILE A 69 7.41 -5.58 -11.83
N PRO A 70 6.37 -6.39 -11.54
CA PRO A 70 5.68 -6.35 -10.24
C PRO A 70 6.59 -6.78 -9.08
N VAL A 71 7.29 -5.82 -8.49
CA VAL A 71 8.27 -6.08 -7.43
C VAL A 71 7.59 -6.45 -6.10
N LEU A 72 7.70 -7.73 -5.72
CA LEU A 72 7.10 -8.22 -4.47
C LEU A 72 8.12 -8.17 -3.30
N LEU A 73 9.27 -7.57 -3.54
CA LEU A 73 10.35 -7.50 -2.53
C LEU A 73 9.94 -6.69 -1.30
N PRO A 74 10.22 -7.20 -0.08
CA PRO A 74 9.82 -6.55 1.18
C PRO A 74 10.46 -5.16 1.37
N GLU A 75 11.53 -4.89 0.63
CA GLU A 75 12.20 -3.59 0.68
C GLU A 75 11.29 -2.46 0.15
N GLU A 76 10.52 -2.76 -0.88
CA GLU A 76 9.60 -1.78 -1.50
C GLU A 76 8.18 -1.91 -0.94
N ALA A 77 8.02 -2.73 0.10
CA ALA A 77 6.71 -2.94 0.73
C ALA A 77 6.32 -1.75 1.63
N ILE A 78 5.36 -0.95 1.17
CA ILE A 78 4.92 0.24 1.90
C ILE A 78 3.59 0.00 2.64
N ALA A 79 3.49 0.48 3.88
CA ALA A 79 2.28 0.33 4.68
C ALA A 79 1.33 1.54 4.52
N THR A 80 0.10 1.28 4.09
CA THR A 80 -0.91 2.35 3.88
C THR A 80 -1.16 3.17 5.15
N ILE A 81 -1.03 2.53 6.31
CA ILE A 81 -1.24 3.21 7.60
C ILE A 81 -0.26 4.38 7.82
N GLN A 82 0.89 4.33 7.12
CA GLN A 82 1.93 5.36 7.26
C GLN A 82 1.70 6.54 6.29
N ILE A 83 0.73 6.39 5.39
CA ILE A 83 0.45 7.42 4.38
C ILE A 83 -0.55 8.47 4.91
N ALA A 84 -0.03 9.59 5.40
CA ALA A 84 -0.86 10.67 5.97
C ALA A 84 -1.92 11.19 4.99
N ASN A 85 -1.65 11.07 3.69
CA ASN A 85 -2.55 11.61 2.65
C ASN A 85 -3.45 10.53 2.05
N PHE A 86 -3.44 9.32 2.62
CA PHE A 86 -4.27 8.23 2.13
C PHE A 86 -5.77 8.54 2.34
N PRO A 87 -6.63 8.26 1.33
CA PRO A 87 -8.08 8.56 1.40
C PRO A 87 -8.78 8.08 2.69
N ASP A 88 -9.08 9.02 3.58
CA ASP A 88 -9.82 8.72 4.81
C ASP A 88 -11.34 8.87 4.59
N LYS A 89 -12.13 8.27 5.49
CA LYS A 89 -13.61 8.25 5.39
C LYS A 89 -14.11 7.29 4.28
N LEU A 90 -13.33 7.18 3.21
CA LEU A 90 -13.64 6.23 2.13
C LEU A 90 -13.72 4.79 2.67
N GLU A 91 -14.92 4.21 2.63
CA GLU A 91 -15.20 2.93 3.29
C GLU A 91 -15.04 3.08 4.82
N HIS A 92 -13.81 2.88 5.32
CA HIS A 92 -13.48 3.08 6.76
C HIS A 92 -14.64 2.74 7.71
N HIS A 93 -15.25 1.58 7.50
CA HIS A 93 -16.39 1.16 8.32
C HIS A 93 -15.94 0.83 9.75
N HIS A 94 -16.04 1.82 10.64
CA HIS A 94 -15.61 1.65 12.03
C HIS A 94 -16.60 0.80 12.85
N HIS A 95 -16.66 -0.49 12.51
CA HIS A 95 -17.50 -1.48 13.19
C HIS A 95 -16.86 -2.87 13.09
N HIS A 96 -17.44 -3.85 13.78
CA HIS A 96 -16.98 -5.23 13.63
C HIS A 96 -17.43 -5.80 12.28
N HIS A 97 -16.47 -6.22 11.46
CA HIS A 97 -16.75 -6.73 10.09
C HIS A 97 -17.85 -7.81 10.09
N MET A 1 -11.20 -16.72 21.17
CA MET A 1 -9.99 -17.43 21.69
C MET A 1 -8.83 -17.36 20.70
N ASP A 2 -7.66 -17.87 21.11
CA ASP A 2 -6.48 -17.97 20.26
C ASP A 2 -6.01 -16.62 19.68
N ARG A 3 -6.35 -15.52 20.36
CA ARG A 3 -5.92 -14.17 19.91
C ARG A 3 -4.37 -14.07 19.87
N LYS A 4 -3.69 -14.91 20.65
CA LYS A 4 -2.23 -15.03 20.56
C LYS A 4 -1.82 -15.64 19.21
N LEU A 5 -2.46 -16.75 18.85
CA LEU A 5 -2.14 -17.47 17.61
C LEU A 5 -2.40 -16.61 16.37
N LEU A 6 -3.38 -15.71 16.46
CA LEU A 6 -3.68 -14.78 15.37
C LEU A 6 -2.47 -13.89 15.02
N HIS A 7 -1.59 -13.67 16.00
CA HIS A 7 -0.36 -12.90 15.79
C HIS A 7 0.84 -13.82 15.49
N LEU A 8 0.73 -15.08 15.92
CA LEU A 8 1.79 -16.07 15.70
C LEU A 8 1.64 -16.77 14.34
N LEU A 9 0.44 -16.70 13.77
CA LEU A 9 0.16 -17.31 12.47
C LEU A 9 0.75 -16.43 11.34
N CYS A 10 1.83 -16.89 10.74
CA CYS A 10 2.50 -16.15 9.66
C CYS A 10 1.78 -16.32 8.32
N SER A 11 1.57 -15.20 7.62
CA SER A 11 0.95 -15.23 6.28
C SER A 11 2.04 -15.14 5.20
N PRO A 12 1.81 -15.75 4.02
CA PRO A 12 2.76 -15.67 2.90
C PRO A 12 2.92 -14.23 2.38
N ASP A 13 3.94 -13.53 2.87
CA ASP A 13 4.13 -12.09 2.61
C ASP A 13 4.30 -11.75 1.11
N THR A 14 4.54 -12.77 0.27
CA THR A 14 4.66 -12.56 -1.18
C THR A 14 3.53 -13.25 -1.95
N ARG A 15 2.45 -13.64 -1.26
CA ARG A 15 1.34 -14.37 -1.90
C ARG A 15 -0.03 -13.83 -1.43
N GLN A 16 -0.28 -12.55 -1.69
CA GLN A 16 -1.60 -11.93 -1.43
C GLN A 16 -2.29 -11.54 -2.76
N PRO A 17 -3.64 -11.54 -2.80
CA PRO A 17 -4.38 -10.99 -3.94
C PRO A 17 -3.94 -9.56 -4.29
N LEU A 18 -3.23 -9.42 -5.39
CA LEU A 18 -2.55 -8.17 -5.75
C LEU A 18 -3.20 -7.49 -6.98
N SER A 19 -3.25 -6.16 -6.97
CA SER A 19 -3.80 -5.39 -8.09
C SER A 19 -3.01 -4.09 -8.32
N LEU A 20 -3.13 -3.51 -9.51
CA LEU A 20 -2.49 -2.22 -9.83
C LEU A 20 -3.17 -1.09 -9.04
N LEU A 21 -2.37 -0.23 -8.40
CA LEU A 21 -2.91 0.85 -7.57
C LEU A 21 -3.70 1.87 -8.42
N GLU A 22 -4.96 2.07 -8.05
CA GLU A 22 -5.85 3.03 -8.73
C GLU A 22 -5.22 4.44 -8.78
N SER A 23 -5.56 5.20 -9.82
CA SER A 23 -5.02 6.56 -10.02
C SER A 23 -5.27 7.46 -8.81
N LYS A 24 -6.49 7.43 -8.27
CA LYS A 24 -6.84 8.25 -7.08
C LYS A 24 -5.92 7.92 -5.89
N GLY A 25 -5.61 6.64 -5.71
CA GLY A 25 -4.68 6.23 -4.65
C GLY A 25 -3.23 6.56 -4.99
N LEU A 26 -2.86 6.34 -6.25
CA LEU A 26 -1.48 6.54 -6.71
C LEU A 26 -0.96 7.95 -6.37
N GLU A 27 -1.78 8.97 -6.63
CA GLU A 27 -1.40 10.34 -6.33
C GLU A 27 -1.16 10.54 -4.81
N ALA A 28 -1.95 9.86 -3.98
CA ALA A 28 -1.82 9.96 -2.52
C ALA A 28 -0.44 9.46 -2.05
N LEU A 29 0.02 8.35 -2.65
CA LEU A 29 1.35 7.82 -2.37
C LEU A 29 2.45 8.80 -2.79
N ASN A 30 2.37 9.32 -4.02
CA ASN A 30 3.35 10.30 -4.52
C ASN A 30 3.36 11.56 -3.64
N LYS A 31 2.20 11.98 -3.14
CA LYS A 31 2.12 13.10 -2.19
C LYS A 31 2.90 12.77 -0.90
N ALA A 32 2.67 11.59 -0.35
CA ALA A 32 3.40 11.13 0.85
C ALA A 32 4.90 11.00 0.58
N ILE A 33 5.26 10.69 -0.67
CA ILE A 33 6.66 10.66 -1.11
C ILE A 33 7.30 12.06 -0.98
N VAL A 34 6.65 13.06 -1.57
CA VAL A 34 7.11 14.46 -1.45
C VAL A 34 7.05 14.95 0.01
N SER A 35 6.11 14.38 0.78
CA SER A 35 5.96 14.71 2.20
C SER A 35 7.06 14.05 3.06
N GLY A 36 7.80 13.10 2.46
CA GLY A 36 8.87 12.43 3.18
C GLY A 36 8.38 11.61 4.37
N THR A 37 7.34 10.80 4.15
CA THR A 37 6.77 9.96 5.22
C THR A 37 6.57 8.50 4.76
N VAL A 38 7.05 8.19 3.55
CA VAL A 38 6.92 6.82 3.01
C VAL A 38 8.07 5.92 3.47
N GLN A 39 7.82 5.08 4.47
CA GLN A 39 8.83 4.14 4.97
C GLN A 39 8.65 2.75 4.35
N ARG A 40 9.77 2.15 3.94
CA ARG A 40 9.79 0.77 3.44
C ARG A 40 10.30 -0.20 4.53
N ALA A 41 10.41 -1.48 4.18
CA ALA A 41 10.88 -2.51 5.13
C ALA A 41 12.22 -2.12 5.79
N ASP A 42 13.10 -1.49 5.00
CA ASP A 42 14.42 -1.05 5.48
C ASP A 42 14.31 0.06 6.54
N GLY A 43 13.13 0.65 6.70
CA GLY A 43 12.97 1.82 7.55
C GLY A 43 13.37 3.11 6.85
N SER A 44 13.80 2.98 5.59
CA SER A 44 14.25 4.11 4.77
C SER A 44 13.07 4.81 4.09
N ILE A 45 13.24 6.10 3.81
CA ILE A 45 12.20 6.92 3.17
C ILE A 45 12.31 6.90 1.64
N GLN A 46 11.20 6.62 0.96
CA GLN A 46 11.17 6.68 -0.51
C GLN A 46 10.87 8.11 -1.00
N ASN A 47 11.91 8.83 -1.41
CA ASN A 47 11.77 10.19 -1.92
C ASN A 47 11.60 10.21 -3.46
N GLN A 48 11.53 9.01 -4.05
CA GLN A 48 11.42 8.88 -5.51
C GLN A 48 9.95 8.72 -5.94
N SER A 49 9.47 9.66 -6.76
CA SER A 49 8.11 9.55 -7.32
C SER A 49 8.03 8.42 -8.35
N LEU A 50 6.91 7.72 -8.39
CA LEU A 50 6.75 6.57 -9.28
C LEU A 50 5.44 6.61 -10.09
N HIS A 51 5.44 5.96 -11.25
CA HIS A 51 4.25 5.88 -12.11
C HIS A 51 3.50 4.55 -11.91
N GLU A 52 4.22 3.52 -11.50
CA GLU A 52 3.66 2.19 -11.31
C GLU A 52 3.73 1.76 -9.82
N ALA A 53 2.58 1.36 -9.28
CA ALA A 53 2.49 0.89 -7.89
C ALA A 53 1.46 -0.24 -7.76
N LEU A 54 1.65 -1.09 -6.75
CA LEU A 54 0.76 -2.25 -6.53
C LEU A 54 0.07 -2.17 -5.17
N ILE A 55 -1.20 -2.55 -5.10
CA ILE A 55 -1.98 -2.44 -3.86
C ILE A 55 -2.64 -3.77 -3.47
N THR A 56 -2.62 -4.08 -2.18
CA THR A 56 -3.32 -5.25 -1.62
C THR A 56 -4.82 -4.97 -1.48
N ARG A 57 -5.64 -6.03 -1.51
CA ARG A 57 -7.10 -5.86 -1.38
C ARG A 57 -7.48 -5.39 0.04
N ASP A 58 -6.53 -5.48 0.97
CA ASP A 58 -6.73 -5.01 2.35
C ASP A 58 -6.33 -3.54 2.50
N ARG A 59 -5.68 -3.01 1.46
CA ARG A 59 -5.19 -1.62 1.45
C ARG A 59 -4.08 -1.38 2.51
N LYS A 60 -3.50 -2.44 3.06
CA LYS A 60 -2.48 -2.28 4.11
C LYS A 60 -1.05 -2.29 3.54
N GLN A 61 -0.79 -3.14 2.54
CA GLN A 61 0.55 -3.26 1.95
C GLN A 61 0.56 -2.74 0.50
N VAL A 62 1.65 -2.06 0.14
CA VAL A 62 1.88 -1.58 -1.23
C VAL A 62 3.20 -2.14 -1.78
N PHE A 63 3.22 -2.56 -3.04
CA PHE A 63 4.45 -3.08 -3.66
C PHE A 63 4.91 -2.18 -4.82
N ARG A 64 6.22 -1.98 -4.92
CA ARG A 64 6.79 -1.11 -5.96
C ARG A 64 7.19 -1.90 -7.21
N ILE A 65 6.83 -1.37 -8.39
CA ILE A 65 7.20 -2.00 -9.67
C ILE A 65 8.54 -1.44 -10.17
N GLU A 66 9.39 -2.33 -10.71
CA GLU A 66 10.70 -1.92 -11.22
C GLU A 66 11.02 -2.67 -12.53
N ASP A 67 11.57 -1.96 -13.52
CA ASP A 67 11.86 -2.53 -14.85
C ASP A 67 10.57 -3.08 -15.50
N SER A 68 9.44 -2.46 -15.15
CA SER A 68 8.10 -2.88 -15.63
C SER A 68 7.72 -4.28 -15.07
N ILE A 69 8.46 -4.73 -14.06
CA ILE A 69 8.18 -6.00 -13.40
C ILE A 69 7.50 -5.78 -12.04
N PRO A 70 6.31 -6.37 -11.81
CA PRO A 70 5.63 -6.28 -10.51
C PRO A 70 6.42 -6.97 -9.39
N VAL A 71 7.30 -6.21 -8.73
CA VAL A 71 8.18 -6.77 -7.69
C VAL A 71 7.42 -7.07 -6.39
N LEU A 72 6.87 -8.27 -6.28
CA LEU A 72 6.17 -8.70 -5.06
C LEU A 72 7.16 -9.23 -4.01
N LEU A 73 8.00 -8.32 -3.49
CA LEU A 73 9.00 -8.68 -2.49
C LEU A 73 8.88 -7.79 -1.23
N PRO A 74 9.06 -8.37 -0.03
CA PRO A 74 8.89 -7.63 1.24
C PRO A 74 9.77 -6.38 1.36
N GLU A 75 10.95 -6.40 0.73
CA GLU A 75 11.86 -5.24 0.73
C GLU A 75 11.22 -4.02 0.05
N GLU A 76 10.36 -4.27 -0.93
CA GLU A 76 9.68 -3.21 -1.68
C GLU A 76 8.28 -2.92 -1.11
N ALA A 77 7.96 -3.56 0.02
CA ALA A 77 6.63 -3.43 0.63
C ALA A 77 6.50 -2.16 1.49
N ILE A 78 5.64 -1.26 1.05
CA ILE A 78 5.32 -0.03 1.80
C ILE A 78 4.10 -0.24 2.71
N ALA A 79 4.21 0.19 3.96
CA ALA A 79 3.10 0.10 4.91
C ALA A 79 2.22 1.36 4.84
N THR A 80 0.96 1.20 4.44
CA THR A 80 0.04 2.34 4.24
C THR A 80 -0.20 3.14 5.53
N ILE A 81 0.06 2.51 6.68
CA ILE A 81 -0.08 3.18 7.98
C ILE A 81 0.87 4.39 8.09
N GLN A 82 1.95 4.37 7.31
CA GLN A 82 2.92 5.47 7.28
C GLN A 82 2.42 6.63 6.40
N ILE A 83 1.41 6.36 5.58
CA ILE A 83 0.89 7.36 4.63
C ILE A 83 -0.20 8.23 5.27
N ALA A 84 0.21 9.39 5.80
CA ALA A 84 -0.70 10.31 6.49
C ALA A 84 -1.71 10.99 5.52
N ASN A 85 -1.71 10.56 4.26
CA ASN A 85 -2.62 11.11 3.24
C ASN A 85 -3.49 10.01 2.60
N PHE A 86 -3.48 8.82 3.21
CA PHE A 86 -4.30 7.70 2.72
C PHE A 86 -5.81 7.99 2.90
N PRO A 87 -6.63 7.76 1.86
CA PRO A 87 -8.06 8.09 1.91
C PRO A 87 -8.91 7.12 2.76
N ASP A 88 -8.78 7.23 4.08
CA ASP A 88 -9.69 6.54 5.02
C ASP A 88 -10.82 7.48 5.47
N LYS A 89 -11.81 6.93 6.17
CA LYS A 89 -12.91 7.75 6.71
C LYS A 89 -12.39 8.86 7.65
N LEU A 90 -13.24 9.83 7.93
CA LEU A 90 -12.84 10.99 8.76
C LEU A 90 -13.30 10.81 10.22
N GLU A 91 -13.46 9.56 10.65
CA GLU A 91 -13.79 9.26 12.05
C GLU A 91 -12.54 8.82 12.84
N HIS A 92 -11.39 8.73 12.16
CA HIS A 92 -10.12 8.39 12.81
C HIS A 92 -9.44 9.64 13.38
N HIS A 93 -9.29 9.70 14.71
CA HIS A 93 -8.50 10.77 15.34
C HIS A 93 -7.00 10.44 15.24
N HIS A 94 -6.29 11.23 14.44
CA HIS A 94 -4.89 10.93 14.08
C HIS A 94 -3.96 12.13 14.35
N HIS A 95 -4.26 12.91 15.38
CA HIS A 95 -3.47 14.10 15.70
C HIS A 95 -2.10 13.72 16.29
N HIS A 96 -1.12 13.53 15.40
CA HIS A 96 0.26 13.28 15.81
C HIS A 96 0.99 14.61 16.07
N HIS A 97 1.26 14.90 17.34
CA HIS A 97 1.84 16.19 17.77
C HIS A 97 0.81 17.34 17.67
N MET A 1 -4.36 -18.61 -20.81
CA MET A 1 -4.17 -19.17 -19.45
C MET A 1 -4.60 -18.17 -18.36
N ASP A 2 -5.35 -17.14 -18.74
CA ASP A 2 -5.77 -16.08 -17.82
C ASP A 2 -6.85 -16.59 -16.82
N ARG A 3 -6.41 -17.27 -15.77
CA ARG A 3 -7.32 -17.79 -14.75
C ARG A 3 -7.66 -16.71 -13.70
N LYS A 4 -6.69 -15.84 -13.41
CA LYS A 4 -6.90 -14.75 -12.44
C LYS A 4 -7.84 -13.66 -13.00
N LEU A 5 -7.95 -13.57 -14.32
CA LEU A 5 -8.80 -12.57 -14.97
C LEU A 5 -10.28 -13.00 -14.98
N LEU A 6 -10.54 -14.24 -15.34
CA LEU A 6 -11.93 -14.75 -15.41
C LEU A 6 -12.56 -14.83 -14.02
N HIS A 7 -13.51 -13.92 -13.73
CA HIS A 7 -14.13 -13.83 -12.40
C HIS A 7 -15.00 -15.06 -12.09
N LEU A 8 -15.03 -16.03 -12.99
CA LEU A 8 -15.76 -17.29 -12.78
C LEU A 8 -14.97 -18.24 -11.85
N LEU A 9 -13.65 -18.08 -11.82
CA LEU A 9 -12.78 -18.95 -11.00
C LEU A 9 -11.70 -18.12 -10.28
N CYS A 10 -11.97 -17.75 -9.02
CA CYS A 10 -11.04 -16.92 -8.25
C CYS A 10 -10.54 -17.66 -6.99
N SER A 11 -9.60 -17.02 -6.28
CA SER A 11 -9.06 -17.58 -5.03
C SER A 11 -9.60 -16.81 -3.81
N PRO A 12 -10.35 -17.49 -2.92
CA PRO A 12 -10.87 -16.89 -1.67
C PRO A 12 -9.76 -16.43 -0.71
N ASP A 13 -10.16 -16.03 0.50
CA ASP A 13 -9.25 -15.43 1.49
C ASP A 13 -8.01 -16.30 1.80
N THR A 14 -8.10 -17.60 1.56
CA THR A 14 -6.97 -18.52 1.80
C THR A 14 -5.75 -18.15 0.94
N ARG A 15 -6.02 -17.59 -0.24
CA ARG A 15 -4.96 -17.06 -1.11
C ARG A 15 -5.24 -15.58 -1.45
N GLN A 16 -4.74 -14.69 -0.59
CA GLN A 16 -4.92 -13.25 -0.76
C GLN A 16 -4.42 -12.75 -2.14
N PRO A 17 -5.32 -12.18 -2.97
CA PRO A 17 -4.95 -11.69 -4.31
C PRO A 17 -4.39 -10.25 -4.31
N LEU A 18 -3.44 -10.00 -5.21
CA LEU A 18 -2.88 -8.66 -5.41
C LEU A 18 -3.63 -7.91 -6.52
N SER A 19 -3.40 -6.61 -6.63
CA SER A 19 -4.03 -5.79 -7.68
C SER A 19 -3.16 -4.58 -8.03
N LEU A 20 -3.50 -3.89 -9.11
CA LEU A 20 -2.77 -2.69 -9.53
C LEU A 20 -3.30 -1.48 -8.72
N LEU A 21 -2.39 -0.76 -8.06
CA LEU A 21 -2.77 0.38 -7.21
C LEU A 21 -3.43 1.49 -8.02
N GLU A 22 -4.70 1.74 -7.74
CA GLU A 22 -5.47 2.80 -8.40
C GLU A 22 -4.75 4.16 -8.31
N SER A 23 -4.44 4.75 -9.48
CA SER A 23 -3.73 6.03 -9.56
C SER A 23 -4.39 7.12 -8.71
N LYS A 24 -5.71 7.05 -8.57
CA LYS A 24 -6.46 7.95 -7.68
C LYS A 24 -5.88 7.92 -6.25
N GLY A 25 -5.67 6.72 -5.72
CA GLY A 25 -5.03 6.58 -4.41
C GLY A 25 -3.52 6.79 -4.47
N LEU A 26 -2.93 6.46 -5.60
CA LEU A 26 -1.47 6.56 -5.79
C LEU A 26 -0.94 7.98 -5.55
N GLU A 27 -1.74 9.01 -5.87
CA GLU A 27 -1.33 10.40 -5.61
C GLU A 27 -0.93 10.58 -4.14
N ALA A 28 -1.59 9.85 -3.25
CA ALA A 28 -1.29 9.89 -1.81
C ALA A 28 0.17 9.50 -1.54
N LEU A 29 0.63 8.42 -2.18
CA LEU A 29 2.02 7.98 -2.06
C LEU A 29 2.98 9.07 -2.56
N ASN A 30 2.73 9.55 -3.78
CA ASN A 30 3.57 10.59 -4.39
C ASN A 30 3.65 11.85 -3.53
N LYS A 31 2.51 12.30 -3.00
CA LYS A 31 2.46 13.48 -2.13
C LYS A 31 3.23 13.25 -0.82
N ALA A 32 3.11 12.04 -0.28
CA ALA A 32 3.85 11.67 0.93
C ALA A 32 5.37 11.56 0.64
N ILE A 33 5.71 11.18 -0.59
CA ILE A 33 7.11 11.17 -1.05
C ILE A 33 7.69 12.58 -1.08
N VAL A 34 6.91 13.53 -1.62
CA VAL A 34 7.29 14.95 -1.60
C VAL A 34 7.40 15.47 -0.15
N SER A 35 6.54 14.94 0.72
CA SER A 35 6.56 15.29 2.15
C SER A 35 7.70 14.56 2.89
N GLY A 36 8.27 13.54 2.24
CA GLY A 36 9.38 12.78 2.84
C GLY A 36 8.97 11.96 4.05
N THR A 37 7.81 11.32 3.99
CA THR A 37 7.29 10.51 5.11
C THR A 37 6.93 9.08 4.69
N VAL A 38 7.43 8.64 3.54
CA VAL A 38 7.19 7.28 3.04
C VAL A 38 8.37 6.35 3.33
N GLN A 39 8.23 5.49 4.33
CA GLN A 39 9.24 4.45 4.60
C GLN A 39 8.72 3.07 4.20
N ARG A 40 9.57 2.31 3.50
CA ARG A 40 9.23 0.95 3.07
C ARG A 40 9.31 -0.03 4.25
N ALA A 41 8.86 -1.28 4.03
CA ALA A 41 8.86 -2.29 5.10
C ALA A 41 10.22 -2.43 5.78
N ASP A 42 11.29 -2.23 5.01
CA ASP A 42 12.66 -2.21 5.55
C ASP A 42 12.87 -0.98 6.47
N GLY A 43 12.27 0.14 6.11
CA GLY A 43 12.46 1.40 6.83
C GLY A 43 13.08 2.48 5.95
N SER A 44 13.68 2.05 4.84
CA SER A 44 14.28 2.99 3.87
C SER A 44 13.21 3.88 3.21
N ILE A 45 13.43 5.19 3.27
CA ILE A 45 12.50 6.18 2.70
C ILE A 45 12.43 6.08 1.16
N GLN A 46 11.28 6.45 0.59
CA GLN A 46 11.12 6.54 -0.86
C GLN A 46 11.28 7.99 -1.33
N ASN A 47 12.33 8.25 -2.11
CA ASN A 47 12.67 9.63 -2.52
C ASN A 47 12.07 9.99 -3.88
N GLN A 48 11.96 9.03 -4.79
CA GLN A 48 11.48 9.29 -6.16
C GLN A 48 10.00 8.90 -6.33
N SER A 49 9.32 9.58 -7.25
CA SER A 49 7.90 9.32 -7.51
C SER A 49 7.71 8.29 -8.62
N LEU A 50 6.49 7.74 -8.73
CA LEU A 50 6.20 6.67 -9.70
C LEU A 50 4.72 6.71 -10.17
N HIS A 51 4.45 6.11 -11.34
CA HIS A 51 3.10 6.12 -11.91
C HIS A 51 2.37 4.77 -11.79
N GLU A 52 3.09 3.71 -11.40
CA GLU A 52 2.48 2.38 -11.25
C GLU A 52 3.00 1.65 -10.01
N ALA A 53 2.09 0.96 -9.32
CA ALA A 53 2.41 0.22 -8.09
C ALA A 53 1.40 -0.92 -7.85
N LEU A 54 1.69 -1.76 -6.87
CA LEU A 54 0.81 -2.91 -6.55
C LEU A 54 0.20 -2.75 -5.15
N ILE A 55 -0.98 -3.32 -4.95
CA ILE A 55 -1.67 -3.26 -3.66
C ILE A 55 -2.50 -4.53 -3.41
N THR A 56 -2.65 -4.92 -2.15
CA THR A 56 -3.52 -6.05 -1.80
C THR A 56 -4.99 -5.63 -1.81
N ARG A 57 -5.89 -6.57 -2.05
CA ARG A 57 -7.33 -6.26 -2.12
C ARG A 57 -7.83 -5.49 -0.87
N ASP A 58 -7.26 -5.79 0.30
CA ASP A 58 -7.68 -5.14 1.54
C ASP A 58 -6.73 -3.99 1.96
N ARG A 59 -5.80 -3.63 1.06
CA ARG A 59 -4.93 -2.46 1.23
C ARG A 59 -3.98 -2.56 2.45
N LYS A 60 -3.22 -3.65 2.55
CA LYS A 60 -2.18 -3.77 3.60
C LYS A 60 -0.90 -3.04 3.17
N GLN A 61 -0.24 -3.59 2.15
CA GLN A 61 1.07 -3.10 1.71
C GLN A 61 1.09 -2.76 0.22
N VAL A 62 1.78 -1.68 -0.14
CA VAL A 62 1.97 -1.27 -1.52
C VAL A 62 3.35 -1.73 -2.04
N PHE A 63 3.38 -2.55 -3.08
CA PHE A 63 4.64 -3.01 -3.67
C PHE A 63 5.04 -2.15 -4.87
N ARG A 64 6.32 -1.82 -4.98
CA ARG A 64 6.82 -0.93 -6.04
C ARG A 64 7.10 -1.70 -7.34
N ILE A 65 7.03 -1.01 -8.47
CA ILE A 65 7.33 -1.61 -9.78
C ILE A 65 8.50 -0.88 -10.47
N GLU A 66 9.43 -1.65 -11.01
CA GLU A 66 10.55 -1.11 -11.81
C GLU A 66 10.90 -2.07 -12.96
N ASP A 67 11.39 -1.53 -14.07
CA ASP A 67 11.75 -2.34 -15.24
C ASP A 67 10.52 -3.08 -15.82
N SER A 68 9.33 -2.57 -15.50
CA SER A 68 8.04 -3.21 -15.89
C SER A 68 7.85 -4.56 -15.18
N ILE A 69 8.64 -4.79 -14.12
CA ILE A 69 8.59 -6.04 -13.36
C ILE A 69 7.95 -5.84 -11.97
N PRO A 70 6.91 -6.63 -11.63
CA PRO A 70 6.28 -6.57 -10.29
C PRO A 70 7.24 -6.95 -9.16
N VAL A 71 7.78 -5.95 -8.47
CA VAL A 71 8.73 -6.18 -7.38
C VAL A 71 8.00 -6.62 -6.09
N LEU A 72 7.91 -7.93 -5.88
CA LEU A 72 7.24 -8.50 -4.70
C LEU A 72 8.22 -8.71 -3.53
N LEU A 73 9.23 -7.85 -3.45
CA LEU A 73 10.23 -7.93 -2.38
C LEU A 73 9.66 -7.46 -1.04
N PRO A 74 9.93 -8.20 0.07
CA PRO A 74 9.39 -7.90 1.40
C PRO A 74 9.81 -6.51 1.93
N GLU A 75 10.98 -6.04 1.52
CA GLU A 75 11.49 -4.75 1.97
C GLU A 75 10.78 -3.58 1.25
N GLU A 76 10.41 -3.79 -0.01
CA GLU A 76 9.81 -2.73 -0.84
C GLU A 76 8.31 -2.55 -0.59
N ALA A 77 7.79 -3.17 0.48
CA ALA A 77 6.38 -3.04 0.81
C ALA A 77 6.08 -1.78 1.63
N ILE A 78 5.51 -0.76 0.99
CA ILE A 78 5.10 0.47 1.67
C ILE A 78 3.84 0.23 2.51
N ALA A 79 3.85 0.69 3.77
CA ALA A 79 2.68 0.53 4.65
C ALA A 79 1.65 1.65 4.43
N THR A 80 0.43 1.29 4.03
CA THR A 80 -0.64 2.27 3.79
C THR A 80 -0.94 3.10 5.04
N ILE A 81 -1.04 2.43 6.19
CA ILE A 81 -1.30 3.09 7.48
C ILE A 81 -0.20 4.11 7.85
N GLN A 82 0.93 4.04 7.16
CA GLN A 82 2.05 4.97 7.40
C GLN A 82 1.84 6.31 6.68
N ILE A 83 1.00 6.30 5.63
CA ILE A 83 0.80 7.47 4.77
C ILE A 83 -0.28 8.41 5.34
N ALA A 84 0.08 9.67 5.56
CA ALA A 84 -0.86 10.69 6.06
C ALA A 84 -1.90 11.09 5.01
N ASN A 85 -1.52 10.99 3.74
CA ASN A 85 -2.38 11.40 2.62
C ASN A 85 -3.53 10.40 2.35
N PHE A 86 -3.57 9.32 3.12
CA PHE A 86 -4.68 8.35 3.05
C PHE A 86 -5.75 8.65 4.13
N PRO A 87 -6.98 9.03 3.71
CA PRO A 87 -8.09 9.25 4.65
C PRO A 87 -8.47 7.97 5.41
N ASP A 88 -8.49 8.05 6.74
CA ASP A 88 -8.74 6.87 7.59
C ASP A 88 -10.20 6.38 7.50
N LYS A 89 -10.65 5.65 8.53
CA LYS A 89 -11.97 5.00 8.47
C LYS A 89 -12.56 4.79 9.88
N LEU A 90 -13.89 4.83 9.96
CA LEU A 90 -14.59 4.64 11.24
C LEU A 90 -15.16 3.22 11.37
N GLU A 91 -15.49 2.81 12.59
CA GLU A 91 -16.09 1.50 12.84
C GLU A 91 -16.77 1.44 14.22
N HIS A 92 -17.93 0.77 14.28
CA HIS A 92 -18.68 0.64 15.53
C HIS A 92 -19.00 -0.85 15.80
N HIS A 93 -17.98 -1.69 15.60
CA HIS A 93 -18.12 -3.15 15.72
C HIS A 93 -17.19 -3.70 16.83
N HIS A 94 -16.98 -2.89 17.87
CA HIS A 94 -15.99 -3.20 18.92
C HIS A 94 -16.36 -4.43 19.76
N HIS A 95 -15.54 -5.47 19.64
CA HIS A 95 -15.62 -6.67 20.48
C HIS A 95 -14.38 -7.56 20.28
N HIS A 96 -13.46 -7.53 21.23
CA HIS A 96 -12.20 -8.27 21.13
C HIS A 96 -12.46 -9.79 21.06
N HIS A 97 -11.70 -10.48 20.21
CA HIS A 97 -11.80 -11.95 20.07
C HIS A 97 -10.44 -12.64 20.35
N MET A 1 -1.81 -5.04 13.83
CA MET A 1 -2.29 -4.81 15.23
C MET A 1 -3.26 -5.92 15.68
N ASP A 2 -3.29 -7.03 14.94
CA ASP A 2 -4.32 -8.06 15.10
C ASP A 2 -3.97 -9.11 16.17
N ARG A 3 -3.22 -8.71 17.20
CA ARG A 3 -2.82 -9.64 18.28
C ARG A 3 -4.02 -10.39 18.88
N LYS A 4 -5.16 -9.72 19.00
CA LYS A 4 -6.37 -10.34 19.58
C LYS A 4 -7.01 -11.38 18.64
N LEU A 5 -6.72 -11.29 17.34
CA LEU A 5 -7.23 -12.25 16.36
C LEU A 5 -6.32 -13.49 16.24
N LEU A 6 -5.16 -13.44 16.88
CA LEU A 6 -4.17 -14.53 16.80
C LEU A 6 -4.48 -15.69 17.77
N HIS A 7 -5.49 -15.52 18.62
CA HIS A 7 -5.79 -16.50 19.66
C HIS A 7 -6.21 -17.87 19.09
N LEU A 8 -7.20 -17.87 18.18
CA LEU A 8 -7.69 -19.12 17.59
C LEU A 8 -7.09 -19.37 16.19
N LEU A 9 -7.69 -18.75 15.17
CA LEU A 9 -7.26 -18.97 13.77
C LEU A 9 -7.15 -17.62 13.04
N CYS A 10 -6.14 -17.47 12.19
CA CYS A 10 -5.84 -16.17 11.53
C CYS A 10 -5.89 -16.26 10.00
N SER A 11 -5.99 -15.10 9.36
CA SER A 11 -6.01 -15.00 7.90
C SER A 11 -4.65 -14.55 7.35
N PRO A 12 -4.27 -14.99 6.14
CA PRO A 12 -3.02 -14.55 5.50
C PRO A 12 -3.15 -13.20 4.78
N ASP A 13 -3.22 -12.12 5.56
CA ASP A 13 -3.30 -10.75 5.01
C ASP A 13 -2.13 -10.45 4.04
N THR A 14 -0.96 -10.98 4.37
CA THR A 14 0.23 -10.80 3.52
C THR A 14 0.15 -11.62 2.23
N ARG A 15 -0.81 -12.54 2.16
CA ARG A 15 -1.01 -13.39 0.97
C ARG A 15 -2.40 -13.17 0.37
N GLN A 16 -2.57 -12.04 -0.32
CA GLN A 16 -3.85 -11.70 -0.96
C GLN A 16 -3.64 -11.29 -2.43
N PRO A 17 -4.70 -11.37 -3.26
CA PRO A 17 -4.65 -10.95 -4.68
C PRO A 17 -4.06 -9.53 -4.87
N LEU A 18 -2.88 -9.46 -5.49
CA LEU A 18 -2.23 -8.19 -5.78
C LEU A 18 -2.69 -7.61 -7.13
N SER A 19 -3.15 -6.37 -7.11
CA SER A 19 -3.64 -5.70 -8.32
C SER A 19 -3.00 -4.31 -8.49
N LEU A 20 -3.22 -3.68 -9.64
CA LEU A 20 -2.70 -2.33 -9.90
C LEU A 20 -3.41 -1.31 -8.99
N LEU A 21 -2.62 -0.55 -8.23
CA LEU A 21 -3.15 0.45 -7.30
C LEU A 21 -3.97 1.53 -8.02
N GLU A 22 -5.16 1.81 -7.48
CA GLU A 22 -6.02 2.88 -8.02
C GLU A 22 -5.26 4.21 -8.14
N SER A 23 -5.36 4.84 -9.31
CA SER A 23 -4.62 6.09 -9.59
C SER A 23 -4.84 7.15 -8.50
N LYS A 24 -6.08 7.27 -8.02
CA LYS A 24 -6.41 8.25 -6.98
C LYS A 24 -5.71 7.92 -5.65
N GLY A 25 -5.46 6.63 -5.41
CA GLY A 25 -4.63 6.22 -4.28
C GLY A 25 -3.15 6.43 -4.56
N LEU A 26 -2.73 6.06 -5.78
CA LEU A 26 -1.32 6.16 -6.20
C LEU A 26 -0.78 7.59 -6.06
N GLU A 27 -1.60 8.59 -6.37
CA GLU A 27 -1.20 9.98 -6.19
C GLU A 27 -0.79 10.22 -4.74
N ALA A 28 -1.56 9.68 -3.79
CA ALA A 28 -1.29 9.87 -2.36
C ALA A 28 0.10 9.33 -1.97
N LEU A 29 0.49 8.22 -2.58
CA LEU A 29 1.83 7.64 -2.37
C LEU A 29 2.92 8.63 -2.81
N ASN A 30 2.84 9.10 -4.06
CA ASN A 30 3.84 10.03 -4.60
C ASN A 30 3.82 11.37 -3.85
N LYS A 31 2.63 11.87 -3.54
CA LYS A 31 2.47 13.08 -2.74
C LYS A 31 3.11 12.91 -1.35
N ALA A 32 3.01 11.70 -0.80
CA ALA A 32 3.63 11.38 0.50
C ALA A 32 5.16 11.23 0.37
N ILE A 33 5.60 10.77 -0.80
CA ILE A 33 7.03 10.70 -1.12
C ILE A 33 7.67 12.10 -1.11
N VAL A 34 7.05 13.03 -1.82
CA VAL A 34 7.51 14.43 -1.83
C VAL A 34 7.49 15.02 -0.40
N SER A 35 6.49 14.61 0.37
CA SER A 35 6.39 15.00 1.79
C SER A 35 7.52 14.36 2.62
N GLY A 36 7.96 13.18 2.21
CA GLY A 36 9.05 12.49 2.92
C GLY A 36 8.59 11.70 4.14
N THR A 37 7.39 11.13 4.06
CA THR A 37 6.84 10.31 5.16
C THR A 37 6.74 8.82 4.78
N VAL A 38 6.95 8.51 3.51
CA VAL A 38 6.86 7.13 3.03
C VAL A 38 8.05 6.28 3.51
N GLN A 39 7.85 5.58 4.63
CA GLN A 39 8.86 4.64 5.12
C GLN A 39 8.76 3.29 4.39
N ARG A 40 9.78 2.97 3.61
CA ARG A 40 9.86 1.68 2.93
C ARG A 40 9.96 0.55 3.99
N ALA A 41 9.43 -0.64 3.69
CA ALA A 41 9.44 -1.75 4.66
C ALA A 41 10.87 -2.04 5.18
N ASP A 42 11.85 -1.71 4.34
CA ASP A 42 13.26 -1.68 4.74
C ASP A 42 13.47 -0.84 6.03
N GLY A 43 12.92 0.36 6.02
CA GLY A 43 13.06 1.28 7.13
C GLY A 43 13.34 2.72 6.66
N SER A 44 14.10 2.84 5.58
CA SER A 44 14.46 4.15 5.02
C SER A 44 13.30 4.78 4.23
N ILE A 45 13.33 6.10 4.10
CA ILE A 45 12.31 6.83 3.35
C ILE A 45 12.49 6.64 1.83
N GLN A 46 11.39 6.34 1.14
CA GLN A 46 11.42 6.24 -0.31
C GLN A 46 11.35 7.63 -0.96
N ASN A 47 12.50 8.14 -1.37
CA ASN A 47 12.59 9.51 -1.93
C ASN A 47 12.31 9.55 -3.43
N GLN A 48 12.54 8.43 -4.11
CA GLN A 48 12.28 8.34 -5.56
C GLN A 48 10.81 7.98 -5.84
N SER A 49 10.12 8.84 -6.59
CA SER A 49 8.68 8.68 -6.86
C SER A 49 8.39 7.46 -7.75
N LEU A 50 7.18 6.90 -7.62
CA LEU A 50 6.78 5.71 -8.37
C LEU A 50 5.47 5.95 -9.15
N HIS A 51 5.54 5.79 -10.47
CA HIS A 51 4.37 6.03 -11.33
C HIS A 51 3.42 4.82 -11.38
N GLU A 52 3.86 3.70 -10.82
CA GLU A 52 3.05 2.46 -10.79
C GLU A 52 3.33 1.67 -9.50
N ALA A 53 2.27 1.11 -8.91
CA ALA A 53 2.36 0.38 -7.64
C ALA A 53 1.32 -0.75 -7.54
N LEU A 54 1.57 -1.69 -6.63
CA LEU A 54 0.67 -2.82 -6.39
C LEU A 54 -0.10 -2.66 -5.07
N ILE A 55 -1.40 -2.94 -5.10
CA ILE A 55 -2.24 -2.84 -3.90
C ILE A 55 -2.69 -4.23 -3.39
N THR A 56 -2.63 -4.42 -2.08
CA THR A 56 -3.19 -5.62 -1.44
C THR A 56 -4.72 -5.52 -1.33
N ARG A 57 -5.41 -6.66 -1.47
CA ARG A 57 -6.89 -6.68 -1.50
C ARG A 57 -7.52 -6.04 -0.25
N ASP A 58 -6.91 -6.20 0.90
CA ASP A 58 -7.43 -5.60 2.15
C ASP A 58 -6.75 -4.25 2.46
N ARG A 59 -6.05 -3.69 1.47
CA ARG A 59 -5.38 -2.39 1.60
C ARG A 59 -4.36 -2.39 2.77
N LYS A 60 -3.63 -3.48 2.93
CA LYS A 60 -2.63 -3.60 4.00
C LYS A 60 -1.30 -2.96 3.58
N GLN A 61 -0.67 -3.53 2.54
CA GLN A 61 0.62 -3.03 2.05
C GLN A 61 0.59 -2.72 0.54
N VAL A 62 1.63 -2.03 0.07
CA VAL A 62 1.75 -1.63 -1.34
C VAL A 62 3.18 -1.90 -1.86
N PHE A 63 3.29 -2.33 -3.12
CA PHE A 63 4.60 -2.63 -3.73
C PHE A 63 4.90 -1.65 -4.89
N ARG A 64 6.18 -1.61 -5.30
CA ARG A 64 6.61 -0.73 -6.41
C ARG A 64 6.76 -1.52 -7.72
N ILE A 65 6.72 -0.82 -8.86
CA ILE A 65 6.89 -1.46 -10.18
C ILE A 65 8.00 -0.77 -11.00
N GLU A 66 8.89 -1.58 -11.60
CA GLU A 66 9.94 -1.07 -12.48
C GLU A 66 10.01 -1.92 -13.77
N ASP A 67 10.25 -1.27 -14.91
CA ASP A 67 10.35 -1.97 -16.20
C ASP A 67 9.05 -2.75 -16.50
N SER A 68 7.93 -2.23 -16.00
CA SER A 68 6.61 -2.88 -16.13
C SER A 68 6.55 -4.20 -15.32
N ILE A 69 7.63 -4.52 -14.62
CA ILE A 69 7.72 -5.74 -13.82
C ILE A 69 7.31 -5.46 -12.35
N PRO A 70 6.34 -6.22 -11.81
CA PRO A 70 5.89 -6.07 -10.41
C PRO A 70 6.98 -6.44 -9.39
N VAL A 71 7.49 -5.45 -8.66
CA VAL A 71 8.53 -5.69 -7.66
C VAL A 71 7.91 -6.22 -6.36
N LEU A 72 8.00 -7.54 -6.16
CA LEU A 72 7.40 -8.20 -4.98
C LEU A 72 8.41 -8.37 -3.84
N LEU A 73 9.50 -7.59 -3.88
CA LEU A 73 10.55 -7.67 -2.85
C LEU A 73 9.98 -7.30 -1.46
N PRO A 74 10.35 -8.06 -0.40
CA PRO A 74 9.81 -7.86 0.96
C PRO A 74 9.97 -6.43 1.48
N GLU A 75 11.16 -5.86 1.30
CA GLU A 75 11.46 -4.51 1.77
C GLU A 75 10.62 -3.44 1.05
N GLU A 76 10.10 -3.78 -0.12
CA GLU A 76 9.33 -2.83 -0.95
C GLU A 76 7.86 -2.73 -0.48
N ALA A 77 7.45 -3.62 0.40
CA ALA A 77 6.06 -3.64 0.88
C ALA A 77 5.74 -2.47 1.83
N ILE A 78 5.40 -1.32 1.25
CA ILE A 78 5.08 -0.12 2.01
C ILE A 78 3.71 -0.23 2.71
N ALA A 79 3.62 0.25 3.95
CA ALA A 79 2.37 0.17 4.72
C ALA A 79 1.44 1.36 4.43
N THR A 80 0.20 1.08 4.00
CA THR A 80 -0.77 2.13 3.66
C THR A 80 -1.04 3.07 4.84
N ILE A 81 -1.06 2.49 6.05
CA ILE A 81 -1.36 3.25 7.28
C ILE A 81 -0.35 4.39 7.52
N GLN A 82 0.85 4.25 6.97
CA GLN A 82 1.90 5.27 7.12
C GLN A 82 1.61 6.50 6.23
N ILE A 83 0.89 6.29 5.13
CA ILE A 83 0.64 7.36 4.17
C ILE A 83 -0.36 8.41 4.70
N ALA A 84 0.18 9.49 5.24
CA ALA A 84 -0.63 10.60 5.80
C ALA A 84 -1.67 11.14 4.81
N ASN A 85 -1.45 10.91 3.51
CA ASN A 85 -2.33 11.45 2.46
C ASN A 85 -3.54 10.54 2.18
N PHE A 86 -3.74 9.52 3.01
CA PHE A 86 -4.94 8.69 2.96
C PHE A 86 -5.99 9.16 3.98
N PRO A 87 -7.23 9.43 3.53
CA PRO A 87 -8.32 9.89 4.41
C PRO A 87 -8.54 8.95 5.62
N ASP A 88 -8.52 9.52 6.83
CA ASP A 88 -8.68 8.75 8.07
C ASP A 88 -10.02 8.00 8.12
N LYS A 89 -9.99 6.77 8.62
CA LYS A 89 -11.19 5.92 8.68
C LYS A 89 -11.59 5.59 10.13
N LEU A 90 -12.86 5.79 10.44
CA LEU A 90 -13.41 5.41 11.74
C LEU A 90 -13.35 3.88 11.94
N GLU A 91 -12.61 3.42 12.94
CA GLU A 91 -12.47 1.98 13.20
C GLU A 91 -13.80 1.36 13.64
N HIS A 92 -14.62 0.97 12.66
CA HIS A 92 -15.91 0.36 12.92
C HIS A 92 -15.97 -1.05 12.29
N HIS A 93 -16.14 -2.08 13.12
CA HIS A 93 -16.13 -3.47 12.62
C HIS A 93 -17.38 -4.25 13.06
N HIS A 94 -17.71 -5.28 12.28
CA HIS A 94 -18.83 -6.18 12.59
C HIS A 94 -18.44 -7.64 12.27
N HIS A 95 -18.47 -8.51 13.28
CA HIS A 95 -17.97 -9.88 13.12
C HIS A 95 -18.97 -10.78 12.36
N HIS A 96 -20.07 -10.19 11.89
CA HIS A 96 -21.09 -10.91 11.12
C HIS A 96 -20.50 -11.55 9.86
N HIS A 97 -20.44 -12.88 9.83
CA HIS A 97 -20.03 -13.63 8.64
C HIS A 97 -21.08 -13.47 7.51
N MET A 1 -19.51 -16.51 21.09
CA MET A 1 -19.11 -16.66 19.67
C MET A 1 -19.09 -15.29 18.97
N ASP A 2 -17.89 -14.81 18.62
CA ASP A 2 -17.73 -13.54 17.90
C ASP A 2 -18.11 -13.68 16.40
N ARG A 3 -19.31 -14.18 16.13
CA ARG A 3 -19.75 -14.48 14.77
C ARG A 3 -19.73 -13.24 13.85
N LYS A 4 -19.69 -12.05 14.44
CA LYS A 4 -19.61 -10.80 13.68
C LYS A 4 -18.15 -10.38 13.42
N LEU A 5 -17.22 -10.88 14.24
CA LEU A 5 -15.79 -10.62 14.04
C LEU A 5 -15.15 -11.70 13.15
N LEU A 6 -14.98 -12.91 13.71
CA LEU A 6 -14.38 -14.04 12.98
C LEU A 6 -12.98 -13.72 12.42
N HIS A 7 -12.33 -12.70 12.99
CA HIS A 7 -11.01 -12.25 12.50
C HIS A 7 -9.89 -13.22 12.91
N LEU A 8 -10.24 -14.25 13.68
CA LEU A 8 -9.31 -15.33 14.02
C LEU A 8 -8.96 -16.17 12.78
N LEU A 9 -9.79 -16.07 11.74
CA LEU A 9 -9.53 -16.76 10.47
C LEU A 9 -8.74 -15.82 9.53
N CYS A 10 -7.47 -16.16 9.29
CA CYS A 10 -6.58 -15.28 8.50
C CYS A 10 -5.88 -16.03 7.35
N SER A 11 -5.47 -15.27 6.34
CA SER A 11 -4.72 -15.81 5.19
C SER A 11 -3.28 -16.15 5.59
N PRO A 12 -2.54 -16.91 4.75
CA PRO A 12 -1.11 -17.19 4.99
C PRO A 12 -0.29 -15.90 5.22
N ASP A 13 0.62 -15.93 6.19
CA ASP A 13 1.39 -14.76 6.59
C ASP A 13 2.03 -14.00 5.41
N THR A 14 2.69 -14.73 4.50
CA THR A 14 3.40 -14.11 3.39
C THR A 14 2.57 -14.09 2.10
N ARG A 15 1.27 -14.38 2.20
CA ARG A 15 0.41 -14.46 1.02
C ARG A 15 -0.88 -13.63 1.17
N GLN A 16 -0.97 -12.56 0.39
CA GLN A 16 -2.18 -11.74 0.30
C GLN A 16 -2.48 -11.39 -1.16
N PRO A 17 -3.75 -11.45 -1.58
CA PRO A 17 -4.17 -11.09 -2.94
C PRO A 17 -3.64 -9.72 -3.39
N LEU A 18 -2.91 -9.71 -4.51
CA LEU A 18 -2.22 -8.51 -4.99
C LEU A 18 -2.76 -8.07 -6.38
N SER A 19 -3.00 -6.77 -6.54
CA SER A 19 -3.48 -6.22 -7.83
C SER A 19 -2.84 -4.86 -8.12
N LEU A 20 -3.15 -4.29 -9.30
CA LEU A 20 -2.61 -2.97 -9.69
C LEU A 20 -3.23 -1.85 -8.82
N LEU A 21 -2.41 -0.90 -8.37
CA LEU A 21 -2.86 0.19 -7.50
C LEU A 21 -3.81 1.17 -8.22
N GLU A 22 -4.94 1.47 -7.58
CA GLU A 22 -5.91 2.42 -8.14
C GLU A 22 -5.28 3.81 -8.36
N SER A 23 -5.60 4.42 -9.50
CA SER A 23 -5.07 5.75 -9.86
C SER A 23 -5.30 6.78 -8.75
N LYS A 24 -6.52 6.80 -8.20
CA LYS A 24 -6.87 7.71 -7.10
C LYS A 24 -5.97 7.49 -5.87
N GLY A 25 -5.56 6.24 -5.65
CA GLY A 25 -4.63 5.93 -4.57
C GLY A 25 -3.20 6.34 -4.89
N LEU A 26 -2.79 6.13 -6.14
CA LEU A 26 -1.40 6.38 -6.58
C LEU A 26 -0.94 7.81 -6.23
N GLU A 27 -1.80 8.79 -6.45
CA GLU A 27 -1.47 10.19 -6.12
C GLU A 27 -1.17 10.36 -4.62
N ALA A 28 -1.92 9.66 -3.76
CA ALA A 28 -1.74 9.74 -2.32
C ALA A 28 -0.32 9.29 -1.91
N LEU A 29 0.16 8.25 -2.58
CA LEU A 29 1.54 7.77 -2.37
C LEU A 29 2.55 8.86 -2.76
N ASN A 30 2.43 9.39 -3.98
CA ASN A 30 3.34 10.43 -4.47
C ASN A 30 3.35 11.66 -3.54
N LYS A 31 2.17 12.11 -3.11
CA LYS A 31 2.06 13.24 -2.19
C LYS A 31 2.84 12.98 -0.88
N ALA A 32 2.73 11.77 -0.36
CA ALA A 32 3.45 11.37 0.84
C ALA A 32 4.98 11.33 0.58
N ILE A 33 5.36 10.93 -0.62
CA ILE A 33 6.76 10.90 -1.03
C ILE A 33 7.36 12.32 -1.07
N VAL A 34 6.61 13.26 -1.65
CA VAL A 34 7.01 14.67 -1.66
C VAL A 34 7.18 15.20 -0.23
N SER A 35 6.28 14.76 0.65
CA SER A 35 6.36 15.10 2.08
C SER A 35 7.58 14.45 2.75
N GLY A 36 8.00 13.29 2.23
CA GLY A 36 9.14 12.56 2.80
C GLY A 36 8.78 11.78 4.07
N THR A 37 7.58 11.21 4.11
CA THR A 37 7.10 10.45 5.28
C THR A 37 7.01 8.94 4.99
N VAL A 38 7.29 8.57 3.74
CA VAL A 38 7.14 7.17 3.31
C VAL A 38 8.25 6.26 3.84
N GLN A 39 7.95 5.51 4.91
CA GLN A 39 8.88 4.51 5.44
C GLN A 39 8.69 3.15 4.72
N ARG A 40 9.79 2.63 4.21
CA ARG A 40 9.79 1.35 3.47
C ARG A 40 9.65 0.16 4.44
N ALA A 41 9.21 -0.99 3.94
CA ALA A 41 9.15 -2.23 4.76
C ALA A 41 10.50 -2.49 5.45
N ASP A 42 11.57 -2.33 4.68
CA ASP A 42 12.94 -2.34 5.22
C ASP A 42 13.10 -1.33 6.37
N GLY A 43 12.65 -0.09 6.12
CA GLY A 43 12.83 0.99 7.08
C GLY A 43 13.26 2.29 6.42
N SER A 44 14.06 2.16 5.35
CA SER A 44 14.55 3.33 4.59
C SER A 44 13.42 4.23 4.07
N ILE A 45 13.73 5.51 3.83
CA ILE A 45 12.74 6.49 3.37
C ILE A 45 12.68 6.56 1.83
N GLN A 46 11.47 6.71 1.29
CA GLN A 46 11.28 6.85 -0.16
C GLN A 46 11.10 8.31 -0.58
N ASN A 47 12.15 8.91 -1.15
CA ASN A 47 12.07 10.27 -1.70
C ASN A 47 11.87 10.25 -3.22
N GLN A 48 12.18 9.10 -3.83
CA GLN A 48 11.98 8.91 -5.27
C GLN A 48 10.55 8.43 -5.57
N SER A 49 9.78 9.27 -6.26
CA SER A 49 8.38 8.94 -6.58
C SER A 49 8.28 7.93 -7.73
N LEU A 50 7.41 6.94 -7.54
CA LEU A 50 7.17 5.92 -8.57
C LEU A 50 5.98 6.29 -9.46
N HIS A 51 6.03 5.84 -10.72
CA HIS A 51 4.97 6.17 -11.69
C HIS A 51 3.89 5.08 -11.73
N GLU A 52 4.17 3.94 -11.13
CA GLU A 52 3.23 2.81 -11.13
C GLU A 52 3.46 1.89 -9.91
N ALA A 53 2.37 1.35 -9.35
CA ALA A 53 2.46 0.57 -8.11
C ALA A 53 1.37 -0.50 -8.00
N LEU A 54 1.43 -1.29 -6.93
CA LEU A 54 0.49 -2.40 -6.70
C LEU A 54 -0.19 -2.27 -5.33
N ILE A 55 -1.46 -2.68 -5.24
CA ILE A 55 -2.20 -2.59 -3.98
C ILE A 55 -2.70 -3.97 -3.50
N THR A 56 -2.43 -4.29 -2.24
CA THR A 56 -2.99 -5.49 -1.60
C THR A 56 -4.52 -5.39 -1.53
N ARG A 57 -5.21 -6.53 -1.66
CA ARG A 57 -6.68 -6.55 -1.61
C ARG A 57 -7.20 -6.08 -0.25
N ASP A 58 -6.47 -6.40 0.80
CA ASP A 58 -6.78 -5.91 2.15
C ASP A 58 -6.49 -4.40 2.28
N ARG A 59 -5.83 -3.86 1.25
CA ARG A 59 -5.52 -2.42 1.17
C ARG A 59 -4.79 -1.92 2.43
N LYS A 60 -3.81 -2.71 2.86
CA LYS A 60 -2.98 -2.36 4.02
C LYS A 60 -1.54 -2.03 3.60
N GLN A 61 -1.06 -2.67 2.53
CA GLN A 61 0.30 -2.42 2.03
C GLN A 61 0.33 -2.25 0.50
N VAL A 62 1.38 -1.58 0.01
CA VAL A 62 1.55 -1.25 -1.41
C VAL A 62 2.92 -1.73 -1.92
N PHE A 63 2.99 -2.16 -3.17
CA PHE A 63 4.26 -2.59 -3.80
C PHE A 63 4.61 -1.69 -5.00
N ARG A 64 5.85 -1.77 -5.46
CA ARG A 64 6.32 -0.94 -6.59
C ARG A 64 6.41 -1.74 -7.90
N ILE A 65 6.32 -1.04 -9.05
CA ILE A 65 6.58 -1.65 -10.35
C ILE A 65 7.72 -0.94 -11.08
N GLU A 66 8.65 -1.73 -11.64
CA GLU A 66 9.76 -1.19 -12.43
C GLU A 66 10.25 -2.23 -13.46
N ASP A 67 10.85 -1.76 -14.56
CA ASP A 67 11.29 -2.64 -15.65
C ASP A 67 10.10 -3.44 -16.22
N SER A 68 8.89 -2.86 -16.11
CA SER A 68 7.64 -3.51 -16.56
C SER A 68 7.28 -4.72 -15.68
N ILE A 69 8.05 -4.93 -14.60
CA ILE A 69 7.84 -6.08 -13.72
C ILE A 69 7.23 -5.67 -12.37
N PRO A 70 6.11 -6.31 -11.97
CA PRO A 70 5.52 -6.11 -10.64
C PRO A 70 6.46 -6.57 -9.51
N VAL A 71 7.02 -5.63 -8.76
CA VAL A 71 7.98 -5.96 -7.70
C VAL A 71 7.25 -6.40 -6.41
N LEU A 72 7.28 -7.72 -6.17
CA LEU A 72 6.68 -8.29 -4.96
C LEU A 72 7.78 -8.66 -3.95
N LEU A 73 8.48 -7.67 -3.43
CA LEU A 73 9.62 -7.91 -2.52
C LEU A 73 9.36 -7.34 -1.12
N PRO A 74 9.45 -8.18 -0.07
CA PRO A 74 9.18 -7.75 1.33
C PRO A 74 10.12 -6.66 1.83
N GLU A 75 11.10 -6.29 1.00
CA GLU A 75 12.02 -5.19 1.32
C GLU A 75 11.43 -3.81 0.96
N GLU A 76 10.76 -3.71 -0.19
CA GLU A 76 10.35 -2.41 -0.73
C GLU A 76 8.87 -2.06 -0.48
N ALA A 77 8.08 -3.07 -0.11
CA ALA A 77 6.65 -2.87 0.20
C ALA A 77 6.41 -1.70 1.19
N ILE A 78 5.50 -0.80 0.85
CA ILE A 78 5.15 0.35 1.70
C ILE A 78 3.87 0.07 2.52
N ALA A 79 3.79 0.64 3.72
CA ALA A 79 2.60 0.50 4.57
C ALA A 79 1.66 1.71 4.45
N THR A 80 0.39 1.46 4.08
CA THR A 80 -0.59 2.53 3.87
C THR A 80 -0.82 3.36 5.13
N ILE A 81 -0.84 2.68 6.29
CA ILE A 81 -1.07 3.35 7.58
C ILE A 81 0.00 4.41 7.89
N GLN A 82 1.15 4.32 7.20
CA GLN A 82 2.25 5.28 7.40
C GLN A 82 2.16 6.46 6.41
N ILE A 83 1.31 6.31 5.39
CA ILE A 83 1.15 7.34 4.35
C ILE A 83 0.25 8.49 4.86
N ALA A 84 0.89 9.61 5.23
CA ALA A 84 0.19 10.76 5.82
C ALA A 84 -0.90 11.37 4.89
N ASN A 85 -0.84 11.05 3.60
CA ASN A 85 -1.84 11.56 2.64
C ASN A 85 -2.89 10.50 2.24
N PHE A 86 -2.73 9.28 2.73
CA PHE A 86 -3.68 8.20 2.45
C PHE A 86 -5.01 8.45 3.19
N PRO A 87 -6.17 8.18 2.54
CA PRO A 87 -7.49 8.28 3.18
C PRO A 87 -7.53 7.49 4.50
N ASP A 88 -7.79 8.17 5.61
CA ASP A 88 -7.72 7.57 6.95
C ASP A 88 -8.62 6.32 7.06
N LYS A 89 -8.04 5.24 7.57
CA LYS A 89 -8.78 3.97 7.75
C LYS A 89 -9.22 3.79 9.21
N LEU A 90 -9.84 2.65 9.50
CA LEU A 90 -10.31 2.34 10.86
C LEU A 90 -9.36 1.33 11.55
N GLU A 91 -8.17 1.16 10.97
CA GLU A 91 -7.19 0.22 11.51
C GLU A 91 -6.09 0.94 12.32
N HIS A 92 -5.99 0.61 13.61
CA HIS A 92 -4.87 1.07 14.43
C HIS A 92 -3.77 0.00 14.41
N HIS A 93 -2.71 0.23 13.64
CA HIS A 93 -1.71 -0.80 13.36
C HIS A 93 -1.05 -1.36 14.63
N HIS A 94 -0.84 -0.51 15.64
CA HIS A 94 -0.33 -0.95 16.96
C HIS A 94 1.11 -1.53 16.86
N HIS A 95 1.23 -2.74 16.33
CA HIS A 95 2.54 -3.37 16.13
C HIS A 95 3.31 -2.66 15.00
N HIS A 96 4.47 -2.11 15.32
CA HIS A 96 5.23 -1.30 14.35
C HIS A 96 6.55 -1.97 13.93
N HIS A 97 7.11 -1.51 12.82
CA HIS A 97 8.47 -1.88 12.43
C HIS A 97 9.48 -0.85 12.96
N MET A 1 -19.06 -2.59 27.36
CA MET A 1 -17.84 -3.25 26.86
C MET A 1 -17.85 -3.37 25.32
N ASP A 2 -16.82 -2.84 24.67
CA ASP A 2 -16.77 -2.79 23.21
C ASP A 2 -16.52 -4.18 22.59
N ARG A 3 -17.59 -4.96 22.40
CA ARG A 3 -17.49 -6.25 21.72
C ARG A 3 -17.26 -6.05 20.21
N LYS A 4 -17.54 -4.83 19.76
CA LYS A 4 -17.29 -4.42 18.38
C LYS A 4 -15.79 -4.51 18.01
N LEU A 5 -14.91 -4.39 19.00
CA LEU A 5 -13.46 -4.53 18.78
C LEU A 5 -13.03 -6.01 18.70
N LEU A 6 -13.85 -6.90 19.25
CA LEU A 6 -13.52 -8.34 19.30
C LEU A 6 -13.72 -9.04 17.94
N HIS A 7 -13.79 -8.25 16.87
CA HIS A 7 -13.92 -8.78 15.50
C HIS A 7 -12.60 -9.39 14.99
N LEU A 8 -11.59 -9.42 15.87
CA LEU A 8 -10.22 -9.84 15.52
C LEU A 8 -10.15 -10.93 14.43
N LEU A 9 -9.57 -10.56 13.29
CA LEU A 9 -9.38 -11.47 12.17
C LEU A 9 -8.02 -11.18 11.50
N CYS A 10 -7.05 -12.05 11.71
CA CYS A 10 -5.71 -11.87 11.18
C CYS A 10 -5.60 -12.28 9.70
N SER A 11 -4.77 -11.56 8.95
CA SER A 11 -4.53 -11.87 7.53
C SER A 11 -3.78 -13.21 7.37
N PRO A 12 -4.10 -13.99 6.33
CA PRO A 12 -3.39 -15.24 6.03
C PRO A 12 -1.93 -15.00 5.62
N ASP A 13 -1.00 -15.49 6.43
CA ASP A 13 0.44 -15.23 6.24
C ASP A 13 0.96 -15.65 4.85
N THR A 14 0.28 -16.61 4.21
CA THR A 14 0.69 -17.10 2.89
C THR A 14 -0.33 -16.77 1.78
N ARG A 15 -1.30 -15.90 2.09
CA ARG A 15 -2.31 -15.49 1.10
C ARG A 15 -2.47 -13.96 1.06
N GLN A 16 -1.70 -13.32 0.19
CA GLN A 16 -1.76 -11.86 0.00
C GLN A 16 -2.40 -11.51 -1.36
N PRO A 17 -3.69 -11.12 -1.37
CA PRO A 17 -4.37 -10.71 -2.62
C PRO A 17 -3.72 -9.45 -3.24
N LEU A 18 -2.91 -9.67 -4.27
CA LEU A 18 -2.14 -8.58 -4.89
C LEU A 18 -2.75 -8.17 -6.25
N SER A 19 -2.86 -6.85 -6.48
CA SER A 19 -3.37 -6.30 -7.74
C SER A 19 -2.75 -4.91 -8.02
N LEU A 20 -3.07 -4.33 -9.17
CA LEU A 20 -2.54 -3.00 -9.54
C LEU A 20 -3.15 -1.90 -8.67
N LEU A 21 -2.31 -0.96 -8.19
CA LEU A 21 -2.77 0.13 -7.32
C LEU A 21 -3.60 1.18 -8.08
N GLU A 22 -4.78 1.52 -7.53
CA GLU A 22 -5.68 2.49 -8.15
C GLU A 22 -5.08 3.91 -8.18
N SER A 23 -5.62 4.77 -9.04
CA SER A 23 -5.08 6.11 -9.26
C SER A 23 -5.13 6.98 -7.99
N LYS A 24 -6.26 6.96 -7.29
CA LYS A 24 -6.45 7.83 -6.12
C LYS A 24 -5.58 7.39 -4.94
N GLY A 25 -5.36 6.09 -4.80
CA GLY A 25 -4.40 5.59 -3.83
C GLY A 25 -2.97 5.91 -4.24
N LEU A 26 -2.66 5.62 -5.50
CA LEU A 26 -1.32 5.85 -6.06
C LEU A 26 -0.86 7.31 -5.87
N GLU A 27 -1.74 8.25 -6.16
CA GLU A 27 -1.40 9.67 -6.00
C GLU A 27 -1.10 10.01 -4.53
N ALA A 28 -1.74 9.31 -3.60
CA ALA A 28 -1.50 9.52 -2.17
C ALA A 28 -0.06 9.15 -1.80
N LEU A 29 0.45 8.07 -2.41
CA LEU A 29 1.86 7.68 -2.25
C LEU A 29 2.79 8.79 -2.77
N ASN A 30 2.54 9.25 -4.00
CA ASN A 30 3.33 10.32 -4.61
C ASN A 30 3.30 11.61 -3.75
N LYS A 31 2.16 11.89 -3.15
CA LYS A 31 2.04 13.01 -2.19
C LYS A 31 3.00 12.80 -1.00
N ALA A 32 2.92 11.62 -0.40
CA ALA A 32 3.77 11.29 0.76
C ALA A 32 5.27 11.29 0.41
N ILE A 33 5.59 10.89 -0.83
CA ILE A 33 6.97 10.92 -1.32
C ILE A 33 7.51 12.35 -1.36
N VAL A 34 6.76 13.25 -2.02
CA VAL A 34 7.13 14.67 -2.08
C VAL A 34 7.11 15.30 -0.67
N SER A 35 6.28 14.75 0.21
CA SER A 35 6.18 15.20 1.60
C SER A 35 7.26 14.55 2.49
N GLY A 36 7.95 13.54 1.97
CA GLY A 36 9.01 12.86 2.71
C GLY A 36 8.50 12.03 3.89
N THR A 37 7.51 11.17 3.64
CA THR A 37 6.96 10.30 4.69
C THR A 37 6.45 8.95 4.11
N VAL A 38 7.32 8.27 3.37
CA VAL A 38 7.02 6.94 2.82
C VAL A 38 8.01 5.89 3.33
N GLN A 39 7.62 5.17 4.39
CA GLN A 39 8.47 4.13 4.97
C GLN A 39 8.26 2.77 4.30
N ARG A 40 9.34 2.21 3.76
CA ARG A 40 9.31 0.85 3.20
C ARG A 40 9.48 -0.20 4.31
N ALA A 41 9.19 -1.47 4.00
CA ALA A 41 9.41 -2.54 4.98
C ALA A 41 10.89 -2.59 5.42
N ASP A 42 11.78 -2.30 4.48
CA ASP A 42 13.20 -2.08 4.79
C ASP A 42 13.37 -1.05 5.92
N GLY A 43 12.61 0.04 5.83
CA GLY A 43 12.71 1.10 6.82
C GLY A 43 13.00 2.47 6.22
N SER A 44 13.80 2.50 5.15
CA SER A 44 14.18 3.77 4.50
C SER A 44 12.99 4.43 3.81
N ILE A 45 13.12 5.73 3.54
CA ILE A 45 12.07 6.50 2.88
C ILE A 45 12.20 6.43 1.34
N GLN A 46 11.07 6.32 0.66
CA GLN A 46 11.06 6.31 -0.82
C GLN A 46 11.11 7.74 -1.39
N ASN A 47 12.25 8.12 -1.96
CA ASN A 47 12.44 9.48 -2.49
C ASN A 47 11.94 9.64 -3.94
N GLN A 48 11.91 8.54 -4.68
CA GLN A 48 11.51 8.59 -6.10
C GLN A 48 9.98 8.49 -6.26
N SER A 49 9.37 9.54 -6.81
CA SER A 49 7.92 9.59 -7.06
C SER A 49 7.47 8.47 -8.00
N LEU A 50 6.92 7.39 -7.44
CA LEU A 50 6.45 6.26 -8.25
C LEU A 50 4.99 6.44 -8.70
N HIS A 51 4.82 6.67 -10.00
CA HIS A 51 3.48 6.78 -10.61
C HIS A 51 3.02 5.43 -11.17
N GLU A 52 3.61 4.36 -10.64
CA GLU A 52 3.24 2.99 -11.00
C GLU A 52 3.59 2.05 -9.83
N ALA A 53 2.60 1.30 -9.35
CA ALA A 53 2.78 0.47 -8.16
C ALA A 53 1.68 -0.59 -8.00
N LEU A 54 1.86 -1.46 -7.01
CA LEU A 54 0.91 -2.55 -6.73
C LEU A 54 0.28 -2.36 -5.33
N ILE A 55 -0.89 -2.95 -5.12
CA ILE A 55 -1.61 -2.82 -3.85
C ILE A 55 -2.25 -4.15 -3.42
N THR A 56 -2.27 -4.40 -2.12
CA THR A 56 -3.09 -5.48 -1.57
C THR A 56 -4.58 -5.12 -1.69
N ARG A 57 -5.43 -6.08 -2.04
CA ARG A 57 -6.85 -5.80 -2.26
C ARG A 57 -7.59 -5.45 -0.96
N ASP A 58 -6.91 -5.60 0.18
CA ASP A 58 -7.43 -5.13 1.47
C ASP A 58 -6.90 -3.71 1.77
N ARG A 59 -5.97 -3.25 0.94
CA ARG A 59 -5.36 -1.91 1.06
C ARG A 59 -4.57 -1.75 2.37
N LYS A 60 -4.05 -2.86 2.89
CA LYS A 60 -3.28 -2.84 4.14
C LYS A 60 -1.75 -2.74 3.87
N GLN A 61 -1.32 -3.10 2.66
CA GLN A 61 0.08 -2.99 2.25
C GLN A 61 0.22 -2.62 0.76
N VAL A 62 1.30 -1.91 0.43
CA VAL A 62 1.59 -1.50 -0.96
C VAL A 62 2.88 -2.17 -1.46
N PHE A 63 2.99 -2.37 -2.77
CA PHE A 63 4.22 -2.90 -3.40
C PHE A 63 4.68 -1.99 -4.54
N ARG A 64 5.96 -2.07 -4.90
CA ARG A 64 6.56 -1.13 -5.87
C ARG A 64 6.78 -1.77 -7.26
N ILE A 65 6.76 -0.95 -8.30
CA ILE A 65 7.11 -1.38 -9.66
C ILE A 65 8.21 -0.48 -10.25
N GLU A 66 9.23 -1.08 -10.85
CA GLU A 66 10.27 -0.32 -11.54
C GLU A 66 10.73 -1.03 -12.83
N ASP A 67 11.06 -0.26 -13.86
CA ASP A 67 11.55 -0.82 -15.12
C ASP A 67 10.54 -1.82 -15.73
N SER A 68 9.24 -1.54 -15.52
CA SER A 68 8.15 -2.41 -16.00
C SER A 68 8.10 -3.76 -15.27
N ILE A 69 8.89 -3.87 -14.18
CA ILE A 69 8.97 -5.10 -13.39
C ILE A 69 8.23 -4.96 -12.05
N PRO A 70 7.20 -5.80 -11.81
CA PRO A 70 6.45 -5.80 -10.54
C PRO A 70 7.28 -6.35 -9.37
N VAL A 71 7.75 -5.46 -8.49
CA VAL A 71 8.57 -5.88 -7.36
C VAL A 71 7.70 -6.43 -6.21
N LEU A 72 7.48 -7.75 -6.22
CA LEU A 72 6.71 -8.44 -5.18
C LEU A 72 7.55 -8.69 -3.91
N LEU A 73 8.76 -8.12 -3.87
CA LEU A 73 9.65 -8.28 -2.71
C LEU A 73 9.09 -7.53 -1.49
N PRO A 74 8.79 -8.26 -0.38
CA PRO A 74 8.20 -7.66 0.82
C PRO A 74 9.07 -6.54 1.42
N GLU A 75 10.38 -6.65 1.24
CA GLU A 75 11.33 -5.63 1.71
C GLU A 75 11.08 -4.26 1.06
N GLU A 76 10.59 -4.27 -0.18
CA GLU A 76 10.35 -3.04 -0.95
C GLU A 76 8.90 -2.55 -0.75
N ALA A 77 8.11 -3.31 0.01
CA ALA A 77 6.72 -2.96 0.26
C ALA A 77 6.57 -1.71 1.14
N ILE A 78 5.45 -1.01 0.99
CA ILE A 78 5.18 0.22 1.73
C ILE A 78 3.96 0.06 2.66
N ALA A 79 4.05 0.59 3.89
CA ALA A 79 2.96 0.51 4.86
C ALA A 79 1.96 1.68 4.68
N THR A 80 0.72 1.36 4.29
CA THR A 80 -0.32 2.37 4.05
C THR A 80 -0.56 3.26 5.27
N ILE A 81 -0.53 2.67 6.46
CA ILE A 81 -0.78 3.39 7.70
C ILE A 81 0.26 4.51 7.95
N GLN A 82 1.42 4.42 7.29
CA GLN A 82 2.47 5.44 7.43
C GLN A 82 2.23 6.63 6.47
N ILE A 83 1.36 6.42 5.47
CA ILE A 83 1.05 7.46 4.49
C ILE A 83 -0.03 8.43 5.03
N ALA A 84 0.42 9.51 5.66
CA ALA A 84 -0.49 10.52 6.22
C ALA A 84 -1.41 11.14 5.16
N ASN A 85 -0.94 11.17 3.92
CA ASN A 85 -1.69 11.78 2.81
C ASN A 85 -2.66 10.79 2.15
N PHE A 86 -2.76 9.58 2.70
CA PHE A 86 -3.70 8.58 2.19
C PHE A 86 -5.15 8.92 2.60
N PRO A 87 -6.09 9.03 1.64
CA PRO A 87 -7.49 9.41 1.92
C PRO A 87 -8.27 8.32 2.68
N ASP A 88 -8.77 8.67 3.88
CA ASP A 88 -9.56 7.75 4.69
C ASP A 88 -11.05 7.81 4.31
N LYS A 89 -11.53 6.77 3.64
CA LYS A 89 -12.94 6.70 3.21
C LYS A 89 -13.58 5.37 3.62
N LEU A 90 -14.58 5.42 4.50
CA LEU A 90 -15.24 4.21 5.01
C LEU A 90 -16.39 3.75 4.09
N GLU A 91 -16.25 2.55 3.52
CA GLU A 91 -17.31 1.93 2.72
C GLU A 91 -17.74 0.58 3.32
N HIS A 92 -18.71 -0.08 2.70
CA HIS A 92 -19.20 -1.38 3.18
C HIS A 92 -18.16 -2.49 2.93
N HIS A 93 -18.00 -3.38 3.91
CA HIS A 93 -17.04 -4.49 3.80
C HIS A 93 -17.60 -5.62 2.94
N HIS A 94 -17.10 -5.75 1.71
CA HIS A 94 -17.49 -6.86 0.83
C HIS A 94 -16.91 -8.18 1.35
N HIS A 95 -17.61 -8.79 2.29
CA HIS A 95 -17.17 -10.04 2.92
C HIS A 95 -17.78 -11.26 2.20
N HIS A 96 -16.97 -11.90 1.34
CA HIS A 96 -17.47 -13.00 0.48
C HIS A 96 -17.69 -14.30 1.27
N HIS A 97 -18.67 -14.27 2.17
CA HIS A 97 -19.03 -15.44 3.01
C HIS A 97 -20.52 -15.40 3.38
N MET A 1 -26.39 -11.19 18.35
CA MET A 1 -26.50 -12.34 19.29
C MET A 1 -25.99 -13.65 18.66
N ASP A 2 -25.44 -13.57 17.44
CA ASP A 2 -24.97 -14.76 16.74
C ASP A 2 -23.56 -15.19 17.20
N ARG A 3 -23.48 -16.38 17.81
CA ARG A 3 -22.20 -16.94 18.24
C ARG A 3 -21.75 -18.11 17.34
N LYS A 4 -22.58 -19.16 17.30
CA LYS A 4 -22.27 -20.34 16.48
C LYS A 4 -22.26 -20.01 14.98
N LEU A 5 -22.96 -18.96 14.59
CA LEU A 5 -22.99 -18.51 13.19
C LEU A 5 -21.65 -17.87 12.78
N LEU A 6 -20.84 -17.48 13.76
CA LEU A 6 -19.52 -16.91 13.49
C LEU A 6 -18.47 -18.02 13.31
N HIS A 7 -17.62 -17.88 12.30
CA HIS A 7 -16.59 -18.88 12.01
C HIS A 7 -15.23 -18.50 12.61
N LEU A 8 -15.07 -17.22 12.99
CA LEU A 8 -13.82 -16.71 13.57
C LEU A 8 -12.63 -16.88 12.61
N LEU A 9 -12.93 -17.13 11.34
CA LEU A 9 -11.91 -17.36 10.32
C LEU A 9 -11.71 -16.08 9.47
N CYS A 10 -10.50 -15.54 9.51
CA CYS A 10 -10.14 -14.35 8.72
C CYS A 10 -9.13 -14.73 7.62
N SER A 11 -9.32 -14.18 6.42
CA SER A 11 -8.42 -14.44 5.30
C SER A 11 -7.08 -13.68 5.47
N PRO A 12 -5.95 -14.32 5.13
CA PRO A 12 -4.59 -13.73 5.29
C PRO A 12 -4.49 -12.26 4.85
N ASP A 13 -3.80 -11.46 5.67
CA ASP A 13 -3.69 -10.01 5.43
C ASP A 13 -2.59 -9.68 4.40
N THR A 14 -1.43 -10.30 4.53
CA THR A 14 -0.30 -10.07 3.60
C THR A 14 -0.40 -10.94 2.35
N ARG A 15 -0.95 -12.14 2.50
CA ARG A 15 -1.05 -13.10 1.39
C ARG A 15 -2.48 -13.17 0.83
N GLN A 16 -2.80 -12.23 -0.05
CA GLN A 16 -4.12 -12.14 -0.70
C GLN A 16 -3.97 -11.67 -2.16
N PRO A 17 -5.03 -11.82 -3.00
CA PRO A 17 -4.99 -11.40 -4.42
C PRO A 17 -4.45 -9.97 -4.62
N LEU A 18 -3.17 -9.87 -4.99
CA LEU A 18 -2.54 -8.58 -5.29
C LEU A 18 -3.05 -8.00 -6.62
N SER A 19 -3.11 -6.68 -6.70
CA SER A 19 -3.61 -6.01 -7.92
C SER A 19 -2.87 -4.69 -8.18
N LEU A 20 -3.18 -4.04 -9.30
CA LEU A 20 -2.55 -2.77 -9.66
C LEU A 20 -3.13 -1.62 -8.81
N LEU A 21 -2.25 -0.80 -8.23
CA LEU A 21 -2.68 0.30 -7.37
C LEU A 21 -3.56 1.31 -8.11
N GLU A 22 -4.76 1.56 -7.58
CA GLU A 22 -5.67 2.55 -8.13
C GLU A 22 -5.03 3.94 -8.17
N SER A 23 -5.26 4.67 -9.26
CA SER A 23 -4.69 6.02 -9.46
C SER A 23 -4.96 6.94 -8.26
N LYS A 24 -6.16 6.84 -7.70
CA LYS A 24 -6.54 7.64 -6.54
C LYS A 24 -5.65 7.34 -5.32
N GLY A 25 -5.18 6.09 -5.22
CA GLY A 25 -4.18 5.74 -4.24
C GLY A 25 -2.79 6.21 -4.65
N LEU A 26 -2.44 5.96 -5.91
CA LEU A 26 -1.11 6.26 -6.45
C LEU A 26 -0.72 7.72 -6.21
N GLU A 27 -1.65 8.64 -6.43
CA GLU A 27 -1.41 10.07 -6.14
C GLU A 27 -1.00 10.26 -4.66
N ALA A 28 -1.74 9.63 -3.75
CA ALA A 28 -1.50 9.79 -2.31
C ALA A 28 -0.08 9.31 -1.93
N LEU A 29 0.30 8.16 -2.48
CA LEU A 29 1.65 7.62 -2.28
C LEU A 29 2.73 8.63 -2.72
N ASN A 30 2.60 9.12 -3.97
CA ASN A 30 3.58 10.08 -4.52
C ASN A 30 3.63 11.39 -3.71
N LYS A 31 2.47 11.88 -3.27
CA LYS A 31 2.43 13.09 -2.41
C LYS A 31 3.20 12.85 -1.11
N ALA A 32 2.98 11.71 -0.47
CA ALA A 32 3.70 11.35 0.76
C ALA A 32 5.21 11.20 0.51
N ILE A 33 5.56 10.70 -0.68
CA ILE A 33 6.97 10.58 -1.10
C ILE A 33 7.64 11.96 -1.20
N VAL A 34 7.03 12.86 -1.95
CA VAL A 34 7.55 14.23 -2.09
C VAL A 34 7.57 14.96 -0.74
N SER A 35 6.59 14.63 0.11
CA SER A 35 6.54 15.16 1.48
C SER A 35 7.70 14.62 2.34
N GLY A 36 8.26 13.48 1.94
CA GLY A 36 9.37 12.88 2.68
C GLY A 36 8.94 12.18 3.97
N THR A 37 7.87 11.38 3.88
CA THR A 37 7.38 10.65 5.07
C THR A 37 7.10 9.17 4.76
N VAL A 38 7.51 8.69 3.59
CA VAL A 38 7.33 7.28 3.21
C VAL A 38 8.57 6.44 3.56
N GLN A 39 8.35 5.30 4.20
CA GLN A 39 9.43 4.37 4.57
C GLN A 39 9.07 2.94 4.12
N ARG A 40 9.91 2.33 3.29
CA ARG A 40 9.65 0.96 2.84
C ARG A 40 10.17 -0.07 3.86
N ALA A 41 10.02 -1.37 3.56
CA ALA A 41 10.27 -2.44 4.54
C ALA A 41 11.70 -2.45 5.14
N ASP A 42 12.64 -1.73 4.52
CA ASP A 42 14.00 -1.60 5.07
C ASP A 42 14.04 -0.62 6.26
N GLY A 43 13.01 0.20 6.38
CA GLY A 43 13.00 1.28 7.36
C GLY A 43 13.64 2.55 6.81
N SER A 44 13.72 2.65 5.48
CA SER A 44 14.37 3.80 4.82
C SER A 44 13.35 4.68 4.10
N ILE A 45 13.59 6.00 4.12
CA ILE A 45 12.72 6.95 3.42
C ILE A 45 12.80 6.74 1.89
N GLN A 46 11.65 6.67 1.25
CA GLN A 46 11.57 6.56 -0.20
C GLN A 46 11.51 7.94 -0.85
N ASN A 47 12.64 8.40 -1.37
CA ASN A 47 12.74 9.74 -1.98
C ASN A 47 12.42 9.70 -3.48
N GLN A 48 12.20 8.50 -4.01
CA GLN A 48 11.86 8.31 -5.42
C GLN A 48 10.35 8.12 -5.62
N SER A 49 9.75 8.97 -6.46
CA SER A 49 8.31 8.89 -6.75
C SER A 49 7.98 7.70 -7.68
N LEU A 50 7.24 6.73 -7.15
CA LEU A 50 6.85 5.55 -7.95
C LEU A 50 5.69 5.88 -8.92
N HIS A 51 5.85 5.51 -10.18
CA HIS A 51 4.84 5.76 -11.21
C HIS A 51 3.81 4.62 -11.27
N GLU A 52 4.26 3.40 -10.94
CA GLU A 52 3.37 2.23 -10.87
C GLU A 52 3.58 1.48 -9.53
N ALA A 53 2.53 0.82 -9.05
CA ALA A 53 2.59 0.09 -7.78
C ALA A 53 1.53 -1.01 -7.67
N LEU A 54 1.65 -1.85 -6.66
CA LEU A 54 0.72 -2.97 -6.42
C LEU A 54 -0.05 -2.78 -5.11
N ILE A 55 -1.38 -2.87 -5.17
CA ILE A 55 -2.22 -2.71 -3.99
C ILE A 55 -2.71 -4.07 -3.46
N THR A 56 -2.61 -4.24 -2.13
CA THR A 56 -3.16 -5.43 -1.47
C THR A 56 -4.69 -5.39 -1.43
N ARG A 57 -5.33 -6.55 -1.54
CA ARG A 57 -6.81 -6.61 -1.57
C ARG A 57 -7.45 -6.00 -0.31
N ASP A 58 -6.78 -6.12 0.83
CA ASP A 58 -7.30 -5.56 2.10
C ASP A 58 -6.89 -4.07 2.26
N ARG A 59 -6.22 -3.53 1.23
CA ARG A 59 -5.76 -2.13 1.22
C ARG A 59 -4.71 -1.84 2.30
N LYS A 60 -4.04 -2.87 2.78
CA LYS A 60 -3.03 -2.71 3.84
C LYS A 60 -1.69 -2.21 3.28
N GLN A 61 -1.07 -3.01 2.41
CA GLN A 61 0.27 -2.70 1.92
C GLN A 61 0.27 -2.37 0.42
N VAL A 62 1.32 -1.67 -0.02
CA VAL A 62 1.53 -1.32 -1.42
C VAL A 62 2.98 -1.63 -1.84
N PHE A 63 3.14 -2.43 -2.89
CA PHE A 63 4.47 -2.77 -3.40
C PHE A 63 4.88 -1.86 -4.56
N ARG A 64 6.17 -1.55 -4.65
CA ARG A 64 6.67 -0.64 -5.68
C ARG A 64 6.96 -1.37 -7.01
N ILE A 65 6.48 -0.81 -8.11
CA ILE A 65 6.80 -1.32 -9.45
C ILE A 65 7.79 -0.38 -10.14
N GLU A 66 8.79 -0.94 -10.82
CA GLU A 66 9.73 -0.14 -11.61
C GLU A 66 9.96 -0.79 -12.99
N ASP A 67 10.13 0.04 -14.01
CA ASP A 67 10.34 -0.45 -15.39
C ASP A 67 9.13 -1.29 -15.87
N SER A 68 7.96 -1.03 -15.28
CA SER A 68 6.73 -1.78 -15.58
C SER A 68 6.83 -3.25 -15.13
N ILE A 69 7.82 -3.56 -14.30
CA ILE A 69 8.01 -4.92 -13.76
C ILE A 69 7.41 -5.01 -12.34
N PRO A 70 6.40 -5.89 -12.13
CA PRO A 70 5.77 -6.04 -10.80
C PRO A 70 6.71 -6.68 -9.76
N VAL A 71 7.30 -5.85 -8.91
CA VAL A 71 8.25 -6.31 -7.91
C VAL A 71 7.53 -6.82 -6.65
N LEU A 72 7.56 -8.15 -6.43
CA LEU A 72 6.90 -8.76 -5.28
C LEU A 72 7.87 -8.96 -4.10
N LEU A 73 8.98 -8.23 -4.10
CA LEU A 73 10.02 -8.39 -3.08
C LEU A 73 9.64 -7.69 -1.76
N PRO A 74 9.98 -8.30 -0.61
CA PRO A 74 9.61 -7.79 0.73
C PRO A 74 10.02 -6.32 0.99
N GLU A 75 11.21 -5.93 0.53
CA GLU A 75 11.71 -4.56 0.75
C GLU A 75 10.77 -3.50 0.17
N GLU A 76 10.04 -3.86 -0.88
CA GLU A 76 9.19 -2.92 -1.63
C GLU A 76 7.83 -2.70 -0.94
N ALA A 77 7.68 -3.16 0.30
CA ALA A 77 6.39 -3.07 1.00
C ALA A 77 6.21 -1.74 1.76
N ILE A 78 5.34 -0.87 1.24
CA ILE A 78 4.95 0.37 1.94
C ILE A 78 3.54 0.23 2.54
N ALA A 79 3.40 0.48 3.84
CA ALA A 79 2.10 0.37 4.51
C ALA A 79 1.22 1.63 4.31
N THR A 80 -0.03 1.43 3.88
CA THR A 80 -0.98 2.53 3.67
C THR A 80 -1.28 3.30 4.96
N ILE A 81 -1.27 2.59 6.09
CA ILE A 81 -1.52 3.20 7.40
C ILE A 81 -0.46 4.26 7.73
N GLN A 82 0.66 4.22 7.01
CA GLN A 82 1.75 5.20 7.16
C GLN A 82 1.47 6.49 6.37
N ILE A 83 0.64 6.39 5.33
CA ILE A 83 0.35 7.53 4.45
C ILE A 83 -0.59 8.55 5.13
N ALA A 84 -0.01 9.69 5.53
CA ALA A 84 -0.75 10.73 6.28
C ALA A 84 -2.01 11.22 5.55
N ASN A 85 -1.91 11.43 4.25
CA ASN A 85 -2.99 12.05 3.47
C ASN A 85 -3.94 11.00 2.85
N PHE A 86 -3.89 9.76 3.34
CA PHE A 86 -4.75 8.69 2.82
C PHE A 86 -6.23 8.92 3.20
N PRO A 87 -7.13 8.92 2.20
CA PRO A 87 -8.58 9.20 2.42
C PRO A 87 -9.29 8.18 3.33
N ASP A 88 -10.51 8.53 3.76
CA ASP A 88 -11.32 7.67 4.63
C ASP A 88 -11.74 6.36 3.93
N LYS A 89 -11.84 5.29 4.72
CA LYS A 89 -12.19 3.96 4.19
C LYS A 89 -13.71 3.75 4.19
N LEU A 90 -14.44 4.83 3.97
CA LEU A 90 -15.91 4.80 3.98
C LEU A 90 -16.48 4.33 2.63
N GLU A 91 -16.67 3.02 2.49
CA GLU A 91 -17.26 2.45 1.27
C GLU A 91 -18.78 2.27 1.41
N HIS A 92 -19.53 3.30 1.06
CA HIS A 92 -21.00 3.28 1.19
C HIS A 92 -21.65 2.33 0.15
N HIS A 93 -21.70 1.05 0.48
CA HIS A 93 -22.30 0.03 -0.41
C HIS A 93 -23.81 -0.11 -0.19
N HIS A 94 -24.20 -0.52 1.02
CA HIS A 94 -25.62 -0.82 1.32
C HIS A 94 -26.06 -0.26 2.67
N HIS A 95 -27.27 0.29 2.71
CA HIS A 95 -27.87 0.81 3.94
C HIS A 95 -29.37 1.05 3.74
N HIS A 96 -30.20 0.35 4.52
CA HIS A 96 -31.65 0.43 4.39
C HIS A 96 -32.17 1.87 4.57
N HIS A 97 -33.19 2.23 3.79
CA HIS A 97 -33.83 3.57 3.88
C HIS A 97 -35.23 3.58 3.21
N MET A 1 8.13 -18.36 -0.59
CA MET A 1 9.45 -18.76 -0.02
C MET A 1 10.34 -19.46 -1.05
N ASP A 2 9.98 -20.69 -1.43
CA ASP A 2 10.79 -21.47 -2.37
C ASP A 2 10.60 -21.00 -3.82
N ARG A 3 11.33 -19.95 -4.21
CA ARG A 3 11.18 -19.36 -5.55
C ARG A 3 11.48 -20.37 -6.67
N LYS A 4 12.45 -21.25 -6.44
CA LYS A 4 12.80 -22.28 -7.43
C LYS A 4 11.60 -23.18 -7.75
N LEU A 5 10.76 -23.45 -6.75
CA LEU A 5 9.55 -24.24 -6.94
C LEU A 5 8.39 -23.37 -7.44
N LEU A 6 8.31 -22.13 -6.94
CA LEU A 6 7.26 -21.19 -7.35
C LEU A 6 7.30 -20.91 -8.86
N HIS A 7 8.50 -20.66 -9.39
CA HIS A 7 8.64 -20.34 -10.81
C HIS A 7 8.43 -21.59 -11.71
N LEU A 8 8.18 -22.75 -11.09
CA LEU A 8 7.79 -23.96 -11.83
C LEU A 8 6.26 -24.04 -11.97
N LEU A 9 5.56 -23.18 -11.24
CA LEU A 9 4.08 -23.10 -11.30
C LEU A 9 3.66 -21.65 -11.61
N CYS A 10 3.19 -21.42 -12.83
CA CYS A 10 2.90 -20.05 -13.30
C CYS A 10 1.39 -19.75 -13.33
N SER A 11 1.03 -18.51 -13.02
CA SER A 11 -0.36 -18.03 -13.15
C SER A 11 -0.41 -16.77 -14.01
N PRO A 12 -1.44 -16.62 -14.87
CA PRO A 12 -1.59 -15.44 -15.74
C PRO A 12 -1.76 -14.13 -14.95
N ASP A 13 -1.46 -13.00 -15.60
CA ASP A 13 -1.56 -11.68 -14.96
C ASP A 13 -2.98 -11.37 -14.46
N THR A 14 -3.95 -12.18 -14.91
CA THR A 14 -5.35 -12.02 -14.51
C THR A 14 -5.60 -12.50 -13.07
N ARG A 15 -4.72 -13.37 -12.57
CA ARG A 15 -4.89 -13.93 -11.22
C ARG A 15 -3.56 -13.94 -10.43
N GLN A 16 -3.36 -12.91 -9.60
CA GLN A 16 -2.16 -12.79 -8.76
C GLN A 16 -2.53 -12.30 -7.34
N PRO A 17 -1.67 -12.54 -6.33
CA PRO A 17 -1.95 -12.10 -4.94
C PRO A 17 -2.02 -10.57 -4.78
N LEU A 18 -1.39 -9.84 -5.71
CA LEU A 18 -1.38 -8.38 -5.67
C LEU A 18 -2.07 -7.77 -6.92
N SER A 19 -2.57 -6.55 -6.77
CA SER A 19 -3.25 -5.85 -7.87
C SER A 19 -2.48 -4.58 -8.28
N LEU A 20 -2.86 -3.97 -9.41
CA LEU A 20 -2.25 -2.71 -9.84
C LEU A 20 -2.80 -1.54 -9.01
N LEU A 21 -1.92 -0.72 -8.45
CA LEU A 21 -2.33 0.39 -7.59
C LEU A 21 -3.17 1.42 -8.37
N GLU A 22 -4.46 1.50 -8.05
CA GLU A 22 -5.38 2.46 -8.68
C GLU A 22 -4.85 3.90 -8.57
N SER A 23 -4.87 4.62 -9.69
CA SER A 23 -4.32 5.99 -9.75
C SER A 23 -4.90 6.91 -8.66
N LYS A 24 -6.20 6.76 -8.39
CA LYS A 24 -6.87 7.55 -7.36
C LYS A 24 -6.19 7.37 -5.98
N GLY A 25 -5.79 6.13 -5.69
CA GLY A 25 -4.99 5.86 -4.49
C GLY A 25 -3.52 6.25 -4.67
N LEU A 26 -3.01 6.07 -5.89
CA LEU A 26 -1.60 6.34 -6.20
C LEU A 26 -1.15 7.75 -5.80
N GLU A 27 -2.01 8.74 -6.00
CA GLU A 27 -1.67 10.13 -5.64
C GLU A 27 -1.34 10.24 -4.14
N ALA A 28 -2.03 9.46 -3.30
CA ALA A 28 -1.78 9.46 -1.86
C ALA A 28 -0.32 9.07 -1.56
N LEU A 29 0.18 8.07 -2.29
CA LEU A 29 1.58 7.65 -2.19
C LEU A 29 2.52 8.79 -2.59
N ASN A 30 2.31 9.34 -3.78
CA ASN A 30 3.15 10.43 -4.30
C ASN A 30 3.15 11.66 -3.39
N LYS A 31 1.96 12.11 -2.99
CA LYS A 31 1.84 13.27 -2.08
C LYS A 31 2.62 13.04 -0.78
N ALA A 32 2.54 11.83 -0.24
CA ALA A 32 3.28 11.47 0.97
C ALA A 32 4.79 11.38 0.71
N ILE A 33 5.16 10.92 -0.48
CA ILE A 33 6.57 10.88 -0.90
C ILE A 33 7.17 12.30 -0.99
N VAL A 34 6.44 13.21 -1.63
CA VAL A 34 6.86 14.61 -1.72
C VAL A 34 7.00 15.22 -0.31
N SER A 35 6.15 14.77 0.60
CA SER A 35 6.22 15.19 2.01
C SER A 35 7.38 14.49 2.76
N GLY A 36 7.78 13.31 2.27
CA GLY A 36 8.90 12.59 2.88
C GLY A 36 8.53 11.78 4.11
N THR A 37 7.30 11.25 4.14
CA THR A 37 6.81 10.47 5.30
C THR A 37 6.64 8.98 4.96
N VAL A 38 7.10 8.57 3.78
CA VAL A 38 6.93 7.18 3.32
C VAL A 38 8.16 6.32 3.64
N GLN A 39 7.97 5.30 4.49
CA GLN A 39 9.04 4.36 4.85
C GLN A 39 8.79 2.97 4.23
N ARG A 40 9.81 2.39 3.60
CA ARG A 40 9.71 1.02 3.07
C ARG A 40 10.05 -0.01 4.15
N ALA A 41 9.74 -1.28 3.87
CA ALA A 41 9.91 -2.37 4.86
C ALA A 41 11.31 -2.37 5.50
N ASP A 42 12.35 -2.16 4.70
CA ASP A 42 13.73 -2.12 5.19
C ASP A 42 13.93 -1.10 6.33
N GLY A 43 13.07 -0.08 6.38
CA GLY A 43 13.18 0.96 7.39
C GLY A 43 13.76 2.27 6.86
N SER A 44 13.90 2.36 5.52
CA SER A 44 14.46 3.56 4.87
C SER A 44 13.35 4.45 4.28
N ILE A 45 13.68 5.72 4.09
CA ILE A 45 12.72 6.70 3.52
C ILE A 45 12.66 6.59 2.00
N GLN A 46 11.46 6.83 1.44
CA GLN A 46 11.26 6.81 0.00
C GLN A 46 10.88 8.22 -0.52
N ASN A 47 11.88 8.97 -0.98
CA ASN A 47 11.69 10.34 -1.47
C ASN A 47 11.77 10.42 -3.00
N GLN A 48 11.20 9.42 -3.68
CA GLN A 48 11.17 9.40 -5.16
C GLN A 48 9.76 9.11 -5.68
N SER A 49 9.18 10.07 -6.41
CA SER A 49 7.82 9.93 -6.95
C SER A 49 7.76 8.92 -8.11
N LEU A 50 7.10 7.79 -7.87
CA LEU A 50 6.97 6.74 -8.90
C LEU A 50 5.66 6.87 -9.69
N HIS A 51 5.52 6.05 -10.75
CA HIS A 51 4.34 6.09 -11.60
C HIS A 51 3.57 4.76 -11.59
N GLU A 52 4.29 3.64 -11.44
CA GLU A 52 3.66 2.31 -11.33
C GLU A 52 3.97 1.66 -9.97
N ALA A 53 2.96 1.01 -9.39
CA ALA A 53 3.10 0.32 -8.10
C ALA A 53 2.02 -0.74 -7.90
N LEU A 54 2.21 -1.63 -6.93
CA LEU A 54 1.25 -2.70 -6.63
C LEU A 54 0.51 -2.41 -5.32
N ILE A 55 -0.75 -2.84 -5.25
CA ILE A 55 -1.55 -2.70 -4.03
C ILE A 55 -2.08 -4.06 -3.55
N THR A 56 -1.93 -4.32 -2.26
CA THR A 56 -2.55 -5.50 -1.64
C THR A 56 -4.08 -5.46 -1.80
N ARG A 57 -4.70 -6.61 -2.01
CA ARG A 57 -6.16 -6.68 -2.17
C ARG A 57 -6.88 -6.06 -0.95
N ASP A 58 -6.29 -6.22 0.23
CA ASP A 58 -6.84 -5.69 1.48
C ASP A 58 -6.52 -4.19 1.66
N ARG A 59 -5.71 -3.65 0.73
CA ARG A 59 -5.41 -2.21 0.66
C ARG A 59 -4.59 -1.73 1.88
N LYS A 60 -3.73 -2.61 2.42
CA LYS A 60 -2.97 -2.28 3.64
C LYS A 60 -1.46 -2.08 3.37
N GLN A 61 -0.92 -2.76 2.34
CA GLN A 61 0.48 -2.55 1.93
C GLN A 61 0.59 -2.26 0.42
N VAL A 62 1.60 -1.48 0.05
CA VAL A 62 1.82 -1.07 -1.34
C VAL A 62 3.24 -1.46 -1.83
N PHE A 63 3.31 -2.34 -2.83
CA PHE A 63 4.60 -2.79 -3.39
C PHE A 63 4.98 -1.95 -4.63
N ARG A 64 6.13 -2.24 -5.23
CA ARG A 64 6.62 -1.47 -6.39
C ARG A 64 6.63 -2.29 -7.69
N ILE A 65 6.94 -1.61 -8.79
CA ILE A 65 7.00 -2.24 -10.13
C ILE A 65 8.20 -1.70 -10.92
N GLU A 66 8.95 -2.62 -11.55
CA GLU A 66 10.07 -2.24 -12.41
C GLU A 66 10.07 -3.12 -13.68
N ASP A 67 10.45 -2.54 -14.81
CA ASP A 67 10.45 -3.25 -16.10
C ASP A 67 9.02 -3.76 -16.44
N SER A 68 8.01 -3.09 -15.87
CA SER A 68 6.59 -3.51 -16.01
C SER A 68 6.33 -4.88 -15.36
N ILE A 69 7.28 -5.35 -14.56
CA ILE A 69 7.15 -6.61 -13.84
C ILE A 69 6.77 -6.37 -12.36
N PRO A 70 5.70 -7.04 -11.87
CA PRO A 70 5.23 -6.87 -10.48
C PRO A 70 6.24 -7.37 -9.44
N VAL A 71 6.83 -6.45 -8.68
CA VAL A 71 7.79 -6.81 -7.65
C VAL A 71 7.07 -7.32 -6.39
N LEU A 72 7.06 -8.65 -6.23
CA LEU A 72 6.36 -9.29 -5.10
C LEU A 72 7.24 -9.38 -3.85
N LEU A 73 8.37 -8.68 -3.84
CA LEU A 73 9.30 -8.71 -2.71
C LEU A 73 8.82 -7.84 -1.54
N PRO A 74 8.76 -8.40 -0.32
CA PRO A 74 8.26 -7.69 0.88
C PRO A 74 9.07 -6.42 1.20
N GLU A 75 10.31 -6.36 0.74
CA GLU A 75 11.17 -5.20 0.96
C GLU A 75 10.60 -3.93 0.27
N GLU A 76 9.98 -4.12 -0.90
CA GLU A 76 9.32 -3.02 -1.62
C GLU A 76 7.92 -2.71 -1.05
N ALA A 77 7.56 -3.34 0.08
CA ALA A 77 6.24 -3.16 0.68
C ALA A 77 6.19 -1.98 1.67
N ILE A 78 5.43 -0.95 1.32
CA ILE A 78 5.20 0.20 2.20
C ILE A 78 3.82 0.10 2.88
N ALA A 79 3.77 0.32 4.19
CA ALA A 79 2.49 0.30 4.91
C ALA A 79 1.72 1.62 4.73
N THR A 80 0.40 1.52 4.56
CA THR A 80 -0.44 2.72 4.34
C THR A 80 -0.38 3.69 5.52
N ILE A 81 0.00 3.19 6.70
CA ILE A 81 0.12 4.03 7.91
C ILE A 81 1.16 5.14 7.73
N GLN A 82 2.07 4.97 6.77
CA GLN A 82 3.10 5.98 6.48
C GLN A 82 2.53 7.17 5.68
N ILE A 83 1.37 6.98 5.07
CA ILE A 83 0.76 8.01 4.24
C ILE A 83 0.01 9.04 5.10
N ALA A 84 0.69 10.13 5.44
CA ALA A 84 0.14 11.18 6.31
C ALA A 84 -1.06 11.93 5.66
N ASN A 85 -1.45 11.53 4.46
CA ASN A 85 -2.59 12.15 3.76
C ASN A 85 -3.64 11.10 3.34
N PHE A 86 -3.50 9.88 3.86
CA PHE A 86 -4.42 8.77 3.52
C PHE A 86 -5.88 9.13 3.91
N PRO A 87 -6.80 9.20 2.92
CA PRO A 87 -8.17 9.67 3.14
C PRO A 87 -9.03 8.78 4.06
N ASP A 88 -9.00 9.07 5.36
CA ASP A 88 -9.87 8.42 6.35
C ASP A 88 -10.63 9.49 7.16
N LYS A 89 -11.34 9.07 8.21
CA LYS A 89 -12.02 10.00 9.11
C LYS A 89 -11.25 10.19 10.42
N LEU A 90 -10.93 11.44 10.72
CA LEU A 90 -10.14 11.80 11.91
C LEU A 90 -10.22 13.31 12.17
N GLU A 91 -10.08 13.72 13.42
CA GLU A 91 -10.16 15.15 13.78
C GLU A 91 -8.85 15.67 14.40
N HIS A 92 -8.83 16.97 14.68
CA HIS A 92 -7.70 17.60 15.36
C HIS A 92 -8.10 19.01 15.84
N HIS A 93 -8.93 19.06 16.88
CA HIS A 93 -9.47 20.33 17.39
C HIS A 93 -8.36 21.24 17.97
N HIS A 94 -7.43 20.64 18.72
CA HIS A 94 -6.31 21.40 19.29
C HIS A 94 -5.10 21.36 18.36
N HIS A 95 -4.74 22.54 17.84
CA HIS A 95 -3.62 22.67 16.88
C HIS A 95 -3.98 22.11 15.49
N HIS A 96 -4.42 22.99 14.60
CA HIS A 96 -4.72 22.60 13.21
C HIS A 96 -4.39 23.75 12.25
N HIS A 97 -4.16 23.42 10.98
CA HIS A 97 -3.83 24.44 9.97
C HIS A 97 -5.04 25.37 9.67
N MET A 1 -22.27 -2.47 12.72
CA MET A 1 -21.18 -3.43 12.38
C MET A 1 -19.81 -2.87 12.76
N ASP A 2 -19.27 -3.38 13.87
CA ASP A 2 -18.02 -2.85 14.44
C ASP A 2 -16.80 -3.11 13.53
N ARG A 3 -15.81 -2.22 13.63
CA ARG A 3 -14.53 -2.41 12.92
C ARG A 3 -13.37 -2.55 13.93
N LYS A 4 -13.47 -1.85 15.06
CA LYS A 4 -12.46 -1.92 16.12
C LYS A 4 -12.39 -3.33 16.74
N LEU A 5 -13.56 -3.93 16.99
CA LEU A 5 -13.62 -5.30 17.49
C LEU A 5 -13.08 -6.30 16.46
N LEU A 6 -13.60 -6.22 15.24
CA LEU A 6 -13.20 -7.13 14.15
C LEU A 6 -11.92 -6.63 13.44
N HIS A 7 -11.00 -6.04 14.19
CA HIS A 7 -9.77 -5.44 13.64
C HIS A 7 -8.76 -6.50 13.15
N LEU A 8 -9.04 -7.77 13.44
CA LEU A 8 -8.14 -8.86 13.04
C LEU A 8 -8.18 -9.07 11.52
N LEU A 9 -7.23 -8.48 10.81
CA LEU A 9 -7.16 -8.58 9.34
C LEU A 9 -5.80 -9.11 8.90
N CYS A 10 -5.80 -10.18 8.11
CA CYS A 10 -4.58 -10.77 7.59
C CYS A 10 -4.80 -11.37 6.19
N SER A 11 -3.83 -11.19 5.30
CA SER A 11 -3.92 -11.75 3.94
C SER A 11 -3.63 -13.25 3.95
N PRO A 12 -4.30 -14.02 3.07
CA PRO A 12 -4.08 -15.47 2.93
C PRO A 12 -2.59 -15.84 2.83
N ASP A 13 -2.19 -16.89 3.55
CA ASP A 13 -0.78 -17.28 3.66
C ASP A 13 -0.15 -17.65 2.30
N THR A 14 -0.84 -18.45 1.50
CA THR A 14 -0.32 -18.88 0.19
C THR A 14 -0.98 -18.14 -0.98
N ARG A 15 -2.26 -17.81 -0.84
CA ARG A 15 -3.02 -17.16 -1.91
C ARG A 15 -3.19 -15.66 -1.66
N GLN A 16 -2.07 -14.95 -1.63
CA GLN A 16 -2.05 -13.50 -1.41
C GLN A 16 -2.71 -12.73 -2.57
N PRO A 17 -3.85 -12.05 -2.31
CA PRO A 17 -4.59 -11.32 -3.35
C PRO A 17 -4.12 -9.88 -3.54
N LEU A 18 -3.57 -9.59 -4.72
CA LEU A 18 -3.11 -8.23 -5.07
C LEU A 18 -4.03 -7.58 -6.11
N SER A 19 -3.89 -6.27 -6.28
CA SER A 19 -4.66 -5.52 -7.28
C SER A 19 -3.86 -4.32 -7.80
N LEU A 20 -4.27 -3.77 -8.94
CA LEU A 20 -3.61 -2.59 -9.51
C LEU A 20 -4.08 -1.32 -8.79
N LEU A 21 -3.15 -0.59 -8.17
CA LEU A 21 -3.50 0.63 -7.42
C LEU A 21 -3.90 1.77 -8.37
N GLU A 22 -5.14 2.23 -8.26
CA GLU A 22 -5.65 3.31 -9.11
C GLU A 22 -4.87 4.61 -8.86
N SER A 23 -4.65 5.40 -9.92
CA SER A 23 -3.85 6.63 -9.84
C SER A 23 -4.35 7.60 -8.75
N LYS A 24 -5.62 7.45 -8.36
CA LYS A 24 -6.21 8.29 -7.32
C LYS A 24 -5.69 7.90 -5.92
N GLY A 25 -5.51 6.61 -5.69
CA GLY A 25 -4.81 6.15 -4.49
C GLY A 25 -3.30 6.35 -4.61
N LEU A 26 -2.77 5.95 -5.78
CA LEU A 26 -1.33 6.01 -6.08
C LEU A 26 -0.75 7.42 -5.88
N GLU A 27 -1.53 8.46 -6.23
CA GLU A 27 -1.08 9.84 -6.04
C GLU A 27 -0.75 10.10 -4.57
N ALA A 28 -1.58 9.58 -3.65
CA ALA A 28 -1.38 9.76 -2.22
C ALA A 28 0.00 9.24 -1.78
N LEU A 29 0.41 8.13 -2.36
CA LEU A 29 1.76 7.58 -2.14
C LEU A 29 2.82 8.59 -2.58
N ASN A 30 2.68 9.10 -3.81
CA ASN A 30 3.62 10.09 -4.35
C ASN A 30 3.66 11.38 -3.50
N LYS A 31 2.49 11.85 -3.04
CA LYS A 31 2.43 13.01 -2.13
C LYS A 31 3.13 12.71 -0.80
N ALA A 32 2.99 11.48 -0.32
CA ALA A 32 3.70 11.04 0.90
C ALA A 32 5.21 10.95 0.65
N ILE A 33 5.58 10.60 -0.59
CA ILE A 33 6.98 10.57 -1.02
C ILE A 33 7.59 11.99 -1.00
N VAL A 34 6.87 12.94 -1.61
CA VAL A 34 7.30 14.34 -1.62
C VAL A 34 7.35 14.90 -0.19
N SER A 35 6.38 14.49 0.61
CA SER A 35 6.32 14.86 2.04
C SER A 35 7.45 14.19 2.83
N GLY A 36 8.00 13.10 2.29
CA GLY A 36 9.10 12.41 2.94
C GLY A 36 8.67 11.60 4.17
N THR A 37 7.52 10.93 4.09
CA THR A 37 7.02 10.12 5.20
C THR A 37 6.90 8.63 4.83
N VAL A 38 7.19 8.29 3.57
CA VAL A 38 7.12 6.89 3.12
C VAL A 38 8.31 6.08 3.65
N GLN A 39 8.08 5.36 4.75
CA GLN A 39 9.12 4.52 5.35
C GLN A 39 9.15 3.12 4.72
N ARG A 40 10.19 2.87 3.91
CA ARG A 40 10.42 1.54 3.33
C ARG A 40 10.66 0.50 4.43
N ALA A 41 10.44 -0.78 4.12
CA ALA A 41 10.67 -1.87 5.10
C ALA A 41 12.08 -1.79 5.72
N ASP A 42 13.06 -1.34 4.94
CA ASP A 42 14.44 -1.18 5.41
C ASP A 42 14.58 -0.07 6.49
N GLY A 43 13.49 0.63 6.78
CA GLY A 43 13.55 1.77 7.70
C GLY A 43 14.15 3.01 7.05
N SER A 44 13.96 3.14 5.73
CA SER A 44 14.52 4.27 4.98
C SER A 44 13.39 5.03 4.24
N ILE A 45 13.50 6.36 4.21
CA ILE A 45 12.50 7.19 3.56
C ILE A 45 12.59 7.12 2.02
N GLN A 46 11.45 6.97 1.36
CA GLN A 46 11.39 7.02 -0.11
C GLN A 46 11.13 8.44 -0.61
N ASN A 47 12.12 9.02 -1.29
CA ASN A 47 12.01 10.38 -1.84
C ASN A 47 11.86 10.34 -3.37
N GLN A 48 12.15 9.19 -3.96
CA GLN A 48 11.96 8.96 -5.40
C GLN A 48 10.53 8.49 -5.71
N SER A 49 9.87 9.18 -6.63
CA SER A 49 8.46 8.91 -6.95
C SER A 49 8.27 7.58 -7.72
N LEU A 50 7.01 7.16 -7.85
CA LEU A 50 6.67 5.93 -8.58
C LEU A 50 5.45 6.15 -9.50
N HIS A 51 5.45 5.46 -10.64
CA HIS A 51 4.45 5.69 -11.68
C HIS A 51 3.35 4.62 -11.69
N GLU A 52 3.59 3.49 -11.01
CA GLU A 52 2.65 2.37 -11.02
C GLU A 52 2.93 1.41 -9.85
N ALA A 53 1.87 0.95 -9.18
CA ALA A 53 2.04 0.11 -7.98
C ALA A 53 0.91 -0.91 -7.81
N LEU A 54 1.18 -1.93 -7.00
CA LEU A 54 0.20 -2.98 -6.68
C LEU A 54 -0.31 -2.81 -5.24
N ILE A 55 -1.63 -2.72 -5.09
CA ILE A 55 -2.23 -2.59 -3.76
C ILE A 55 -2.81 -3.94 -3.30
N THR A 56 -2.55 -4.31 -2.05
CA THR A 56 -3.17 -5.51 -1.46
C THR A 56 -4.70 -5.37 -1.45
N ARG A 57 -5.42 -6.50 -1.58
CA ARG A 57 -6.89 -6.48 -1.69
C ARG A 57 -7.56 -5.75 -0.51
N ASP A 58 -6.95 -5.82 0.66
CA ASP A 58 -7.48 -5.15 1.86
C ASP A 58 -6.80 -3.79 2.12
N ARG A 59 -5.97 -3.36 1.17
CA ARG A 59 -5.24 -2.08 1.24
C ARG A 59 -4.39 -1.96 2.52
N LYS A 60 -3.63 -3.02 2.83
CA LYS A 60 -2.69 -2.98 3.98
C LYS A 60 -1.26 -2.69 3.52
N GLN A 61 -0.74 -3.52 2.61
CA GLN A 61 0.61 -3.31 2.06
C GLN A 61 0.56 -2.89 0.58
N VAL A 62 1.61 -2.19 0.15
CA VAL A 62 1.73 -1.72 -1.25
C VAL A 62 3.06 -2.19 -1.86
N PHE A 63 3.01 -2.69 -3.10
CA PHE A 63 4.21 -3.06 -3.83
C PHE A 63 4.42 -2.13 -5.04
N ARG A 64 5.65 -2.03 -5.53
CA ARG A 64 5.98 -1.08 -6.60
C ARG A 64 6.26 -1.80 -7.92
N ILE A 65 5.65 -1.33 -9.01
CA ILE A 65 5.97 -1.84 -10.34
C ILE A 65 7.01 -0.93 -11.02
N GLU A 66 8.24 -1.43 -11.13
CA GLU A 66 9.34 -0.65 -11.71
C GLU A 66 9.48 -0.92 -13.21
N ASP A 67 9.44 0.14 -14.01
CA ASP A 67 9.48 0.04 -15.48
C ASP A 67 8.25 -0.74 -16.00
N SER A 68 8.33 -2.06 -15.90
CA SER A 68 7.22 -2.95 -16.31
C SER A 68 7.19 -4.22 -15.43
N ILE A 69 8.01 -4.23 -14.39
CA ILE A 69 8.17 -5.40 -13.53
C ILE A 69 7.53 -5.18 -12.15
N PRO A 70 6.54 -6.02 -11.75
CA PRO A 70 5.95 -5.96 -10.42
C PRO A 70 6.93 -6.41 -9.32
N VAL A 71 7.59 -5.45 -8.68
CA VAL A 71 8.59 -5.75 -7.65
C VAL A 71 7.92 -6.20 -6.34
N LEU A 72 7.78 -7.53 -6.18
CA LEU A 72 7.11 -8.10 -5.00
C LEU A 72 8.09 -8.41 -3.85
N LEU A 73 9.25 -7.75 -3.87
CA LEU A 73 10.27 -7.97 -2.83
C LEU A 73 9.77 -7.55 -1.44
N PRO A 74 10.02 -8.38 -0.41
CA PRO A 74 9.56 -8.09 0.98
C PRO A 74 10.07 -6.74 1.50
N GLU A 75 11.23 -6.30 0.99
CA GLU A 75 11.82 -5.00 1.37
C GLU A 75 11.10 -3.83 0.69
N GLU A 76 10.58 -4.07 -0.53
CA GLU A 76 9.93 -3.03 -1.33
C GLU A 76 8.54 -2.67 -0.78
N ALA A 77 7.98 -3.56 0.04
CA ALA A 77 6.63 -3.38 0.59
C ALA A 77 6.48 -2.11 1.44
N ILE A 78 5.41 -1.36 1.18
CA ILE A 78 5.08 -0.15 1.95
C ILE A 78 3.77 -0.34 2.74
N ALA A 79 3.68 0.28 3.93
CA ALA A 79 2.48 0.18 4.76
C ALA A 79 1.54 1.39 4.57
N THR A 80 0.29 1.13 4.19
CA THR A 80 -0.70 2.20 3.94
C THR A 80 -0.96 3.05 5.20
N ILE A 81 -0.96 2.39 6.36
CA ILE A 81 -1.19 3.07 7.65
C ILE A 81 -0.11 4.13 7.95
N GLN A 82 1.06 4.00 7.35
CA GLN A 82 2.14 4.99 7.50
C GLN A 82 2.02 6.12 6.45
N ILE A 83 1.00 6.07 5.61
CA ILE A 83 0.75 7.10 4.59
C ILE A 83 -0.31 8.10 5.06
N ALA A 84 0.13 9.26 5.54
CA ALA A 84 -0.76 10.29 6.11
C ALA A 84 -1.55 11.07 5.04
N ASN A 85 -1.46 10.63 3.78
CA ASN A 85 -2.17 11.30 2.67
C ASN A 85 -3.13 10.34 1.95
N PHE A 86 -3.34 9.16 2.53
CA PHE A 86 -4.15 8.11 1.89
C PHE A 86 -5.64 8.54 1.78
N PRO A 87 -6.28 8.33 0.61
CA PRO A 87 -7.69 8.68 0.39
C PRO A 87 -8.63 7.91 1.34
N ASP A 88 -9.78 8.52 1.63
CA ASP A 88 -10.70 7.98 2.63
C ASP A 88 -11.68 6.94 2.04
N LYS A 89 -11.39 5.66 2.30
CA LYS A 89 -12.33 4.57 1.99
C LYS A 89 -12.29 3.51 3.11
N LEU A 90 -13.46 3.17 3.63
CA LEU A 90 -13.54 2.26 4.78
C LEU A 90 -13.11 0.82 4.43
N GLU A 91 -12.44 0.17 5.38
CA GLU A 91 -12.00 -1.22 5.21
C GLU A 91 -13.18 -2.20 5.39
N HIS A 92 -13.21 -3.24 4.58
CA HIS A 92 -14.26 -4.26 4.68
C HIS A 92 -13.84 -5.39 5.61
N HIS A 93 -14.82 -6.09 6.18
CA HIS A 93 -14.52 -7.19 7.12
C HIS A 93 -13.91 -8.39 6.39
N HIS A 94 -12.58 -8.49 6.44
CA HIS A 94 -11.84 -9.57 5.77
C HIS A 94 -12.27 -10.95 6.29
N HIS A 95 -13.29 -11.52 5.65
CA HIS A 95 -13.80 -12.84 5.99
C HIS A 95 -12.84 -13.95 5.49
N HIS A 96 -12.67 -15.01 6.29
CA HIS A 96 -11.80 -16.13 5.90
C HIS A 96 -12.33 -16.88 4.67
N HIS A 97 -11.47 -17.67 4.03
CA HIS A 97 -11.83 -18.39 2.79
C HIS A 97 -11.94 -19.91 3.00
N MET A 1 -11.42 -19.79 16.26
CA MET A 1 -11.36 -18.34 15.89
C MET A 1 -10.03 -17.97 15.21
N ASP A 2 -9.41 -18.96 14.57
CA ASP A 2 -8.04 -18.81 14.04
C ASP A 2 -7.99 -18.05 12.70
N ARG A 3 -8.75 -16.95 12.60
CA ARG A 3 -8.76 -16.15 11.37
C ARG A 3 -7.36 -15.58 11.08
N LYS A 4 -6.57 -15.38 12.13
CA LYS A 4 -5.18 -14.93 12.00
C LYS A 4 -4.33 -15.93 11.21
N LEU A 5 -4.68 -17.22 11.31
CA LEU A 5 -3.95 -18.28 10.59
C LEU A 5 -4.60 -18.59 9.24
N LEU A 6 -5.92 -18.43 9.16
CA LEU A 6 -6.69 -18.75 7.94
C LEU A 6 -6.36 -17.84 6.75
N HIS A 7 -5.40 -16.94 6.92
CA HIS A 7 -4.93 -16.09 5.80
C HIS A 7 -4.21 -16.93 4.74
N LEU A 8 -3.90 -18.19 5.07
CA LEU A 8 -3.25 -19.12 4.15
C LEU A 8 -4.26 -19.86 3.26
N LEU A 9 -5.52 -19.40 3.27
CA LEU A 9 -6.57 -19.96 2.40
C LEU A 9 -6.17 -19.86 0.93
N CYS A 10 -6.17 -21.00 0.22
CA CYS A 10 -5.74 -21.02 -1.19
C CYS A 10 -6.85 -20.51 -2.12
N SER A 11 -6.51 -19.57 -3.00
CA SER A 11 -7.47 -18.96 -3.92
C SER A 11 -6.97 -19.01 -5.37
N PRO A 12 -7.89 -19.01 -6.35
CA PRO A 12 -7.54 -18.81 -7.77
C PRO A 12 -7.03 -17.38 -8.03
N ASP A 13 -6.34 -17.17 -9.15
CA ASP A 13 -5.76 -15.86 -9.49
C ASP A 13 -6.84 -14.77 -9.60
N THR A 14 -8.10 -15.19 -9.75
CA THR A 14 -9.25 -14.26 -9.83
C THR A 14 -9.39 -13.40 -8.57
N ARG A 15 -9.04 -13.96 -7.42
CA ARG A 15 -9.10 -13.21 -6.16
C ARG A 15 -7.84 -13.44 -5.31
N GLN A 16 -6.97 -12.44 -5.28
CA GLN A 16 -5.68 -12.52 -4.57
C GLN A 16 -5.49 -11.34 -3.61
N PRO A 17 -4.55 -11.45 -2.64
CA PRO A 17 -4.24 -10.35 -1.72
C PRO A 17 -3.48 -9.18 -2.39
N LEU A 18 -3.43 -9.18 -3.73
CA LEU A 18 -2.75 -8.12 -4.49
C LEU A 18 -3.60 -7.66 -5.70
N SER A 19 -3.45 -6.39 -6.05
CA SER A 19 -4.15 -5.82 -7.22
C SER A 19 -3.36 -4.62 -7.80
N LEU A 20 -3.69 -4.21 -9.01
CA LEU A 20 -3.07 -3.03 -9.62
C LEU A 20 -3.52 -1.75 -8.89
N LEU A 21 -2.57 -0.90 -8.49
CA LEU A 21 -2.89 0.33 -7.75
C LEU A 21 -3.61 1.36 -8.62
N GLU A 22 -4.80 1.76 -8.19
CA GLU A 22 -5.61 2.74 -8.90
C GLU A 22 -4.97 4.14 -8.86
N SER A 23 -5.03 4.86 -9.99
CA SER A 23 -4.45 6.21 -10.11
C SER A 23 -4.96 7.15 -9.00
N LYS A 24 -6.21 6.96 -8.59
CA LYS A 24 -6.81 7.74 -7.50
C LYS A 24 -5.94 7.69 -6.23
N GLY A 25 -5.61 6.47 -5.79
CA GLY A 25 -4.76 6.29 -4.61
C GLY A 25 -3.29 6.58 -4.89
N LEU A 26 -2.87 6.39 -6.14
CA LEU A 26 -1.47 6.55 -6.55
C LEU A 26 -0.88 7.92 -6.13
N GLU A 27 -1.65 8.99 -6.30
CA GLU A 27 -1.19 10.34 -5.93
C GLU A 27 -0.87 10.42 -4.42
N ALA A 28 -1.65 9.71 -3.60
CA ALA A 28 -1.44 9.70 -2.15
C ALA A 28 -0.04 9.18 -1.79
N LEU A 29 0.42 8.15 -2.50
CA LEU A 29 1.78 7.63 -2.33
C LEU A 29 2.82 8.68 -2.74
N ASN A 30 2.68 9.21 -3.96
CA ASN A 30 3.63 10.20 -4.50
C ASN A 30 3.76 11.44 -3.60
N LYS A 31 2.62 12.00 -3.17
CA LYS A 31 2.62 13.17 -2.29
C LYS A 31 3.28 12.84 -0.94
N ALA A 32 2.98 11.67 -0.39
CA ALA A 32 3.61 11.23 0.86
C ALA A 32 5.14 11.06 0.68
N ILE A 33 5.54 10.62 -0.51
CA ILE A 33 6.97 10.51 -0.86
C ILE A 33 7.63 11.90 -0.90
N VAL A 34 6.94 12.86 -1.52
CA VAL A 34 7.40 14.25 -1.55
C VAL A 34 7.49 14.82 -0.12
N SER A 35 6.56 14.41 0.73
CA SER A 35 6.56 14.79 2.14
C SER A 35 7.68 14.08 2.92
N GLY A 36 8.13 12.94 2.41
CA GLY A 36 9.17 12.17 3.08
C GLY A 36 8.65 11.35 4.26
N THR A 37 7.36 11.05 4.28
CA THR A 37 6.74 10.26 5.35
C THR A 37 6.58 8.78 4.94
N VAL A 38 7.15 8.43 3.79
CA VAL A 38 7.11 7.05 3.28
C VAL A 38 8.37 6.27 3.65
N GLN A 39 8.22 5.22 4.44
CA GLN A 39 9.33 4.32 4.77
C GLN A 39 9.19 2.99 4.02
N ARG A 40 10.33 2.47 3.58
CA ARG A 40 10.40 1.10 3.05
C ARG A 40 10.10 0.11 4.18
N ALA A 41 9.44 -1.00 3.87
CA ALA A 41 9.11 -2.00 4.90
C ALA A 41 10.35 -2.44 5.72
N ASP A 42 11.54 -2.15 5.19
CA ASP A 42 12.80 -2.46 5.88
C ASP A 42 13.16 -1.37 6.91
N GLY A 43 12.79 -0.11 6.65
CA GLY A 43 13.03 0.96 7.61
C GLY A 43 13.35 2.34 6.99
N SER A 44 14.20 2.35 5.96
CA SER A 44 14.69 3.62 5.37
C SER A 44 13.59 4.42 4.67
N ILE A 45 13.87 5.70 4.40
CA ILE A 45 12.92 6.61 3.74
C ILE A 45 12.98 6.48 2.21
N GLN A 46 11.81 6.47 1.56
CA GLN A 46 11.73 6.44 0.10
C GLN A 46 11.34 7.83 -0.46
N ASN A 47 12.30 8.48 -1.10
CA ASN A 47 12.07 9.80 -1.73
C ASN A 47 12.00 9.68 -3.26
N GLN A 48 11.74 8.46 -3.74
CA GLN A 48 11.61 8.19 -5.17
C GLN A 48 10.14 8.04 -5.57
N SER A 49 9.64 8.99 -6.36
CA SER A 49 8.21 9.00 -6.75
C SER A 49 7.88 7.88 -7.75
N LEU A 50 6.93 7.04 -7.39
CA LEU A 50 6.50 5.92 -8.25
C LEU A 50 5.15 6.22 -8.94
N HIS A 51 5.11 6.03 -10.26
CA HIS A 51 3.90 6.32 -11.05
C HIS A 51 3.17 5.05 -11.48
N GLU A 52 3.60 3.92 -10.95
CA GLU A 52 2.91 2.64 -11.17
C GLU A 52 3.23 1.66 -10.03
N ALA A 53 2.21 0.99 -9.50
CA ALA A 53 2.38 0.17 -8.31
C ALA A 53 1.27 -0.87 -8.14
N LEU A 54 1.41 -1.72 -7.12
CA LEU A 54 0.41 -2.74 -6.79
C LEU A 54 -0.14 -2.52 -5.38
N ILE A 55 -1.46 -2.52 -5.24
CA ILE A 55 -2.12 -2.33 -3.95
C ILE A 55 -2.59 -3.67 -3.37
N THR A 56 -2.30 -3.92 -2.10
CA THR A 56 -2.80 -5.12 -1.41
C THR A 56 -4.33 -5.09 -1.29
N ARG A 57 -4.94 -6.27 -1.30
CA ARG A 57 -6.41 -6.39 -1.29
C ARG A 57 -7.03 -5.67 -0.06
N ASP A 58 -6.33 -5.71 1.07
CA ASP A 58 -6.80 -5.07 2.30
C ASP A 58 -6.30 -3.62 2.44
N ARG A 59 -5.54 -3.15 1.45
CA ARG A 59 -4.94 -1.80 1.49
C ARG A 59 -3.99 -1.65 2.70
N LYS A 60 -3.23 -2.70 2.99
CA LYS A 60 -2.27 -2.69 4.11
C LYS A 60 -0.85 -2.34 3.63
N GLN A 61 -0.45 -2.89 2.50
CA GLN A 61 0.87 -2.61 1.91
C GLN A 61 0.75 -2.21 0.43
N VAL A 62 1.77 -1.53 -0.09
CA VAL A 62 1.82 -1.15 -1.51
C VAL A 62 3.15 -1.55 -2.15
N PHE A 63 3.10 -2.36 -3.20
CA PHE A 63 4.32 -2.78 -3.90
C PHE A 63 4.58 -1.89 -5.13
N ARG A 64 5.79 -1.92 -5.66
CA ARG A 64 6.21 -1.00 -6.73
C ARG A 64 6.53 -1.75 -8.04
N ILE A 65 6.21 -1.13 -9.18
CA ILE A 65 6.51 -1.72 -10.49
C ILE A 65 7.55 -0.88 -11.24
N GLU A 66 8.55 -1.54 -11.83
CA GLU A 66 9.57 -0.86 -12.62
C GLU A 66 9.74 -1.51 -14.00
N ASP A 67 9.67 -0.68 -15.06
CA ASP A 67 9.78 -1.13 -16.46
C ASP A 67 8.54 -1.92 -16.92
N SER A 68 8.16 -2.91 -16.12
CA SER A 68 7.11 -3.88 -16.47
C SER A 68 7.05 -4.96 -15.39
N ILE A 69 8.17 -5.16 -14.69
CA ILE A 69 8.28 -6.18 -13.64
C ILE A 69 7.57 -5.73 -12.34
N PRO A 70 6.59 -6.52 -11.86
CA PRO A 70 5.94 -6.26 -10.57
C PRO A 70 6.82 -6.73 -9.39
N VAL A 71 7.53 -5.80 -8.76
CA VAL A 71 8.46 -6.14 -7.68
C VAL A 71 7.71 -6.41 -6.36
N LEU A 72 7.57 -7.68 -6.01
CA LEU A 72 6.84 -8.10 -4.81
C LEU A 72 7.78 -8.35 -3.63
N LEU A 73 8.95 -7.72 -3.64
CA LEU A 73 9.91 -7.86 -2.53
C LEU A 73 9.41 -7.13 -1.28
N PRO A 74 9.58 -7.73 -0.08
CA PRO A 74 9.15 -7.11 1.19
C PRO A 74 9.72 -5.69 1.37
N GLU A 75 11.03 -5.53 1.09
CA GLU A 75 11.68 -4.21 1.19
C GLU A 75 11.10 -3.19 0.21
N GLU A 76 10.43 -3.68 -0.83
CA GLU A 76 9.82 -2.84 -1.87
C GLU A 76 8.42 -2.34 -1.44
N ALA A 77 7.88 -2.96 -0.38
CA ALA A 77 6.53 -2.67 0.08
C ALA A 77 6.45 -1.40 0.96
N ILE A 78 5.64 -0.44 0.52
CA ILE A 78 5.33 0.75 1.31
C ILE A 78 4.16 0.47 2.27
N ALA A 79 4.33 0.83 3.55
CA ALA A 79 3.28 0.62 4.55
C ALA A 79 2.21 1.73 4.51
N THR A 80 0.97 1.37 4.18
CA THR A 80 -0.13 2.35 4.10
C THR A 80 -0.38 3.04 5.44
N ILE A 81 0.03 2.40 6.53
CA ILE A 81 -0.15 2.95 7.87
C ILE A 81 0.59 4.29 8.03
N GLN A 82 1.56 4.55 7.16
CA GLN A 82 2.34 5.79 7.22
C GLN A 82 1.79 6.86 6.25
N ILE A 83 0.94 6.44 5.32
CA ILE A 83 0.41 7.34 4.30
C ILE A 83 -0.70 8.25 4.85
N ALA A 84 -0.33 9.45 5.29
CA ALA A 84 -1.29 10.41 5.84
C ALA A 84 -2.34 10.86 4.80
N ASN A 85 -2.03 10.64 3.52
CA ASN A 85 -2.95 11.03 2.43
C ASN A 85 -3.93 9.90 2.07
N PHE A 86 -3.94 8.84 2.88
CA PHE A 86 -4.82 7.68 2.62
C PHE A 86 -6.30 8.10 2.77
N PRO A 87 -7.20 7.61 1.89
CA PRO A 87 -8.61 8.06 1.82
C PRO A 87 -9.42 7.81 3.12
N ASP A 88 -10.61 8.41 3.16
CA ASP A 88 -11.51 8.31 4.32
C ASP A 88 -12.34 7.02 4.29
N LYS A 89 -12.79 6.58 5.47
CA LYS A 89 -13.62 5.38 5.60
C LYS A 89 -14.24 5.29 7.01
N LEU A 90 -15.17 4.35 7.19
CA LEU A 90 -15.82 4.11 8.49
C LEU A 90 -15.36 2.77 9.08
N GLU A 91 -14.93 2.78 10.34
CA GLU A 91 -14.41 1.57 10.99
C GLU A 91 -14.98 1.39 12.42
N HIS A 92 -15.93 0.48 12.55
CA HIS A 92 -16.53 0.15 13.85
C HIS A 92 -15.94 -1.13 14.44
N HIS A 93 -14.79 -1.02 15.10
CA HIS A 93 -14.09 -2.18 15.70
C HIS A 93 -12.96 -1.71 16.62
N HIS A 94 -12.66 -2.51 17.65
CA HIS A 94 -11.58 -2.17 18.61
C HIS A 94 -10.72 -3.40 18.91
N HIS A 95 -9.69 -3.21 19.74
CA HIS A 95 -8.77 -4.29 20.15
C HIS A 95 -7.81 -4.70 19.00
N HIS A 96 -8.27 -4.54 17.76
CA HIS A 96 -7.40 -4.72 16.58
C HIS A 96 -6.24 -3.70 16.63
N HIS A 97 -6.57 -2.49 17.07
CA HIS A 97 -5.58 -1.45 17.39
C HIS A 97 -6.08 -0.57 18.55
#